data_5QRX
# 
_entry.id   5QRX 
# 
_audit_conform.dict_name       mmcif_pdbx.dic 
_audit_conform.dict_version    5.387 
_audit_conform.dict_location   http://mmcif.pdb.org/dictionaries/ascii/mmcif_pdbx.dic 
# 
loop_
_database_2.database_id 
_database_2.database_code 
_database_2.pdbx_database_accession 
_database_2.pdbx_DOI 
PDB   5QRX         pdb_00005qrx 10.2210/pdb5qrx/pdb 
WWPDB D_1001402330 ?            ?                   
# 
loop_
_pdbx_audit_revision_history.ordinal 
_pdbx_audit_revision_history.data_content_type 
_pdbx_audit_revision_history.major_revision 
_pdbx_audit_revision_history.minor_revision 
_pdbx_audit_revision_history.revision_date 
1 'Structure model' 1 0 2019-07-10 
2 'Structure model' 1 1 2019-08-07 
3 'Structure model' 1 2 2024-03-06 
# 
_pdbx_audit_revision_details.ordinal             1 
_pdbx_audit_revision_details.revision_ordinal    1 
_pdbx_audit_revision_details.data_content_type   'Structure model' 
_pdbx_audit_revision_details.provider            repository 
_pdbx_audit_revision_details.type                'Initial release' 
_pdbx_audit_revision_details.description         ? 
_pdbx_audit_revision_details.details             ? 
# 
loop_
_pdbx_audit_revision_group.ordinal 
_pdbx_audit_revision_group.revision_ordinal 
_pdbx_audit_revision_group.data_content_type 
_pdbx_audit_revision_group.group 
1 2 'Structure model' 'Author supporting evidence' 
2 2 'Structure model' 'Data collection'            
3 2 'Structure model' 'Structure summary'          
4 3 'Structure model' 'Data collection'            
5 3 'Structure model' 'Database references'        
6 3 'Structure model' 'Derived calculations'       
# 
loop_
_pdbx_audit_revision_category.ordinal 
_pdbx_audit_revision_category.revision_ordinal 
_pdbx_audit_revision_category.data_content_type 
_pdbx_audit_revision_category.category 
1 2 'Structure model' pdbx_entity_instance_feature 
2 2 'Structure model' pdbx_entry_details           
3 3 'Structure model' chem_comp_atom               
4 3 'Structure model' chem_comp_bond               
5 3 'Structure model' database_2                   
6 3 'Structure model' pdbx_struct_conn_angle       
7 3 'Structure model' struct_conn                  
# 
loop_
_pdbx_audit_revision_item.ordinal 
_pdbx_audit_revision_item.revision_ordinal 
_pdbx_audit_revision_item.data_content_type 
_pdbx_audit_revision_item.item 
1  3 'Structure model' '_database_2.pdbx_DOI'                        
2  3 'Structure model' '_database_2.pdbx_database_accession'         
3  3 'Structure model' '_pdbx_struct_conn_angle.ptnr1_auth_comp_id'  
4  3 'Structure model' '_pdbx_struct_conn_angle.ptnr1_auth_seq_id'   
5  3 'Structure model' '_pdbx_struct_conn_angle.ptnr1_label_alt_id'  
6  3 'Structure model' '_pdbx_struct_conn_angle.ptnr1_label_asym_id' 
7  3 'Structure model' '_pdbx_struct_conn_angle.ptnr1_label_atom_id' 
8  3 'Structure model' '_pdbx_struct_conn_angle.ptnr1_label_comp_id' 
9  3 'Structure model' '_pdbx_struct_conn_angle.ptnr1_label_seq_id'  
10 3 'Structure model' '_pdbx_struct_conn_angle.ptnr1_symmetry'      
11 3 'Structure model' '_pdbx_struct_conn_angle.ptnr2_auth_seq_id'   
12 3 'Structure model' '_pdbx_struct_conn_angle.ptnr2_label_asym_id' 
13 3 'Structure model' '_pdbx_struct_conn_angle.ptnr3_auth_comp_id'  
14 3 'Structure model' '_pdbx_struct_conn_angle.ptnr3_auth_seq_id'   
15 3 'Structure model' '_pdbx_struct_conn_angle.ptnr3_label_alt_id'  
16 3 'Structure model' '_pdbx_struct_conn_angle.ptnr3_label_asym_id' 
17 3 'Structure model' '_pdbx_struct_conn_angle.ptnr3_label_atom_id' 
18 3 'Structure model' '_pdbx_struct_conn_angle.ptnr3_label_comp_id' 
19 3 'Structure model' '_pdbx_struct_conn_angle.ptnr3_label_seq_id'  
20 3 'Structure model' '_pdbx_struct_conn_angle.ptnr3_symmetry'      
21 3 'Structure model' '_pdbx_struct_conn_angle.value'               
22 3 'Structure model' '_struct_conn.pdbx_dist_value'                
23 3 'Structure model' '_struct_conn.pdbx_ptnr1_label_alt_id'        
24 3 'Structure model' '_struct_conn.ptnr1_auth_comp_id'             
25 3 'Structure model' '_struct_conn.ptnr1_auth_seq_id'              
26 3 'Structure model' '_struct_conn.ptnr1_label_asym_id'            
27 3 'Structure model' '_struct_conn.ptnr1_label_atom_id'            
28 3 'Structure model' '_struct_conn.ptnr1_label_comp_id'            
29 3 'Structure model' '_struct_conn.ptnr1_label_seq_id'             
30 3 'Structure model' '_struct_conn.ptnr2_auth_comp_id'             
31 3 'Structure model' '_struct_conn.ptnr2_auth_seq_id'              
32 3 'Structure model' '_struct_conn.ptnr2_label_asym_id'            
33 3 'Structure model' '_struct_conn.ptnr2_label_atom_id'            
34 3 'Structure model' '_struct_conn.ptnr2_label_comp_id'            
35 3 'Structure model' '_struct_conn.ptnr2_symmetry'                 
# 
_pdbx_database_status.entry_id                        5QRX 
_pdbx_database_status.status_code                     REL 
_pdbx_database_status.status_code_sf                  REL 
_pdbx_database_status.status_code_mr                  ? 
_pdbx_database_status.status_code_cs                  ? 
_pdbx_database_status.recvd_initial_deposition_date   2019-05-25 
_pdbx_database_status.deposit_site                    RCSB 
_pdbx_database_status.process_site                    RCSB 
_pdbx_database_status.SG_entry                        ? 
_pdbx_database_status.pdb_format_compatible           Y 
_pdbx_database_status.methods_development_category    ? 
_pdbx_database_status.status_code_nmr_data            ? 
# 
loop_
_audit_author.name 
_audit_author.pdbx_ordinal 
'Newman, J.A.'        1  
'Gavard, A.E.'        2  
'Fernandez-Cid, A.'   3  
'Sherestha, L.'       4  
'Burgess-Brown, N.A.' 5  
'von Delft, F.'       6  
'Arrowsmith, C.H.'    7  
'Edwards, A.'         8  
'Bountra, C.'         9  
'Gileadi, O.'         10 
# 
_citation.id                        primary 
_citation.title                     'PanDDA analysis group deposition' 
_citation.journal_abbrev            'To Be Published' 
_citation.journal_volume            ? 
_citation.page_first                ? 
_citation.page_last                 ? 
_citation.year                      ? 
_citation.journal_id_ASTM           ? 
_citation.country                   ? 
_citation.journal_id_ISSN           ? 
_citation.journal_id_CSD            0353 
_citation.book_publisher            ? 
_citation.pdbx_database_id_PubMed   ? 
_citation.pdbx_database_id_DOI      ? 
# 
loop_
_citation_author.citation_id 
_citation_author.name 
_citation_author.identifier_ORCID 
_citation_author.ordinal 
primary 'Newman, J.A.'        ? 1  
primary 'Gavard, A.E.'        ? 2  
primary 'Fernandez-Cid, A.'   ? 3  
primary 'Sherestha, L.'       ? 4  
primary 'Burgess-Brown, N.A.' ? 5  
primary 'von Delft, F.'       ? 6  
primary 'Arrowsmith, C.H.'    ? 7  
primary 'Edwards, A.'         ? 8  
primary 'Bountra, C.'         ? 9  
primary 'Gileadi, O.'         ? 10 
# 
loop_
_entity.id 
_entity.type 
_entity.src_method 
_entity.pdbx_description 
_entity.formula_weight 
_entity.pdbx_number_of_molecules 
_entity.pdbx_ec 
_entity.pdbx_mutation 
_entity.pdbx_fragment 
_entity.details 
1 polymer     man 'T-box transcription factor T'         19597.586 1  ? ? ? ? 
2 non-polymer syn 'CADMIUM ION'                          112.411   5  ? ? ? ? 
3 non-polymer syn '3-(acetylamino)-4-fluorobenzoic acid' 197.163   1  ? ? ? ? 
4 water       nat water                                  18.015    72 ? ? ? ? 
# 
_entity_name_com.entity_id   1 
_entity_name_com.name        'Brachyury protein,Protein T' 
# 
_entity_poly.entity_id                      1 
_entity_poly.type                           'polypeptide(L)' 
_entity_poly.nstd_linkage                   no 
_entity_poly.nstd_monomer                   no 
_entity_poly.pdbx_seq_one_letter_code       
;GELRVGLEESELWLRFKELTNEMIVTKNGRRMFPVLKVNVSGLDPNAMYSFLLDFVAADNHRWKYVNGEWVPGGKPEPQA
PSCVYIHPDSPNFGAHWMKAPVSFSKVKLTNKLNGGGQIMLNSLHKYEPRIHIVRVGGPQRMITSHCFPETQFIAVTAYQ
NEEITALKIKYN
;
_entity_poly.pdbx_seq_one_letter_code_can   
;GELRVGLEESELWLRFKELTNEMIVTKNGRRMFPVLKVNVSGLDPNAMYSFLLDFVAADNHRWKYVNGEWVPGGKPEPQA
PSCVYIHPDSPNFGAHWMKAPVSFSKVKLTNKLNGGGQIMLNSLHKYEPRIHIVRVGGPQRMITSHCFPETQFIAVTAYQ
NEEITALKIKYN
;
_entity_poly.pdbx_strand_id                 A 
_entity_poly.pdbx_target_identifier         ? 
# 
loop_
_pdbx_entity_nonpoly.entity_id 
_pdbx_entity_nonpoly.name 
_pdbx_entity_nonpoly.comp_id 
2 'CADMIUM ION'                          CD  
3 '3-(acetylamino)-4-fluorobenzoic acid' NZG 
4 water                                  HOH 
# 
loop_
_entity_poly_seq.entity_id 
_entity_poly_seq.num 
_entity_poly_seq.mon_id 
_entity_poly_seq.hetero 
1 1   GLY n 
1 2   GLU n 
1 3   LEU n 
1 4   ARG n 
1 5   VAL n 
1 6   GLY n 
1 7   LEU n 
1 8   GLU n 
1 9   GLU n 
1 10  SER n 
1 11  GLU n 
1 12  LEU n 
1 13  TRP n 
1 14  LEU n 
1 15  ARG n 
1 16  PHE n 
1 17  LYS n 
1 18  GLU n 
1 19  LEU n 
1 20  THR n 
1 21  ASN n 
1 22  GLU n 
1 23  MET n 
1 24  ILE n 
1 25  VAL n 
1 26  THR n 
1 27  LYS n 
1 28  ASN n 
1 29  GLY n 
1 30  ARG n 
1 31  ARG n 
1 32  MET n 
1 33  PHE n 
1 34  PRO n 
1 35  VAL n 
1 36  LEU n 
1 37  LYS n 
1 38  VAL n 
1 39  ASN n 
1 40  VAL n 
1 41  SER n 
1 42  GLY n 
1 43  LEU n 
1 44  ASP n 
1 45  PRO n 
1 46  ASN n 
1 47  ALA n 
1 48  MET n 
1 49  TYR n 
1 50  SER n 
1 51  PHE n 
1 52  LEU n 
1 53  LEU n 
1 54  ASP n 
1 55  PHE n 
1 56  VAL n 
1 57  ALA n 
1 58  ALA n 
1 59  ASP n 
1 60  ASN n 
1 61  HIS n 
1 62  ARG n 
1 63  TRP n 
1 64  LYS n 
1 65  TYR n 
1 66  VAL n 
1 67  ASN n 
1 68  GLY n 
1 69  GLU n 
1 70  TRP n 
1 71  VAL n 
1 72  PRO n 
1 73  GLY n 
1 74  GLY n 
1 75  LYS n 
1 76  PRO n 
1 77  GLU n 
1 78  PRO n 
1 79  GLN n 
1 80  ALA n 
1 81  PRO n 
1 82  SER n 
1 83  CYS n 
1 84  VAL n 
1 85  TYR n 
1 86  ILE n 
1 87  HIS n 
1 88  PRO n 
1 89  ASP n 
1 90  SER n 
1 91  PRO n 
1 92  ASN n 
1 93  PHE n 
1 94  GLY n 
1 95  ALA n 
1 96  HIS n 
1 97  TRP n 
1 98  MET n 
1 99  LYS n 
1 100 ALA n 
1 101 PRO n 
1 102 VAL n 
1 103 SER n 
1 104 PHE n 
1 105 SER n 
1 106 LYS n 
1 107 VAL n 
1 108 LYS n 
1 109 LEU n 
1 110 THR n 
1 111 ASN n 
1 112 LYS n 
1 113 LEU n 
1 114 ASN n 
1 115 GLY n 
1 116 GLY n 
1 117 GLY n 
1 118 GLN n 
1 119 ILE n 
1 120 MET n 
1 121 LEU n 
1 122 ASN n 
1 123 SER n 
1 124 LEU n 
1 125 HIS n 
1 126 LYS n 
1 127 TYR n 
1 128 GLU n 
1 129 PRO n 
1 130 ARG n 
1 131 ILE n 
1 132 HIS n 
1 133 ILE n 
1 134 VAL n 
1 135 ARG n 
1 136 VAL n 
1 137 GLY n 
1 138 GLY n 
1 139 PRO n 
1 140 GLN n 
1 141 ARG n 
1 142 MET n 
1 143 ILE n 
1 144 THR n 
1 145 SER n 
1 146 HIS n 
1 147 CYS n 
1 148 PHE n 
1 149 PRO n 
1 150 GLU n 
1 151 THR n 
1 152 GLN n 
1 153 PHE n 
1 154 ILE n 
1 155 ALA n 
1 156 VAL n 
1 157 THR n 
1 158 ALA n 
1 159 TYR n 
1 160 GLN n 
1 161 ASN n 
1 162 GLU n 
1 163 GLU n 
1 164 ILE n 
1 165 THR n 
1 166 ALA n 
1 167 LEU n 
1 168 LYS n 
1 169 ILE n 
1 170 LYS n 
1 171 TYR n 
1 172 ASN n 
# 
_entity_src_gen.entity_id                          1 
_entity_src_gen.pdbx_src_id                        1 
_entity_src_gen.pdbx_alt_source_flag               sample 
_entity_src_gen.pdbx_seq_type                      'Biological sequence' 
_entity_src_gen.pdbx_beg_seq_num                   1 
_entity_src_gen.pdbx_end_seq_num                   172 
_entity_src_gen.gene_src_common_name               Human 
_entity_src_gen.gene_src_genus                     ? 
_entity_src_gen.pdbx_gene_src_gene                 'TBXT, T' 
_entity_src_gen.gene_src_species                   ? 
_entity_src_gen.gene_src_strain                    ? 
_entity_src_gen.gene_src_tissue                    ? 
_entity_src_gen.gene_src_tissue_fraction           ? 
_entity_src_gen.gene_src_details                   ? 
_entity_src_gen.pdbx_gene_src_fragment             ? 
_entity_src_gen.pdbx_gene_src_scientific_name      'Homo sapiens' 
_entity_src_gen.pdbx_gene_src_ncbi_taxonomy_id     9606 
_entity_src_gen.pdbx_gene_src_variant              ? 
_entity_src_gen.pdbx_gene_src_cell_line            ? 
_entity_src_gen.pdbx_gene_src_atcc                 ? 
_entity_src_gen.pdbx_gene_src_organ                ? 
_entity_src_gen.pdbx_gene_src_organelle            ? 
_entity_src_gen.pdbx_gene_src_cell                 ? 
_entity_src_gen.pdbx_gene_src_cellular_location    ? 
_entity_src_gen.host_org_common_name               ? 
_entity_src_gen.pdbx_host_org_scientific_name      'Escherichia coli' 
_entity_src_gen.pdbx_host_org_ncbi_taxonomy_id     562 
_entity_src_gen.host_org_genus                     ? 
_entity_src_gen.pdbx_host_org_gene                 ? 
_entity_src_gen.pdbx_host_org_organ                ? 
_entity_src_gen.host_org_species                   ? 
_entity_src_gen.pdbx_host_org_tissue               ? 
_entity_src_gen.pdbx_host_org_tissue_fraction      ? 
_entity_src_gen.pdbx_host_org_strain               ? 
_entity_src_gen.pdbx_host_org_variant              ? 
_entity_src_gen.pdbx_host_org_cell_line            ? 
_entity_src_gen.pdbx_host_org_atcc                 ? 
_entity_src_gen.pdbx_host_org_culture_collection   ? 
_entity_src_gen.pdbx_host_org_cell                 ? 
_entity_src_gen.pdbx_host_org_organelle            ? 
_entity_src_gen.pdbx_host_org_cellular_location    ? 
_entity_src_gen.pdbx_host_org_vector_type          ? 
_entity_src_gen.pdbx_host_org_vector               ? 
_entity_src_gen.host_org_details                   ? 
_entity_src_gen.expression_system_id               ? 
_entity_src_gen.plasmid_name                       ? 
_entity_src_gen.plasmid_details                    ? 
_entity_src_gen.pdbx_description                   ? 
# 
loop_
_chem_comp.id 
_chem_comp.type 
_chem_comp.mon_nstd_flag 
_chem_comp.name 
_chem_comp.pdbx_synonyms 
_chem_comp.formula 
_chem_comp.formula_weight 
ALA 'L-peptide linking' y ALANINE                                ? 'C3 H7 N O2'     89.093  
ARG 'L-peptide linking' y ARGININE                               ? 'C6 H15 N4 O2 1' 175.209 
ASN 'L-peptide linking' y ASPARAGINE                             ? 'C4 H8 N2 O3'    132.118 
ASP 'L-peptide linking' y 'ASPARTIC ACID'                        ? 'C4 H7 N O4'     133.103 
CD  non-polymer         . 'CADMIUM ION'                          ? 'Cd 2'           112.411 
CYS 'L-peptide linking' y CYSTEINE                               ? 'C3 H7 N O2 S'   121.158 
GLN 'L-peptide linking' y GLUTAMINE                              ? 'C5 H10 N2 O3'   146.144 
GLU 'L-peptide linking' y 'GLUTAMIC ACID'                        ? 'C5 H9 N O4'     147.129 
GLY 'peptide linking'   y GLYCINE                                ? 'C2 H5 N O2'     75.067  
HIS 'L-peptide linking' y HISTIDINE                              ? 'C6 H10 N3 O2 1' 156.162 
HOH non-polymer         . WATER                                  ? 'H2 O'           18.015  
ILE 'L-peptide linking' y ISOLEUCINE                             ? 'C6 H13 N O2'    131.173 
LEU 'L-peptide linking' y LEUCINE                                ? 'C6 H13 N O2'    131.173 
LYS 'L-peptide linking' y LYSINE                                 ? 'C6 H15 N2 O2 1' 147.195 
MET 'L-peptide linking' y METHIONINE                             ? 'C5 H11 N O2 S'  149.211 
NZG non-polymer         . '3-(acetylamino)-4-fluorobenzoic acid' ? 'C9 H8 F N O3'   197.163 
PHE 'L-peptide linking' y PHENYLALANINE                          ? 'C9 H11 N O2'    165.189 
PRO 'L-peptide linking' y PROLINE                                ? 'C5 H9 N O2'     115.130 
SER 'L-peptide linking' y SERINE                                 ? 'C3 H7 N O3'     105.093 
THR 'L-peptide linking' y THREONINE                              ? 'C4 H9 N O3'     119.119 
TRP 'L-peptide linking' y TRYPTOPHAN                             ? 'C11 H12 N2 O2'  204.225 
TYR 'L-peptide linking' y TYROSINE                               ? 'C9 H11 N O3'    181.189 
VAL 'L-peptide linking' y VALINE                                 ? 'C5 H11 N O2'    117.146 
# 
loop_
_pdbx_poly_seq_scheme.asym_id 
_pdbx_poly_seq_scheme.entity_id 
_pdbx_poly_seq_scheme.seq_id 
_pdbx_poly_seq_scheme.mon_id 
_pdbx_poly_seq_scheme.ndb_seq_num 
_pdbx_poly_seq_scheme.pdb_seq_num 
_pdbx_poly_seq_scheme.auth_seq_num 
_pdbx_poly_seq_scheme.pdb_mon_id 
_pdbx_poly_seq_scheme.auth_mon_id 
_pdbx_poly_seq_scheme.pdb_strand_id 
_pdbx_poly_seq_scheme.pdb_ins_code 
_pdbx_poly_seq_scheme.hetero 
A 1 1   GLY 1   40  ?   ?   ?   A . n 
A 1 2   GLU 2   41  41  GLU GLU A . n 
A 1 3   LEU 3   42  42  LEU LEU A . n 
A 1 4   ARG 4   43  43  ARG ARG A . n 
A 1 5   VAL 5   44  44  VAL VAL A . n 
A 1 6   GLY 6   45  45  GLY GLY A . n 
A 1 7   LEU 7   46  46  LEU LEU A . n 
A 1 8   GLU 8   47  47  GLU GLU A . n 
A 1 9   GLU 9   48  48  GLU GLU A . n 
A 1 10  SER 10  49  49  SER SER A . n 
A 1 11  GLU 11  50  50  GLU GLU A . n 
A 1 12  LEU 12  51  51  LEU LEU A . n 
A 1 13  TRP 13  52  52  TRP TRP A . n 
A 1 14  LEU 14  53  53  LEU LEU A . n 
A 1 15  ARG 15  54  54  ARG ARG A . n 
A 1 16  PHE 16  55  55  PHE PHE A . n 
A 1 17  LYS 17  56  56  LYS LYS A . n 
A 1 18  GLU 18  57  57  GLU GLU A . n 
A 1 19  LEU 19  58  58  LEU LEU A . n 
A 1 20  THR 20  59  59  THR THR A . n 
A 1 21  ASN 21  60  60  ASN ASN A . n 
A 1 22  GLU 22  61  61  GLU GLU A . n 
A 1 23  MET 23  62  62  MET MET A . n 
A 1 24  ILE 24  63  63  ILE ILE A . n 
A 1 25  VAL 25  64  64  VAL VAL A . n 
A 1 26  THR 26  65  65  THR THR A . n 
A 1 27  LYS 27  66  66  LYS LYS A . n 
A 1 28  ASN 28  67  67  ASN ASN A . n 
A 1 29  GLY 29  68  68  GLY GLY A . n 
A 1 30  ARG 30  69  69  ARG ARG A . n 
A 1 31  ARG 31  70  70  ARG ARG A . n 
A 1 32  MET 32  71  71  MET MET A . n 
A 1 33  PHE 33  72  72  PHE PHE A . n 
A 1 34  PRO 34  73  73  PRO PRO A . n 
A 1 35  VAL 35  74  74  VAL VAL A . n 
A 1 36  LEU 36  75  75  LEU LEU A . n 
A 1 37  LYS 37  76  76  LYS LYS A . n 
A 1 38  VAL 38  77  77  VAL VAL A . n 
A 1 39  ASN 39  78  78  ASN ASN A . n 
A 1 40  VAL 40  79  79  VAL VAL A . n 
A 1 41  SER 41  80  80  SER SER A . n 
A 1 42  GLY 42  81  81  GLY GLY A . n 
A 1 43  LEU 43  82  82  LEU LEU A . n 
A 1 44  ASP 44  83  83  ASP ASP A . n 
A 1 45  PRO 45  84  84  PRO PRO A . n 
A 1 46  ASN 46  85  85  ASN ASN A . n 
A 1 47  ALA 47  86  86  ALA ALA A . n 
A 1 48  MET 48  87  87  MET MET A . n 
A 1 49  TYR 49  88  88  TYR TYR A . n 
A 1 50  SER 50  89  89  SER SER A . n 
A 1 51  PHE 51  90  90  PHE PHE A . n 
A 1 52  LEU 52  91  91  LEU LEU A . n 
A 1 53  LEU 53  92  92  LEU LEU A . n 
A 1 54  ASP 54  93  93  ASP ASP A . n 
A 1 55  PHE 55  94  94  PHE PHE A . n 
A 1 56  VAL 56  95  95  VAL VAL A . n 
A 1 57  ALA 57  96  96  ALA ALA A . n 
A 1 58  ALA 58  97  97  ALA ALA A . n 
A 1 59  ASP 59  98  98  ASP ASP A . n 
A 1 60  ASN 60  99  99  ASN ASN A . n 
A 1 61  HIS 61  100 100 HIS HIS A . n 
A 1 62  ARG 62  101 101 ARG ARG A . n 
A 1 63  TRP 63  102 102 TRP TRP A . n 
A 1 64  LYS 64  103 103 LYS LYS A . n 
A 1 65  TYR 65  104 104 TYR TYR A . n 
A 1 66  VAL 66  105 105 VAL VAL A . n 
A 1 67  ASN 67  106 106 ASN ASN A . n 
A 1 68  GLY 68  107 107 GLY GLY A . n 
A 1 69  GLU 69  108 108 GLU GLU A . n 
A 1 70  TRP 70  109 109 TRP TRP A . n 
A 1 71  VAL 71  110 110 VAL VAL A . n 
A 1 72  PRO 72  111 111 PRO PRO A . n 
A 1 73  GLY 73  112 112 GLY GLY A . n 
A 1 74  GLY 74  113 113 GLY GLY A . n 
A 1 75  LYS 75  114 114 LYS LYS A . n 
A 1 76  PRO 76  115 115 PRO PRO A . n 
A 1 77  GLU 77  116 116 GLU GLU A . n 
A 1 78  PRO 78  117 117 PRO PRO A . n 
A 1 79  GLN 79  118 118 GLN GLN A . n 
A 1 80  ALA 80  119 119 ALA ALA A . n 
A 1 81  PRO 81  120 120 PRO PRO A . n 
A 1 82  SER 82  121 121 SER SER A . n 
A 1 83  CYS 83  122 122 CYS CYS A . n 
A 1 84  VAL 84  123 123 VAL VAL A . n 
A 1 85  TYR 85  124 124 TYR TYR A . n 
A 1 86  ILE 86  125 125 ILE ILE A . n 
A 1 87  HIS 87  126 126 HIS HIS A . n 
A 1 88  PRO 88  127 127 PRO PRO A . n 
A 1 89  ASP 89  128 128 ASP ASP A . n 
A 1 90  SER 90  129 129 SER SER A . n 
A 1 91  PRO 91  130 130 PRO PRO A . n 
A 1 92  ASN 92  131 131 ASN ASN A . n 
A 1 93  PHE 93  132 132 PHE PHE A . n 
A 1 94  GLY 94  133 133 GLY GLY A . n 
A 1 95  ALA 95  134 134 ALA ALA A . n 
A 1 96  HIS 96  135 135 HIS HIS A . n 
A 1 97  TRP 97  136 136 TRP TRP A . n 
A 1 98  MET 98  137 137 MET MET A . n 
A 1 99  LYS 99  138 138 LYS LYS A . n 
A 1 100 ALA 100 139 139 ALA ALA A . n 
A 1 101 PRO 101 140 140 PRO PRO A . n 
A 1 102 VAL 102 141 141 VAL VAL A . n 
A 1 103 SER 103 142 142 SER SER A . n 
A 1 104 PHE 104 143 143 PHE PHE A . n 
A 1 105 SER 105 144 144 SER SER A . n 
A 1 106 LYS 106 145 145 LYS LYS A . n 
A 1 107 VAL 107 146 146 VAL VAL A . n 
A 1 108 LYS 108 147 147 LYS LYS A . n 
A 1 109 LEU 109 148 148 LEU LEU A . n 
A 1 110 THR 110 149 149 THR THR A . n 
A 1 111 ASN 111 150 150 ASN ASN A . n 
A 1 112 LYS 112 151 151 LYS LYS A . n 
A 1 113 LEU 113 152 152 LEU LEU A . n 
A 1 114 ASN 114 153 153 ASN ASN A . n 
A 1 115 GLY 115 154 154 GLY GLY A . n 
A 1 116 GLY 116 155 155 GLY GLY A . n 
A 1 117 GLY 117 156 156 GLY GLY A . n 
A 1 118 GLN 118 157 157 GLN GLN A . n 
A 1 119 ILE 119 158 158 ILE ILE A . n 
A 1 120 MET 120 159 159 MET MET A . n 
A 1 121 LEU 121 160 160 LEU LEU A . n 
A 1 122 ASN 122 161 161 ASN ASN A . n 
A 1 123 SER 123 162 162 SER SER A . n 
A 1 124 LEU 124 163 163 LEU LEU A . n 
A 1 125 HIS 125 164 164 HIS HIS A . n 
A 1 126 LYS 126 165 165 LYS LYS A . n 
A 1 127 TYR 127 166 166 TYR TYR A . n 
A 1 128 GLU 128 167 167 GLU GLU A . n 
A 1 129 PRO 129 168 168 PRO PRO A . n 
A 1 130 ARG 130 169 169 ARG ARG A . n 
A 1 131 ILE 131 170 170 ILE ILE A . n 
A 1 132 HIS 132 171 171 HIS HIS A . n 
A 1 133 ILE 133 172 172 ILE ILE A . n 
A 1 134 VAL 134 173 173 VAL VAL A . n 
A 1 135 ARG 135 174 174 ARG ARG A . n 
A 1 136 VAL 136 175 175 VAL VAL A . n 
A 1 137 GLY 137 176 176 GLY GLY A . n 
A 1 138 GLY 138 177 177 GLY GLY A . n 
A 1 139 PRO 139 178 178 PRO PRO A . n 
A 1 140 GLN 140 179 179 GLN GLN A . n 
A 1 141 ARG 141 180 180 ARG ARG A . n 
A 1 142 MET 142 181 181 MET MET A . n 
A 1 143 ILE 143 182 182 ILE ILE A . n 
A 1 144 THR 144 183 183 THR THR A . n 
A 1 145 SER 145 184 184 SER SER A . n 
A 1 146 HIS 146 185 185 HIS HIS A . n 
A 1 147 CYS 147 186 186 CYS CYS A . n 
A 1 148 PHE 148 187 187 PHE PHE A . n 
A 1 149 PRO 149 188 188 PRO PRO A . n 
A 1 150 GLU 150 189 189 GLU GLU A . n 
A 1 151 THR 151 190 190 THR THR A . n 
A 1 152 GLN 152 191 191 GLN GLN A . n 
A 1 153 PHE 153 192 192 PHE PHE A . n 
A 1 154 ILE 154 193 193 ILE ILE A . n 
A 1 155 ALA 155 194 194 ALA ALA A . n 
A 1 156 VAL 156 195 195 VAL VAL A . n 
A 1 157 THR 157 196 196 THR THR A . n 
A 1 158 ALA 158 197 197 ALA ALA A . n 
A 1 159 TYR 159 198 198 TYR TYR A . n 
A 1 160 GLN 160 199 199 GLN GLN A . n 
A 1 161 ASN 161 200 200 ASN ASN A . n 
A 1 162 GLU 162 201 201 GLU GLU A . n 
A 1 163 GLU 163 202 202 GLU GLU A . n 
A 1 164 ILE 164 203 203 ILE ILE A . n 
A 1 165 THR 165 204 204 THR THR A . n 
A 1 166 ALA 166 205 205 ALA ALA A . n 
A 1 167 LEU 167 206 206 LEU LEU A . n 
A 1 168 LYS 168 207 207 LYS LYS A . n 
A 1 169 ILE 169 208 208 ILE ILE A . n 
A 1 170 LYS 170 209 209 LYS LYS A . n 
A 1 171 TYR 171 210 210 TYR TYR A . n 
A 1 172 ASN 172 211 211 ASN ASN A . n 
# 
loop_
_pdbx_nonpoly_scheme.asym_id 
_pdbx_nonpoly_scheme.entity_id 
_pdbx_nonpoly_scheme.mon_id 
_pdbx_nonpoly_scheme.ndb_seq_num 
_pdbx_nonpoly_scheme.pdb_seq_num 
_pdbx_nonpoly_scheme.auth_seq_num 
_pdbx_nonpoly_scheme.pdb_mon_id 
_pdbx_nonpoly_scheme.auth_mon_id 
_pdbx_nonpoly_scheme.pdb_strand_id 
_pdbx_nonpoly_scheme.pdb_ins_code 
B 2 CD  1  301 1  CD  CD  A . 
C 2 CD  1  302 2  CD  CD  A . 
D 2 CD  1  303 3  CD  CD  A . 
E 2 CD  1  304 4  CD  CD  A . 
F 2 CD  1  305 5  CD  CD  A . 
G 3 NZG 1  306 1  NZG LIG A . 
H 4 HOH 1  401 61 HOH HOH A . 
H 4 HOH 2  402 48 HOH HOH A . 
H 4 HOH 3  403 71 HOH HOH A . 
H 4 HOH 4  404 68 HOH HOH A . 
H 4 HOH 5  405 58 HOH HOH A . 
H 4 HOH 6  406 44 HOH HOH A . 
H 4 HOH 7  407 41 HOH HOH A . 
H 4 HOH 8  408 52 HOH HOH A . 
H 4 HOH 9  409 53 HOH HOH A . 
H 4 HOH 10 410 16 HOH HOH A . 
H 4 HOH 11 411 42 HOH HOH A . 
H 4 HOH 12 412 1  HOH HOH A . 
H 4 HOH 13 413 52 HOH HOH A . 
H 4 HOH 14 414 24 HOH HOH A . 
H 4 HOH 15 415 14 HOH HOH A . 
H 4 HOH 16 416 79 HOH HOH A . 
H 4 HOH 17 417 45 HOH HOH A . 
H 4 HOH 18 418 70 HOH HOH A . 
H 4 HOH 19 419 50 HOH HOH A . 
H 4 HOH 20 420 76 HOH HOH A . 
H 4 HOH 21 421 4  HOH HOH A . 
H 4 HOH 22 422 51 HOH HOH A . 
H 4 HOH 23 423 32 HOH HOH A . 
H 4 HOH 24 424 17 HOH HOH A . 
H 4 HOH 25 425 21 HOH HOH A . 
H 4 HOH 26 426 31 HOH HOH A . 
H 4 HOH 27 427 75 HOH HOH A . 
H 4 HOH 28 428 56 HOH HOH A . 
H 4 HOH 29 429 54 HOH HOH A . 
H 4 HOH 30 430 49 HOH HOH A . 
H 4 HOH 31 431 55 HOH HOH A . 
H 4 HOH 32 432 67 HOH HOH A . 
H 4 HOH 33 433 60 HOH HOH A . 
H 4 HOH 34 434 45 HOH HOH A . 
H 4 HOH 35 435 6  HOH HOH A . 
H 4 HOH 36 436 10 HOH HOH A . 
H 4 HOH 37 437 8  HOH HOH A . 
H 4 HOH 38 438 33 HOH HOH A . 
H 4 HOH 39 439 47 HOH HOH A . 
H 4 HOH 40 440 69 HOH HOH A . 
H 4 HOH 41 441 8  HOH HOH A . 
H 4 HOH 42 442 11 HOH HOH A . 
H 4 HOH 43 443 23 HOH HOH A . 
H 4 HOH 44 444 28 HOH HOH A . 
H 4 HOH 45 445 77 HOH HOH A . 
H 4 HOH 46 446 73 HOH HOH A . 
H 4 HOH 47 447 18 HOH HOH A . 
H 4 HOH 48 448 12 HOH HOH A . 
H 4 HOH 49 449 2  HOH HOH A . 
H 4 HOH 50 450 46 HOH HOH A . 
H 4 HOH 51 451 14 HOH HOH A . 
H 4 HOH 52 452 66 HOH HOH A . 
H 4 HOH 53 453 64 HOH HOH A . 
H 4 HOH 54 454 4  HOH HOH A . 
H 4 HOH 55 455 1  HOH HOH A . 
H 4 HOH 56 456 65 HOH HOH A . 
H 4 HOH 57 457 3  HOH HOH A . 
H 4 HOH 58 458 6  HOH HOH A . 
H 4 HOH 59 459 62 HOH HOH A . 
H 4 HOH 60 460 7  HOH HOH A . 
H 4 HOH 61 461 5  HOH HOH A . 
H 4 HOH 62 462 63 HOH HOH A . 
H 4 HOH 63 463 3  HOH HOH A . 
H 4 HOH 64 464 72 HOH HOH A . 
H 4 HOH 65 465 10 HOH HOH A . 
H 4 HOH 66 466 30 HOH HOH A . 
H 4 HOH 67 467 43 HOH HOH A . 
H 4 HOH 68 468 13 HOH HOH A . 
H 4 HOH 69 469 78 HOH HOH A . 
H 4 HOH 70 470 16 HOH HOH A . 
H 4 HOH 71 471 17 HOH HOH A . 
H 4 HOH 72 472 18 HOH HOH A . 
# 
loop_
_pdbx_unobs_or_zero_occ_atoms.id 
_pdbx_unobs_or_zero_occ_atoms.PDB_model_num 
_pdbx_unobs_or_zero_occ_atoms.polymer_flag 
_pdbx_unobs_or_zero_occ_atoms.occupancy_flag 
_pdbx_unobs_or_zero_occ_atoms.auth_asym_id 
_pdbx_unobs_or_zero_occ_atoms.auth_comp_id 
_pdbx_unobs_or_zero_occ_atoms.auth_seq_id 
_pdbx_unobs_or_zero_occ_atoms.PDB_ins_code 
_pdbx_unobs_or_zero_occ_atoms.auth_atom_id 
_pdbx_unobs_or_zero_occ_atoms.label_alt_id 
_pdbx_unobs_or_zero_occ_atoms.label_asym_id 
_pdbx_unobs_or_zero_occ_atoms.label_comp_id 
_pdbx_unobs_or_zero_occ_atoms.label_seq_id 
_pdbx_unobs_or_zero_occ_atoms.label_atom_id 
1 1 Y 1 A ARG 43 ? CG  ? A ARG 4 CG  
2 1 Y 1 A ARG 43 ? CD  ? A ARG 4 CD  
3 1 Y 1 A ARG 43 ? NE  ? A ARG 4 NE  
4 1 Y 1 A ARG 43 ? CZ  ? A ARG 4 CZ  
5 1 Y 1 A ARG 43 ? NH1 ? A ARG 4 NH1 
6 1 Y 1 A ARG 43 ? NH2 ? A ARG 4 NH2 
# 
loop_
_software.pdbx_ordinal 
_software.name 
_software.version 
_software.date 
_software.type 
_software.contact_author 
_software.contact_author_email 
_software.classification 
_software.location 
_software.language 
_software.citation_id 
1 REFMAC      5.8.0238 ?               program 'Garib N. Murshudov' garib@ysbl.york.ac.uk    refinement        
http://www.ccp4.ac.uk/dist/html/refmac5.html        Fortran_77 ? 
2 Aimless     0.7.1    27/03/18        program 'Phil Evans'         ?                        'data scaling'    
http://www.mrc-lmb.cam.ac.uk/harry/pre/aimless.html ?          ? 
3 PDB_EXTRACT 3.23     'SEP. 23, 2016' package PDB                  deposit@deposit.rcsb.org 'data extraction' 
http://sw-tools.pdb.org/apps/PDB_EXTRACT/           C++        ? 
4 XDS         .        ?               program ?                    ?                        'data reduction'  ? ?          ? 
5 REFMAC      .        ?               program ?                    ?                        phasing           ? ?          ? 
# 
_cell.entry_id           5QRX 
_cell.length_a           59.620 
_cell.length_b           59.620 
_cell.length_c           110.050 
_cell.angle_alpha        90.000 
_cell.angle_beta         90.000 
_cell.angle_gamma        90.000 
_cell.Z_PDB              8 
_cell.pdbx_unique_axis   ? 
# 
_symmetry.entry_id                         5QRX 
_symmetry.Int_Tables_number                91 
_symmetry.space_group_name_H-M             'P 41 2 2' 
_symmetry.pdbx_full_space_group_name_H-M   ? 
_symmetry.cell_setting                     ? 
# 
_exptl.crystals_number   1 
_exptl.entry_id          5QRX 
_exptl.method            'X-RAY DIFFRACTION' 
# 
_exptl_crystal.id                    1 
_exptl_crystal.pdbx_mosaicity        0.000 
_exptl_crystal.pdbx_mosaicity_esd    ? 
_exptl_crystal.density_Matthews      2.50 
_exptl_crystal.density_diffrn        ? 
_exptl_crystal.density_meas          ? 
_exptl_crystal.density_meas_temp     ? 
_exptl_crystal.density_percent_sol   50.70 
_exptl_crystal.size_max              ? 
_exptl_crystal.size_mid              ? 
_exptl_crystal.size_min              ? 
_exptl_crystal.size_rad              ? 
_exptl_crystal.description           ? 
# 
_exptl_crystal_grow.crystal_id      1 
_exptl_crystal_grow.method          'VAPOR DIFFUSION, SITTING DROP' 
_exptl_crystal_grow.pH              4.5 
_exptl_crystal_grow.temp            298 
_exptl_crystal_grow.pdbx_details    '0.1 M CdCl, 0.1 M Acetate pH 4.5, 32% PEG 400' 
_exptl_crystal_grow.temp_details    ? 
_exptl_crystal_grow.pdbx_pH_range   ? 
# 
_diffrn.id                     1 
_diffrn.ambient_temp           100 
_diffrn.crystal_id             1 
_diffrn.ambient_temp_details   ? 
# 
_diffrn_detector.detector               PIXEL 
_diffrn_detector.type                   'DECTRIS PILATUS 6M' 
_diffrn_detector.pdbx_collection_date   2018-07-21 
_diffrn_detector.diffrn_id              1 
_diffrn_detector.details                ? 
# 
_diffrn_radiation.diffrn_id                        1 
_diffrn_radiation.wavelength_id                    1 
_diffrn_radiation.pdbx_diffrn_protocol             'SINGLE WAVELENGTH' 
_diffrn_radiation.pdbx_monochromatic_or_laue_m_l   M 
_diffrn_radiation.monochromator                    ? 
_diffrn_radiation.pdbx_scattering_type             x-ray 
# 
_diffrn_radiation_wavelength.id           1 
_diffrn_radiation_wavelength.wavelength   0.91587 
_diffrn_radiation_wavelength.wt           1.0 
# 
_diffrn_source.diffrn_id                   1 
_diffrn_source.source                      SYNCHROTRON 
_diffrn_source.type                        'DIAMOND BEAMLINE I04-1' 
_diffrn_source.pdbx_wavelength_list        0.91587 
_diffrn_source.pdbx_synchrotron_site       Diamond 
_diffrn_source.pdbx_synchrotron_beamline   I04-1 
_diffrn_source.pdbx_wavelength             ? 
# 
_reflns.entry_id                     5QRX 
_reflns.pdbx_diffrn_id               1 
_reflns.pdbx_ordinal                 1 
_reflns.observed_criterion_sigma_I   ? 
_reflns.observed_criterion_sigma_F   ? 
_reflns.d_resolution_low             40.440 
_reflns.d_resolution_high            1.870 
_reflns.number_obs                   17026 
_reflns.number_all                   ? 
_reflns.percent_possible_obs         99.400 
_reflns.pdbx_Rmerge_I_obs            0.106 
_reflns.pdbx_Rsym_value              ? 
_reflns.pdbx_netI_over_sigmaI        13.000 
_reflns.B_iso_Wilson_estimate        ? 
_reflns.pdbx_redundancy              12.700 
_reflns.pdbx_Rrim_I_all              0.111 
_reflns.pdbx_Rpim_I_all              0.031 
_reflns.pdbx_CC_half                 0.999 
_reflns.pdbx_netI_over_av_sigmaI     ? 
_reflns.pdbx_number_measured_all     215463 
_reflns.pdbx_scaling_rejects         1 
_reflns.pdbx_chi_squared             ? 
_reflns.Rmerge_F_all                 ? 
_reflns.Rmerge_F_obs                 ? 
_reflns.observed_criterion_F_max     ? 
_reflns.observed_criterion_F_min     ? 
_reflns.observed_criterion_I_max     ? 
_reflns.observed_criterion_I_min     ? 
_reflns.pdbx_d_res_high_opt          ? 
_reflns.pdbx_d_res_low_opt           ? 
_reflns.details                      ? 
# 
loop_
_reflns_shell.pdbx_diffrn_id 
_reflns_shell.pdbx_ordinal 
_reflns_shell.d_res_high 
_reflns_shell.d_res_low 
_reflns_shell.number_measured_obs 
_reflns_shell.number_measured_all 
_reflns_shell.number_unique_obs 
_reflns_shell.pdbx_rejects 
_reflns_shell.Rmerge_I_obs 
_reflns_shell.meanI_over_sigI_obs 
_reflns_shell.pdbx_Rsym_value 
_reflns_shell.pdbx_chi_squared 
_reflns_shell.pdbx_redundancy 
_reflns_shell.percent_possible_obs 
_reflns_shell.pdbx_netI_over_sigmaI_obs 
_reflns_shell.number_possible 
_reflns_shell.number_unique_all 
_reflns_shell.Rmerge_F_all 
_reflns_shell.Rmerge_F_obs 
_reflns_shell.Rmerge_I_all 
_reflns_shell.meanI_over_sigI_all 
_reflns_shell.percent_possible_all 
_reflns_shell.pdbx_Rrim_I_all 
_reflns_shell.pdbx_Rpim_I_all 
_reflns_shell.pdbx_CC_half 
1 1 1.870 1.920  ? 15987 ? ? 2.796 ? ? ? 13.100 ? 1.200  ? 1218 ? ? ? ? 99.000 2.910 0.798 0.700 
1 2 8.360 40.440 ? 2583  ? ? 0.047 ? ? ? 10.400 ? 39.300 ? 248  ? ? ? ? 99.300 0.049 0.015 0.999 
# 
_refine.entry_id                                 5QRX 
_refine.pdbx_refine_id                           'X-RAY DIFFRACTION' 
_refine.ls_d_res_high                            1.8700 
_refine.ls_d_res_low                             40.4700 
_refine.pdbx_ls_sigma_F                          0.000 
_refine.pdbx_data_cutoff_high_absF               ? 
_refine.pdbx_data_cutoff_low_absF                ? 
_refine.ls_percent_reflns_obs                    99.3300 
_refine.ls_number_reflns_obs                     16169 
_refine.ls_number_reflns_all                     ? 
_refine.pdbx_ls_cross_valid_method               THROUGHOUT 
_refine.ls_matrix_type                           ? 
_refine.pdbx_R_Free_selection_details            RANDOM 
_refine.details                                  
'HYDROGENS HAVE BEEN ADDED IN THE RIDING POSITIONS U VALUES      : REFINED INDIVIDUALLY' 
_refine.ls_R_factor_all                          ? 
_refine.ls_R_factor_obs                          0.2119 
_refine.ls_R_factor_R_work                       0.2092 
_refine.ls_wR_factor_R_work                      ? 
_refine.ls_R_factor_R_free                       0.2724 
_refine.ls_wR_factor_R_free                      ? 
_refine.ls_percent_reflns_R_free                 4.8000 
_refine.ls_number_reflns_R_free                  816 
_refine.ls_number_reflns_R_work                  ? 
_refine.ls_R_factor_R_free_error                 ? 
_refine.B_iso_mean                               46.6090 
_refine.solvent_model_param_bsol                 ? 
_refine.solvent_model_param_ksol                 ? 
_refine.pdbx_isotropic_thermal_model             ? 
_refine.aniso_B[1][1]                            2.1900 
_refine.aniso_B[2][2]                            2.1900 
_refine.aniso_B[3][3]                            -4.3700 
_refine.aniso_B[1][2]                            -0.0000 
_refine.aniso_B[1][3]                            -0.0000 
_refine.aniso_B[2][3]                            -0.0000 
_refine.correlation_coeff_Fo_to_Fc               0.9630 
_refine.correlation_coeff_Fo_to_Fc_free          0.9320 
_refine.overall_SU_R_Cruickshank_DPI             ? 
_refine.pdbx_overall_SU_R_free_Cruickshank_DPI   ? 
_refine.pdbx_overall_SU_R_Blow_DPI               ? 
_refine.pdbx_overall_SU_R_free_Blow_DPI          ? 
_refine.overall_SU_R_free                        ? 
_refine.pdbx_overall_ESU_R                       0.1700 
_refine.pdbx_overall_ESU_R_Free                  0.1680 
_refine.overall_SU_ML                            0.1560 
_refine.overall_SU_B                             5.6950 
_refine.solvent_model_details                    MASK 
_refine.pdbx_solvent_vdw_probe_radii             1.2000 
_refine.pdbx_solvent_ion_probe_radii             0.8000 
_refine.pdbx_solvent_shrinkage_radii             0.8000 
_refine.ls_number_parameters                     ? 
_refine.ls_number_restraints                     ? 
_refine.pdbx_starting_model                      6f58 
_refine.pdbx_method_to_determine_struct          'FOURIER SYNTHESIS' 
_refine.pdbx_stereochemistry_target_values       'MAXIMUM LIKELIHOOD' 
_refine.pdbx_stereochem_target_val_spec_case     ? 
_refine.overall_FOM_work_R_set                   ? 
_refine.B_iso_max                                114.320 
_refine.B_iso_min                                24.980 
_refine.pdbx_overall_phase_error                 ? 
_refine.occupancy_max                            ? 
_refine.occupancy_min                            ? 
_refine.pdbx_diffrn_id                           1 
_refine.pdbx_TLS_residual_ADP_flag               ? 
_refine.pdbx_ls_sigma_I                          ? 
_refine.pdbx_data_cutoff_high_rms_absF           ? 
_refine.ls_R_factor_R_free_error_details         ? 
# 
_refine_hist.cycle_id                         final 
_refine_hist.pdbx_refine_id                   'X-RAY DIFFRACTION' 
_refine_hist.d_res_high                       1.8700 
_refine_hist.d_res_low                        40.4700 
_refine_hist.pdbx_number_atoms_ligand         18 
_refine_hist.number_atoms_solvent             72 
_refine_hist.number_atoms_total               1459 
_refine_hist.pdbx_number_residues_total       172 
_refine_hist.pdbx_B_iso_mean_ligand           54.87 
_refine_hist.pdbx_B_iso_mean_solvent          50.14 
_refine_hist.pdbx_number_atoms_protein        1369 
_refine_hist.pdbx_number_atoms_nucleic_acid   0 
# 
loop_
_refine_ls_restr.pdbx_refine_id 
_refine_ls_restr.type 
_refine_ls_restr.number 
_refine_ls_restr.dev_ideal 
_refine_ls_restr.dev_ideal_target 
_refine_ls_restr.weight 
_refine_ls_restr.pdbx_restraint_function 
'X-RAY DIFFRACTION' r_bond_refined_d       1840 0.007  0.013  ? ? 
'X-RAY DIFFRACTION' r_bond_other_d         1495 0.001  0.017  ? ? 
'X-RAY DIFFRACTION' r_angle_refined_deg    2296 1.444  1.640  ? ? 
'X-RAY DIFFRACTION' r_angle_other_deg      3475 1.275  1.566  ? ? 
'X-RAY DIFFRACTION' r_dihedral_angle_1_deg 204  7.453  5.000  ? ? 
'X-RAY DIFFRACTION' r_dihedral_angle_2_deg 83   29.807 22.289 ? ? 
'X-RAY DIFFRACTION' r_dihedral_angle_3_deg 271  17.321 15.000 ? ? 
'X-RAY DIFFRACTION' r_dihedral_angle_4_deg 7    12.493 15.000 ? ? 
'X-RAY DIFFRACTION' r_chiral_restr         203  0.068  0.200  ? ? 
'X-RAY DIFFRACTION' r_gen_planes_refined   1924 0.007  0.020  ? ? 
'X-RAY DIFFRACTION' r_gen_planes_other     377  0.001  0.020  ? ? 
'X-RAY DIFFRACTION' r_mcbond_it            856  3.921  4.706  ? ? 
'X-RAY DIFFRACTION' r_mcbond_other         855  3.899  4.700  ? ? 
'X-RAY DIFFRACTION' r_mcangle_it           1004 5.964  7.116  ? ? 
# 
_refine_ls_shell.d_res_high                       1.8700 
_refine_ls_shell.d_res_low                        1.9190 
_refine_ls_shell.pdbx_total_number_of_bins_used   20 
_refine_ls_shell.percent_reflns_obs               98.8600 
_refine_ls_shell.number_reflns_R_work             1156 
_refine_ls_shell.R_factor_all                     ? 
_refine_ls_shell.R_factor_R_work                  0.3670 
_refine_ls_shell.R_factor_R_free                  0.3840 
_refine_ls_shell.percent_reflns_R_free            ? 
_refine_ls_shell.number_reflns_R_free             58 
_refine_ls_shell.R_factor_R_free_error            ? 
_refine_ls_shell.number_reflns_all                1214 
_refine_ls_shell.number_reflns_obs                ? 
_refine_ls_shell.pdbx_refine_id                   'X-RAY DIFFRACTION' 
# 
_struct.entry_id                  5QRX 
_struct.title                     
'PanDDA analysis group deposition -- Crystal Structure of human Brachyury in complex with Z364328788' 
_struct.pdbx_model_details        ? 
_struct.pdbx_CASP_flag            ? 
_struct.pdbx_model_type_details   ? 
# 
_struct_keywords.entry_id        5QRX 
_struct_keywords.text            'SGC - Diamond I04-1 fragment screening, PanDDA, XChemExplorer, TRANSCRIPTION' 
_struct_keywords.pdbx_keywords   TRANSCRIPTION 
# 
loop_
_struct_asym.id 
_struct_asym.pdbx_blank_PDB_chainid_flag 
_struct_asym.pdbx_modified 
_struct_asym.entity_id 
_struct_asym.details 
A N N 1 ? 
B N N 2 ? 
C N N 2 ? 
D N N 2 ? 
E N N 2 ? 
F N N 2 ? 
G N N 3 ? 
H N N 4 ? 
# 
_struct_ref.id                         1 
_struct_ref.db_name                    UNP 
_struct_ref.db_code                    TBXT_HUMAN 
_struct_ref.pdbx_db_accession          O15178 
_struct_ref.pdbx_db_isoform            ? 
_struct_ref.entity_id                  1 
_struct_ref.pdbx_seq_one_letter_code   
;ELRVGLEESELWLRFKELTNEMIVTKNGRRMFPVLKVNVSGLDPNAMYSFLLDFVAADNHRWKYVNGEWVPGGKPEPQAP
SCVYIHPDSPNFGAHWMKAPVSFSKVKLTNKLNGGGQIMLNSLHKYEPRIHIVRVGGPQRMITSHCFPETQFIAVTAYQN
EEITALKIKYN
;
_struct_ref.pdbx_align_begin           41 
# 
_struct_ref_seq.align_id                      1 
_struct_ref_seq.ref_id                        1 
_struct_ref_seq.pdbx_PDB_id_code              5QRX 
_struct_ref_seq.pdbx_strand_id                A 
_struct_ref_seq.seq_align_beg                 2 
_struct_ref_seq.pdbx_seq_align_beg_ins_code   ? 
_struct_ref_seq.seq_align_end                 172 
_struct_ref_seq.pdbx_seq_align_end_ins_code   ? 
_struct_ref_seq.pdbx_db_accession             O15178 
_struct_ref_seq.db_align_beg                  41 
_struct_ref_seq.pdbx_db_align_beg_ins_code    ? 
_struct_ref_seq.db_align_end                  211 
_struct_ref_seq.pdbx_db_align_end_ins_code    ? 
_struct_ref_seq.pdbx_auth_seq_align_beg       41 
_struct_ref_seq.pdbx_auth_seq_align_end       211 
# 
_struct_ref_seq_dif.align_id                     1 
_struct_ref_seq_dif.pdbx_pdb_id_code             5QRX 
_struct_ref_seq_dif.mon_id                       GLY 
_struct_ref_seq_dif.pdbx_pdb_strand_id           A 
_struct_ref_seq_dif.seq_num                      1 
_struct_ref_seq_dif.pdbx_pdb_ins_code            ? 
_struct_ref_seq_dif.pdbx_seq_db_name             UNP 
_struct_ref_seq_dif.pdbx_seq_db_accession_code   O15178 
_struct_ref_seq_dif.db_mon_id                    ? 
_struct_ref_seq_dif.pdbx_seq_db_seq_num          ? 
_struct_ref_seq_dif.details                      'expression tag' 
_struct_ref_seq_dif.pdbx_auth_seq_num            40 
_struct_ref_seq_dif.pdbx_ordinal                 1 
# 
_pdbx_struct_assembly.id                   1 
_pdbx_struct_assembly.details              author_defined_assembly 
_pdbx_struct_assembly.method_details       ? 
_pdbx_struct_assembly.oligomeric_details   monomeric 
_pdbx_struct_assembly.oligomeric_count     1 
# 
_pdbx_struct_assembly_gen.assembly_id       1 
_pdbx_struct_assembly_gen.oper_expression   1 
_pdbx_struct_assembly_gen.asym_id_list      A,B,C,D,E,F,G,H 
# 
_pdbx_struct_oper_list.id                   1 
_pdbx_struct_oper_list.type                 'identity operation' 
_pdbx_struct_oper_list.name                 1_555 
_pdbx_struct_oper_list.symmetry_operation   x,y,z 
_pdbx_struct_oper_list.matrix[1][1]         1.0000000000 
_pdbx_struct_oper_list.matrix[1][2]         0.0000000000 
_pdbx_struct_oper_list.matrix[1][3]         0.0000000000 
_pdbx_struct_oper_list.vector[1]            0.0000000000 
_pdbx_struct_oper_list.matrix[2][1]         0.0000000000 
_pdbx_struct_oper_list.matrix[2][2]         1.0000000000 
_pdbx_struct_oper_list.matrix[2][3]         0.0000000000 
_pdbx_struct_oper_list.vector[2]            0.0000000000 
_pdbx_struct_oper_list.matrix[3][1]         0.0000000000 
_pdbx_struct_oper_list.matrix[3][2]         0.0000000000 
_pdbx_struct_oper_list.matrix[3][3]         1.0000000000 
_pdbx_struct_oper_list.vector[3]            0.0000000000 
# 
loop_
_struct_conf.conf_type_id 
_struct_conf.id 
_struct_conf.pdbx_PDB_helix_id 
_struct_conf.beg_label_comp_id 
_struct_conf.beg_label_asym_id 
_struct_conf.beg_label_seq_id 
_struct_conf.pdbx_beg_PDB_ins_code 
_struct_conf.end_label_comp_id 
_struct_conf.end_label_asym_id 
_struct_conf.end_label_seq_id 
_struct_conf.pdbx_end_PDB_ins_code 
_struct_conf.beg_auth_comp_id 
_struct_conf.beg_auth_asym_id 
_struct_conf.beg_auth_seq_id 
_struct_conf.end_auth_comp_id 
_struct_conf.end_auth_asym_id 
_struct_conf.end_auth_seq_id 
_struct_conf.pdbx_PDB_helix_class 
_struct_conf.details 
_struct_conf.pdbx_PDB_helix_length 
HELX_P HELX_P1 AA1 GLU A 9   ? LEU A 19  ? GLU A 48  LEU A 58  1 ? 11 
HELX_P HELX_P2 AA2 GLY A 94  ? ALA A 100 ? GLY A 133 ALA A 139 1 ? 7  
HELX_P HELX_P3 AA3 PRO A 149 ? GLN A 152 ? PRO A 188 GLN A 191 5 ? 4  
HELX_P HELX_P4 AA4 ASN A 161 ? ASN A 172 ? ASN A 200 ASN A 211 1 ? 12 
# 
_struct_conf_type.id          HELX_P 
_struct_conf_type.criteria    ? 
_struct_conf_type.reference   ? 
# 
loop_
_struct_conn.id 
_struct_conn.conn_type_id 
_struct_conn.pdbx_leaving_atom_flag 
_struct_conn.pdbx_PDB_id 
_struct_conn.ptnr1_label_asym_id 
_struct_conn.ptnr1_label_comp_id 
_struct_conn.ptnr1_label_seq_id 
_struct_conn.ptnr1_label_atom_id 
_struct_conn.pdbx_ptnr1_label_alt_id 
_struct_conn.pdbx_ptnr1_PDB_ins_code 
_struct_conn.pdbx_ptnr1_standard_comp_id 
_struct_conn.ptnr1_symmetry 
_struct_conn.ptnr2_label_asym_id 
_struct_conn.ptnr2_label_comp_id 
_struct_conn.ptnr2_label_seq_id 
_struct_conn.ptnr2_label_atom_id 
_struct_conn.pdbx_ptnr2_label_alt_id 
_struct_conn.pdbx_ptnr2_PDB_ins_code 
_struct_conn.ptnr1_auth_asym_id 
_struct_conn.ptnr1_auth_comp_id 
_struct_conn.ptnr1_auth_seq_id 
_struct_conn.ptnr2_auth_asym_id 
_struct_conn.ptnr2_auth_comp_id 
_struct_conn.ptnr2_auth_seq_id 
_struct_conn.ptnr2_symmetry 
_struct_conn.pdbx_ptnr3_label_atom_id 
_struct_conn.pdbx_ptnr3_label_seq_id 
_struct_conn.pdbx_ptnr3_label_comp_id 
_struct_conn.pdbx_ptnr3_label_asym_id 
_struct_conn.pdbx_ptnr3_label_alt_id 
_struct_conn.pdbx_ptnr3_PDB_ins_code 
_struct_conn.details 
_struct_conn.pdbx_dist_value 
_struct_conn.pdbx_value_order 
_struct_conn.pdbx_role 
metalc1  metalc ? ? A HIS 61  NE2 ? ? ? 1_555 E CD  . CD ? ? A HIS 100 A CD  304 1_555 ? ? ? ? ? ? ? 2.259 ? ? 
metalc2  metalc ? ? A CYS 83  SG  ? ? ? 1_555 D CD  . CD ? ? A CYS 122 A CD  303 1_555 ? ? ? ? ? ? ? 2.744 ? ? 
metalc3  metalc ? ? A CYS 83  SG  ? ? ? 1_555 F CD  . CD ? ? A CYS 122 A CD  305 1_555 ? ? ? ? ? ? ? 2.422 ? ? 
metalc4  metalc ? ? A GLU 128 OE1 ? ? ? 1_555 B CD  . CD ? ? A GLU 167 A CD  301 1_555 ? ? ? ? ? ? ? 2.471 ? ? 
metalc5  metalc ? ? A GLU 128 OE1 ? ? ? 1_555 B CD  . CD ? ? A GLU 167 A CD  301 5_655 ? ? ? ? ? ? ? 2.471 ? ? 
metalc6  metalc ? ? A GLU 128 OE1 ? ? ? 1_555 C CD  . CD ? ? A GLU 167 A CD  302 1_555 ? ? ? ? ? ? ? 2.625 ? ? 
metalc7  metalc ? ? A GLU 128 OE2 ? ? ? 1_555 C CD  . CD ? ? A GLU 167 A CD  302 1_555 ? ? ? ? ? ? ? 2.399 ? ? 
metalc8  metalc ? ? A CYS 147 SG  A ? ? 1_555 B CD  . CD ? ? A CYS 186 A CD  301 1_555 ? ? ? ? ? ? ? 2.520 ? ? 
metalc9  metalc ? ? A CYS 147 SG  B ? ? 1_555 B CD  . CD ? ? A CYS 186 A CD  301 1_555 ? ? ? ? ? ? ? 2.469 ? ? 
metalc10 metalc ? ? A CYS 147 SG  A ? ? 1_555 B CD  . CD ? ? A CYS 186 A CD  301 5_655 ? ? ? ? ? ? ? 2.520 ? ? 
metalc11 metalc ? ? A CYS 147 SG  B ? ? 1_555 B CD  . CD ? ? A CYS 186 A CD  301 5_655 ? ? ? ? ? ? ? 2.469 ? ? 
metalc12 metalc ? ? A CYS 147 SG  A ? ? 1_555 C CD  . CD ? ? A CYS 186 A CD  302 5_655 ? ? ? ? ? ? ? 2.575 ? ? 
metalc13 metalc ? ? A CYS 147 SG  B ? ? 1_555 C CD  . CD ? ? A CYS 186 A CD  302 5_655 ? ? ? ? ? ? ? 2.459 ? ? 
metalc14 metalc ? ? B CD  .   CD  ? ? ? 1_555 H HOH . O  ? ? A CD  301 A HOH 455 1_555 ? ? ? ? ? ? ? 2.219 ? ? 
metalc15 metalc ? ? B CD  .   CD  ? ? ? 1_555 H HOH . O  ? ? A CD  301 A HOH 455 5_655 ? ? ? ? ? ? ? 2.219 ? ? 
metalc16 metalc ? ? C CD  .   CD  ? ? ? 1_555 H HOH . O  ? ? A CD  302 A HOH 454 5_655 ? ? ? ? ? ? ? 2.279 ? ? 
metalc17 metalc ? ? C CD  .   CD  ? ? ? 1_555 H HOH . O  ? ? A CD  302 A HOH 457 1_555 ? ? ? ? ? ? ? 2.362 ? ? 
metalc18 metalc ? ? D CD  .   CD  ? ? ? 1_555 H HOH . O  ? ? A CD  303 A HOH 445 1_555 ? ? ? ? ? ? ? 2.469 ? ? 
metalc19 metalc ? ? E CD  .   CD  ? ? ? 1_555 H HOH . O  ? ? A CD  304 A HOH 458 1_555 ? ? ? ? ? ? ? 2.176 ? ? 
metalc20 metalc ? ? E CD  .   CD  ? ? ? 1_555 H HOH . O  ? ? A CD  304 A HOH 460 1_555 ? ? ? ? ? ? ? 2.546 ? ? 
metalc21 metalc ? ? E CD  .   CD  ? ? ? 1_555 H HOH . O  ? ? A CD  304 A HOH 461 1_555 ? ? ? ? ? ? ? 2.153 ? ? 
metalc22 metalc ? ? F CD  .   CD  ? ? ? 1_555 H HOH . O  ? ? A CD  305 A HOH 448 1_555 ? ? ? ? ? ? ? 2.587 ? ? 
# 
_struct_conn_type.id          metalc 
_struct_conn_type.criteria    ? 
_struct_conn_type.reference   ? 
# 
loop_
_pdbx_struct_conn_angle.id 
_pdbx_struct_conn_angle.ptnr1_label_atom_id 
_pdbx_struct_conn_angle.ptnr1_label_alt_id 
_pdbx_struct_conn_angle.ptnr1_label_asym_id 
_pdbx_struct_conn_angle.ptnr1_label_comp_id 
_pdbx_struct_conn_angle.ptnr1_label_seq_id 
_pdbx_struct_conn_angle.ptnr1_auth_atom_id 
_pdbx_struct_conn_angle.ptnr1_auth_asym_id 
_pdbx_struct_conn_angle.ptnr1_auth_comp_id 
_pdbx_struct_conn_angle.ptnr1_auth_seq_id 
_pdbx_struct_conn_angle.ptnr1_PDB_ins_code 
_pdbx_struct_conn_angle.ptnr1_symmetry 
_pdbx_struct_conn_angle.ptnr2_label_atom_id 
_pdbx_struct_conn_angle.ptnr2_label_alt_id 
_pdbx_struct_conn_angle.ptnr2_label_asym_id 
_pdbx_struct_conn_angle.ptnr2_label_comp_id 
_pdbx_struct_conn_angle.ptnr2_label_seq_id 
_pdbx_struct_conn_angle.ptnr2_auth_atom_id 
_pdbx_struct_conn_angle.ptnr2_auth_asym_id 
_pdbx_struct_conn_angle.ptnr2_auth_comp_id 
_pdbx_struct_conn_angle.ptnr2_auth_seq_id 
_pdbx_struct_conn_angle.ptnr2_PDB_ins_code 
_pdbx_struct_conn_angle.ptnr2_symmetry 
_pdbx_struct_conn_angle.ptnr3_label_atom_id 
_pdbx_struct_conn_angle.ptnr3_label_alt_id 
_pdbx_struct_conn_angle.ptnr3_label_asym_id 
_pdbx_struct_conn_angle.ptnr3_label_comp_id 
_pdbx_struct_conn_angle.ptnr3_label_seq_id 
_pdbx_struct_conn_angle.ptnr3_auth_atom_id 
_pdbx_struct_conn_angle.ptnr3_auth_asym_id 
_pdbx_struct_conn_angle.ptnr3_auth_comp_id 
_pdbx_struct_conn_angle.ptnr3_auth_seq_id 
_pdbx_struct_conn_angle.ptnr3_PDB_ins_code 
_pdbx_struct_conn_angle.ptnr3_symmetry 
_pdbx_struct_conn_angle.value 
_pdbx_struct_conn_angle.value_esd 
1  NE2 ? A HIS 61  ? A HIS 100 ? 1_555 CD ? E CD . ? A CD 304 ? 1_555 O   ? H HOH .   ? A HOH 458 ? 1_555 105.3 ? 
2  NE2 ? A HIS 61  ? A HIS 100 ? 1_555 CD ? E CD . ? A CD 304 ? 1_555 O   ? H HOH .   ? A HOH 460 ? 1_555 96.4  ? 
3  O   ? H HOH .   ? A HOH 458 ? 1_555 CD ? E CD . ? A CD 304 ? 1_555 O   ? H HOH .   ? A HOH 460 ? 1_555 114.7 ? 
4  NE2 ? A HIS 61  ? A HIS 100 ? 1_555 CD ? E CD . ? A CD 304 ? 1_555 O   ? H HOH .   ? A HOH 461 ? 1_555 109.8 ? 
5  O   ? H HOH .   ? A HOH 458 ? 1_555 CD ? E CD . ? A CD 304 ? 1_555 O   ? H HOH .   ? A HOH 461 ? 1_555 115.5 ? 
6  O   ? H HOH .   ? A HOH 460 ? 1_555 CD ? E CD . ? A CD 304 ? 1_555 O   ? H HOH .   ? A HOH 461 ? 1_555 113.0 ? 
7  SG  ? A CYS 83  ? A CYS 122 ? 1_555 CD ? D CD . ? A CD 303 ? 1_555 O   ? H HOH .   ? A HOH 445 ? 1_555 96.9  ? 
8  SG  ? A CYS 83  ? A CYS 122 ? 1_555 CD ? F CD . ? A CD 305 ? 1_555 O   ? H HOH .   ? A HOH 448 ? 1_555 97.0  ? 
9  OE1 ? A GLU 128 ? A GLU 167 ? 1_555 CD ? B CD . ? A CD 301 ? 1_555 OE1 ? A GLU 128 ? A GLU 167 ? 1_555 0.0   ? 
10 OE1 ? A GLU 128 ? A GLU 167 ? 1_555 CD ? B CD . ? A CD 301 ? 1_555 SG  A A CYS 147 ? A CYS 186 ? 1_555 92.7  ? 
11 OE1 ? A GLU 128 ? A GLU 167 ? 1_555 CD ? B CD . ? A CD 301 ? 1_555 SG  A A CYS 147 ? A CYS 186 ? 1_555 92.7  ? 
12 OE1 ? A GLU 128 ? A GLU 167 ? 1_555 CD ? B CD . ? A CD 301 ? 1_555 SG  B A CYS 147 ? A CYS 186 ? 1_555 88.7  ? 
13 OE1 ? A GLU 128 ? A GLU 167 ? 1_555 CD ? B CD . ? A CD 301 ? 1_555 SG  B A CYS 147 ? A CYS 186 ? 1_555 88.7  ? 
14 SG  A A CYS 147 ? A CYS 186 ? 1_555 CD ? B CD . ? A CD 301 ? 1_555 SG  B A CYS 147 ? A CYS 186 ? 1_555 38.6  ? 
15 OE1 ? A GLU 128 ? A GLU 167 ? 1_555 CD ? B CD . ? A CD 301 ? 1_555 SG  A A CYS 147 ? A CYS 186 ? 1_555 92.7  ? 
16 OE1 ? A GLU 128 ? A GLU 167 ? 1_555 CD ? B CD . ? A CD 301 ? 1_555 SG  A A CYS 147 ? A CYS 186 ? 1_555 92.7  ? 
17 SG  A A CYS 147 ? A CYS 186 ? 1_555 CD ? B CD . ? A CD 301 ? 1_555 SG  A A CYS 147 ? A CYS 186 ? 1_555 0.0   ? 
18 SG  B A CYS 147 ? A CYS 186 ? 1_555 CD ? B CD . ? A CD 301 ? 1_555 SG  A A CYS 147 ? A CYS 186 ? 1_555 38.6  ? 
19 OE1 ? A GLU 128 ? A GLU 167 ? 1_555 CD ? B CD . ? A CD 301 ? 1_555 SG  B A CYS 147 ? A CYS 186 ? 1_555 88.7  ? 
20 OE1 ? A GLU 128 ? A GLU 167 ? 1_555 CD ? B CD . ? A CD 301 ? 1_555 SG  B A CYS 147 ? A CYS 186 ? 1_555 88.7  ? 
21 SG  A A CYS 147 ? A CYS 186 ? 1_555 CD ? B CD . ? A CD 301 ? 1_555 SG  B A CYS 147 ? A CYS 186 ? 1_555 38.6  ? 
22 SG  B A CYS 147 ? A CYS 186 ? 1_555 CD ? B CD . ? A CD 301 ? 1_555 SG  B A CYS 147 ? A CYS 186 ? 1_555 0.0   ? 
23 SG  A A CYS 147 ? A CYS 186 ? 1_555 CD ? B CD . ? A CD 301 ? 1_555 SG  B A CYS 147 ? A CYS 186 ? 1_555 38.6  ? 
24 OE1 ? A GLU 128 ? A GLU 167 ? 1_555 CD ? B CD . ? A CD 301 ? 1_555 O   ? H HOH .   ? A HOH 455 ? 1_555 91.0  ? 
25 OE1 ? A GLU 128 ? A GLU 167 ? 1_555 CD ? B CD . ? A CD 301 ? 1_555 O   ? H HOH .   ? A HOH 455 ? 1_555 91.0  ? 
26 SG  A A CYS 147 ? A CYS 186 ? 1_555 CD ? B CD . ? A CD 301 ? 1_555 O   ? H HOH .   ? A HOH 455 ? 1_555 75.8  ? 
27 SG  B A CYS 147 ? A CYS 186 ? 1_555 CD ? B CD . ? A CD 301 ? 1_555 O   ? H HOH .   ? A HOH 455 ? 1_555 114.2 ? 
28 SG  A A CYS 147 ? A CYS 186 ? 1_555 CD ? B CD . ? A CD 301 ? 1_555 O   ? H HOH .   ? A HOH 455 ? 1_555 75.8  ? 
29 SG  B A CYS 147 ? A CYS 186 ? 1_555 CD ? B CD . ? A CD 301 ? 1_555 O   ? H HOH .   ? A HOH 455 ? 1_555 114.2 ? 
30 OE1 ? A GLU 128 ? A GLU 167 ? 1_555 CD ? B CD . ? A CD 301 ? 1_555 O   ? H HOH .   ? A HOH 455 ? 5_655 96.8  ? 
31 OE1 ? A GLU 128 ? A GLU 167 ? 1_555 CD ? B CD . ? A CD 301 ? 1_555 O   ? H HOH .   ? A HOH 455 ? 5_655 96.8  ? 
32 SG  A A CYS 147 ? A CYS 186 ? 1_555 CD ? B CD . ? A CD 301 ? 1_555 O   ? H HOH .   ? A HOH 455 ? 5_655 114.5 ? 
33 SG  B A CYS 147 ? A CYS 186 ? 1_555 CD ? B CD . ? A CD 301 ? 1_555 O   ? H HOH .   ? A HOH 455 ? 5_655 152.9 ? 
34 SG  A A CYS 147 ? A CYS 186 ? 1_555 CD ? B CD . ? A CD 301 ? 1_555 O   ? H HOH .   ? A HOH 455 ? 5_655 114.5 ? 
35 SG  B A CYS 147 ? A CYS 186 ? 1_555 CD ? B CD . ? A CD 301 ? 1_555 O   ? H HOH .   ? A HOH 455 ? 5_655 152.9 ? 
36 O   ? H HOH .   ? A HOH 455 ? 1_555 CD ? B CD . ? A CD 301 ? 1_555 O   ? H HOH .   ? A HOH 455 ? 5_655 39.5  ? 
37 OE1 ? A GLU 128 ? A GLU 167 ? 1_555 CD ? C CD . ? A CD 302 ? 1_555 OE2 ? A GLU 128 ? A GLU 167 ? 1_555 51.0  ? 
38 OE1 ? A GLU 128 ? A GLU 167 ? 1_555 CD ? C CD . ? A CD 302 ? 1_555 SG  A A CYS 147 ? A CYS 186 ? 1_555 30.9  ? 
39 OE2 ? A GLU 128 ? A GLU 167 ? 1_555 CD ? C CD . ? A CD 302 ? 1_555 SG  A A CYS 147 ? A CYS 186 ? 1_555 76.3  ? 
40 OE1 ? A GLU 128 ? A GLU 167 ? 1_555 CD ? C CD . ? A CD 302 ? 1_555 SG  B A CYS 147 ? A CYS 186 ? 1_555 43.7  ? 
41 OE2 ? A GLU 128 ? A GLU 167 ? 1_555 CD ? C CD . ? A CD 302 ? 1_555 SG  B A CYS 147 ? A CYS 186 ? 1_555 80.7  ? 
42 SG  A A CYS 147 ? A CYS 186 ? 1_555 CD ? C CD . ? A CD 302 ? 1_555 SG  B A CYS 147 ? A CYS 186 ? 1_555 16.1  ? 
43 OE1 ? A GLU 128 ? A GLU 167 ? 1_555 CD ? C CD . ? A CD 302 ? 1_555 O   ? H HOH .   ? A HOH 454 ? 5_655 139.7 ? 
44 OE2 ? A GLU 128 ? A GLU 167 ? 1_555 CD ? C CD . ? A CD 302 ? 1_555 O   ? H HOH .   ? A HOH 454 ? 5_655 103.9 ? 
45 SG  A A CYS 147 ? A CYS 186 ? 1_555 CD ? C CD . ? A CD 302 ? 1_555 O   ? H HOH .   ? A HOH 454 ? 5_655 125.7 ? 
46 SG  B A CYS 147 ? A CYS 186 ? 1_555 CD ? C CD . ? A CD 302 ? 1_555 O   ? H HOH .   ? A HOH 454 ? 5_655 109.7 ? 
47 OE1 ? A GLU 128 ? A GLU 167 ? 1_555 CD ? C CD . ? A CD 302 ? 1_555 O   ? H HOH .   ? A HOH 457 ? 1_555 107.9 ? 
48 OE2 ? A GLU 128 ? A GLU 167 ? 1_555 CD ? C CD . ? A CD 302 ? 1_555 O   ? H HOH .   ? A HOH 457 ? 1_555 101.3 ? 
49 SG  A A CYS 147 ? A CYS 186 ? 1_555 CD ? C CD . ? A CD 302 ? 1_555 O   ? H HOH .   ? A HOH 457 ? 1_555 125.5 ? 
50 SG  B A CYS 147 ? A CYS 186 ? 1_555 CD ? C CD . ? A CD 302 ? 1_555 O   ? H HOH .   ? A HOH 457 ? 1_555 140.5 ? 
51 O   ? H HOH .   ? A HOH 454 ? 5_655 CD ? C CD . ? A CD 302 ? 1_555 O   ? H HOH .   ? A HOH 457 ? 1_555 108.0 ? 
# 
loop_
_struct_mon_prot_cis.pdbx_id 
_struct_mon_prot_cis.label_comp_id 
_struct_mon_prot_cis.label_seq_id 
_struct_mon_prot_cis.label_asym_id 
_struct_mon_prot_cis.label_alt_id 
_struct_mon_prot_cis.pdbx_PDB_ins_code 
_struct_mon_prot_cis.auth_comp_id 
_struct_mon_prot_cis.auth_seq_id 
_struct_mon_prot_cis.auth_asym_id 
_struct_mon_prot_cis.pdbx_label_comp_id_2 
_struct_mon_prot_cis.pdbx_label_seq_id_2 
_struct_mon_prot_cis.pdbx_label_asym_id_2 
_struct_mon_prot_cis.pdbx_PDB_ins_code_2 
_struct_mon_prot_cis.pdbx_auth_comp_id_2 
_struct_mon_prot_cis.pdbx_auth_seq_id_2 
_struct_mon_prot_cis.pdbx_auth_asym_id_2 
_struct_mon_prot_cis.pdbx_PDB_model_num 
_struct_mon_prot_cis.pdbx_omega_angle 
1 PHE 33 A . ? PHE 72  A PRO 34 A ? PRO 73  A 1 -5.96  
2 SER 90 A . ? SER 129 A PRO 91 A ? PRO 130 A 1 -13.80 
# 
loop_
_struct_sheet.id 
_struct_sheet.type 
_struct_sheet.number_strands 
_struct_sheet.details 
AA1 ? 3 ? 
AA2 ? 5 ? 
AA3 ? 4 ? 
AA4 ? 3 ? 
AA5 ? 2 ? 
# 
loop_
_struct_sheet_order.sheet_id 
_struct_sheet_order.range_id_1 
_struct_sheet_order.range_id_2 
_struct_sheet_order.offset 
_struct_sheet_order.sense 
AA1 1 2 ? anti-parallel 
AA1 2 3 ? anti-parallel 
AA2 1 2 ? parallel      
AA2 2 3 ? anti-parallel 
AA2 3 4 ? anti-parallel 
AA2 4 5 ? anti-parallel 
AA3 1 2 ? anti-parallel 
AA3 2 3 ? anti-parallel 
AA3 3 4 ? anti-parallel 
AA4 1 2 ? anti-parallel 
AA4 2 3 ? parallel      
AA5 1 2 ? anti-parallel 
# 
loop_
_struct_sheet_range.sheet_id 
_struct_sheet_range.id 
_struct_sheet_range.beg_label_comp_id 
_struct_sheet_range.beg_label_asym_id 
_struct_sheet_range.beg_label_seq_id 
_struct_sheet_range.pdbx_beg_PDB_ins_code 
_struct_sheet_range.end_label_comp_id 
_struct_sheet_range.end_label_asym_id 
_struct_sheet_range.end_label_seq_id 
_struct_sheet_range.pdbx_end_PDB_ins_code 
_struct_sheet_range.beg_auth_comp_id 
_struct_sheet_range.beg_auth_asym_id 
_struct_sheet_range.beg_auth_seq_id 
_struct_sheet_range.end_auth_comp_id 
_struct_sheet_range.end_auth_asym_id 
_struct_sheet_range.end_auth_seq_id 
AA1 1 ARG A 4   ? LEU A 7   ? ARG A 43  LEU A 46  
AA1 2 LYS A 37  ? SER A 41  ? LYS A 76  SER A 80  
AA1 3 VAL A 102 ? SER A 103 ? VAL A 141 SER A 142 
AA2 1 GLU A 22  ? ILE A 24  ? GLU A 61  ILE A 63  
AA2 2 PHE A 153 ? VAL A 156 ? PHE A 192 VAL A 195 
AA2 3 LYS A 126 ? ARG A 135 ? LYS A 165 ARG A 174 
AA2 4 MET A 48  ? ALA A 57  ? MET A 87  ALA A 96  
AA2 5 ASN A 92  ? PHE A 93  ? ASN A 131 PHE A 132 
AA3 1 TYR A 85  ? ILE A 86  ? TYR A 124 ILE A 125 
AA3 2 MET A 48  ? ALA A 57  ? MET A 87  ALA A 96  
AA3 3 LYS A 126 ? ARG A 135 ? LYS A 165 ARG A 174 
AA3 4 MET A 142 ? CYS A 147 ? MET A 181 CYS A 186 
AA4 1 ARG A 30  ? ARG A 31  ? ARG A 69  ARG A 70  
AA4 2 LYS A 108 ? THR A 110 ? LYS A 147 THR A 149 
AA4 3 ILE A 119 ? MET A 120 ? ILE A 158 MET A 159 
AA5 1 TRP A 63  ? VAL A 66  ? TRP A 102 VAL A 105 
AA5 2 GLU A 69  ? PRO A 72  ? GLU A 108 PRO A 111 
# 
loop_
_pdbx_struct_sheet_hbond.sheet_id 
_pdbx_struct_sheet_hbond.range_id_1 
_pdbx_struct_sheet_hbond.range_id_2 
_pdbx_struct_sheet_hbond.range_1_label_atom_id 
_pdbx_struct_sheet_hbond.range_1_label_comp_id 
_pdbx_struct_sheet_hbond.range_1_label_asym_id 
_pdbx_struct_sheet_hbond.range_1_label_seq_id 
_pdbx_struct_sheet_hbond.range_1_PDB_ins_code 
_pdbx_struct_sheet_hbond.range_1_auth_atom_id 
_pdbx_struct_sheet_hbond.range_1_auth_comp_id 
_pdbx_struct_sheet_hbond.range_1_auth_asym_id 
_pdbx_struct_sheet_hbond.range_1_auth_seq_id 
_pdbx_struct_sheet_hbond.range_2_label_atom_id 
_pdbx_struct_sheet_hbond.range_2_label_comp_id 
_pdbx_struct_sheet_hbond.range_2_label_asym_id 
_pdbx_struct_sheet_hbond.range_2_label_seq_id 
_pdbx_struct_sheet_hbond.range_2_PDB_ins_code 
_pdbx_struct_sheet_hbond.range_2_auth_atom_id 
_pdbx_struct_sheet_hbond.range_2_auth_comp_id 
_pdbx_struct_sheet_hbond.range_2_auth_asym_id 
_pdbx_struct_sheet_hbond.range_2_auth_seq_id 
AA1 1 2 N GLY A 6   ? N GLY A 45  O ASN A 39  ? O ASN A 78  
AA1 2 3 N VAL A 38  ? N VAL A 77  O VAL A 102 ? O VAL A 141 
AA2 1 2 N MET A 23  ? N MET A 62  O VAL A 156 ? O VAL A 195 
AA2 2 3 O PHE A 153 ? O PHE A 192 N TYR A 127 ? N TYR A 166 
AA2 3 4 O ARG A 130 ? O ARG A 169 N ASP A 54  ? N ASP A 93  
AA2 4 5 N TYR A 49  ? N TYR A 88  O ASN A 92  ? O ASN A 131 
AA3 1 2 O TYR A 85  ? O TYR A 124 N LEU A 53  ? N LEU A 92  
AA3 2 3 N ASP A 54  ? N ASP A 93  O ARG A 130 ? O ARG A 169 
AA3 3 4 N ILE A 133 ? N ILE A 172 O THR A 144 ? O THR A 183 
AA4 1 2 N ARG A 30  ? N ARG A 69  O LEU A 109 ? O LEU A 148 
AA4 2 3 N THR A 110 ? N THR A 149 O ILE A 119 ? O ILE A 158 
AA5 1 2 N VAL A 66  ? N VAL A 105 O GLU A 69  ? O GLU A 108 
# 
loop_
_struct_site.id 
_struct_site.pdbx_evidence_code 
_struct_site.pdbx_auth_asym_id 
_struct_site.pdbx_auth_comp_id 
_struct_site.pdbx_auth_seq_id 
_struct_site.pdbx_auth_ins_code 
_struct_site.pdbx_num_residues 
_struct_site.details 
AC1 Software A CD  301 ? 8 'binding site for residue CD A 301'  
AC2 Software A CD  302 ? 6 'binding site for residue CD A 302'  
AC3 Software A CD  303 ? 4 'binding site for residue CD A 303'  
AC4 Software A CD  304 ? 5 'binding site for residue CD A 304'  
AC5 Software A CD  305 ? 4 'binding site for residue CD A 305'  
AC6 Software A NZG 306 ? 8 'binding site for residue NZG A 306' 
# 
loop_
_struct_site_gen.id 
_struct_site_gen.site_id 
_struct_site_gen.pdbx_num_res 
_struct_site_gen.label_comp_id 
_struct_site_gen.label_asym_id 
_struct_site_gen.label_seq_id 
_struct_site_gen.pdbx_auth_ins_code 
_struct_site_gen.auth_comp_id 
_struct_site_gen.auth_asym_id 
_struct_site_gen.auth_seq_id 
_struct_site_gen.label_atom_id 
_struct_site_gen.label_alt_id 
_struct_site_gen.symmetry 
_struct_site_gen.details 
1  AC1 8 GLU A 128 ? GLU A 167 . ? 1_555 ? 
2  AC1 8 GLU A 128 ? GLU A 167 . ? 5_655 ? 
3  AC1 8 CYS A 147 ? CYS A 186 . ? 1_555 ? 
4  AC1 8 CYS A 147 ? CYS A 186 . ? 5_655 ? 
5  AC1 8 CD  C .   ? CD  A 302 . ? 5_655 ? 
6  AC1 8 CD  C .   ? CD  A 302 . ? 1_555 ? 
7  AC1 8 HOH H .   ? HOH A 455 . ? 5_655 ? 
8  AC1 8 HOH H .   ? HOH A 455 . ? 1_555 ? 
9  AC2 6 GLU A 128 ? GLU A 167 . ? 1_555 ? 
10 AC2 6 CYS A 147 ? CYS A 186 . ? 5_655 ? 
11 AC2 6 CD  B .   ? CD  A 301 . ? 5_655 ? 
12 AC2 6 CD  B .   ? CD  A 301 . ? 1_555 ? 
13 AC2 6 HOH H .   ? HOH A 454 . ? 5_655 ? 
14 AC2 6 HOH H .   ? HOH A 457 . ? 1_555 ? 
15 AC3 4 CYS A 83  ? CYS A 122 . ? 1_555 ? 
16 AC3 4 HOH H .   ? HOH A 443 . ? 1_555 ? 
17 AC3 4 HOH H .   ? HOH A 445 . ? 1_555 ? 
18 AC3 4 HOH H .   ? HOH A 471 . ? 1_555 ? 
19 AC4 5 LEU A 52  ? LEU A 91  . ? 5_655 ? 
20 AC4 5 HIS A 61  ? HIS A 100 . ? 1_555 ? 
21 AC4 5 HOH H .   ? HOH A 458 . ? 1_555 ? 
22 AC4 5 HOH H .   ? HOH A 460 . ? 1_555 ? 
23 AC4 5 HOH H .   ? HOH A 461 . ? 1_555 ? 
24 AC5 4 CYS A 83  ? CYS A 122 . ? 1_555 ? 
25 AC5 4 HOH H .   ? HOH A 448 . ? 1_555 ? 
26 AC5 4 HOH H .   ? HOH A 471 . ? 1_555 ? 
27 AC5 4 HOH H .   ? HOH A 472 . ? 1_555 ? 
28 AC6 8 SER A 50  ? SER A 89  . ? 1_555 ? 
29 AC6 8 LEU A 52  ? LEU A 91  . ? 1_555 ? 
30 AC6 8 ILE A 86  ? ILE A 125 . ? 1_555 ? 
31 AC6 8 SER A 90  ? SER A 129 . ? 1_555 ? 
32 AC6 8 PRO A 91  ? PRO A 130 . ? 1_555 ? 
33 AC6 8 PHE A 93  ? PHE A 132 . ? 6_555 ? 
34 AC6 8 ARG A 141 ? ARG A 180 . ? 1_555 ? 
35 AC6 8 HOH H .   ? HOH A 468 . ? 1_555 ? 
# 
loop_
_pdbx_validate_torsion.id 
_pdbx_validate_torsion.PDB_model_num 
_pdbx_validate_torsion.auth_comp_id 
_pdbx_validate_torsion.auth_asym_id 
_pdbx_validate_torsion.auth_seq_id 
_pdbx_validate_torsion.PDB_ins_code 
_pdbx_validate_torsion.label_alt_id 
_pdbx_validate_torsion.phi 
_pdbx_validate_torsion.psi 
1 1 THR A 59  ? ? 68.96  105.52 
2 1 PHE A 143 ? ? -96.43 52.39  
# 
loop_
_pdbx_struct_special_symmetry.id 
_pdbx_struct_special_symmetry.PDB_model_num 
_pdbx_struct_special_symmetry.auth_asym_id 
_pdbx_struct_special_symmetry.auth_comp_id 
_pdbx_struct_special_symmetry.auth_seq_id 
_pdbx_struct_special_symmetry.PDB_ins_code 
_pdbx_struct_special_symmetry.label_asym_id 
_pdbx_struct_special_symmetry.label_comp_id 
_pdbx_struct_special_symmetry.label_seq_id 
1 1 A CD  301 ? B CD  . 
2 1 A HOH 417 ? H HOH . 
# 
_phasing.method   MR 
# 
_pdbx_entry_details.entry_id                 5QRX 
_pdbx_entry_details.has_ligand_of_interest   Y 
_pdbx_entry_details.compound_details         ? 
_pdbx_entry_details.source_details           ? 
_pdbx_entry_details.nonpolymer_details       ? 
_pdbx_entry_details.sequence_details         ? 
# 
loop_
_pdbx_distant_solvent_atoms.id 
_pdbx_distant_solvent_atoms.PDB_model_num 
_pdbx_distant_solvent_atoms.auth_atom_id 
_pdbx_distant_solvent_atoms.label_alt_id 
_pdbx_distant_solvent_atoms.auth_asym_id 
_pdbx_distant_solvent_atoms.auth_comp_id 
_pdbx_distant_solvent_atoms.auth_seq_id 
_pdbx_distant_solvent_atoms.PDB_ins_code 
_pdbx_distant_solvent_atoms.neighbor_macromolecule_distance 
_pdbx_distant_solvent_atoms.neighbor_ligand_distance 
1 1 O ? A HOH 471 ? 6.50 . 
2 1 O ? A HOH 472 ? 6.89 . 
# 
_pdbx_unobs_or_zero_occ_residues.id               1 
_pdbx_unobs_or_zero_occ_residues.PDB_model_num    1 
_pdbx_unobs_or_zero_occ_residues.polymer_flag     Y 
_pdbx_unobs_or_zero_occ_residues.occupancy_flag   1 
_pdbx_unobs_or_zero_occ_residues.auth_asym_id     A 
_pdbx_unobs_or_zero_occ_residues.auth_comp_id     GLY 
_pdbx_unobs_or_zero_occ_residues.auth_seq_id      40 
_pdbx_unobs_or_zero_occ_residues.PDB_ins_code     ? 
_pdbx_unobs_or_zero_occ_residues.label_asym_id    A 
_pdbx_unobs_or_zero_occ_residues.label_comp_id    GLY 
_pdbx_unobs_or_zero_occ_residues.label_seq_id     1 
# 
loop_
_chem_comp_atom.comp_id 
_chem_comp_atom.atom_id 
_chem_comp_atom.type_symbol 
_chem_comp_atom.pdbx_aromatic_flag 
_chem_comp_atom.pdbx_stereo_config 
_chem_comp_atom.pdbx_ordinal 
ALA N    N  N N 1   
ALA CA   C  N S 2   
ALA C    C  N N 3   
ALA O    O  N N 4   
ALA CB   C  N N 5   
ALA OXT  O  N N 6   
ALA H    H  N N 7   
ALA H2   H  N N 8   
ALA HA   H  N N 9   
ALA HB1  H  N N 10  
ALA HB2  H  N N 11  
ALA HB3  H  N N 12  
ALA HXT  H  N N 13  
ARG N    N  N N 14  
ARG CA   C  N S 15  
ARG C    C  N N 16  
ARG O    O  N N 17  
ARG CB   C  N N 18  
ARG CG   C  N N 19  
ARG CD   C  N N 20  
ARG NE   N  N N 21  
ARG CZ   C  N N 22  
ARG NH1  N  N N 23  
ARG NH2  N  N N 24  
ARG OXT  O  N N 25  
ARG H    H  N N 26  
ARG H2   H  N N 27  
ARG HA   H  N N 28  
ARG HB2  H  N N 29  
ARG HB3  H  N N 30  
ARG HG2  H  N N 31  
ARG HG3  H  N N 32  
ARG HD2  H  N N 33  
ARG HD3  H  N N 34  
ARG HE   H  N N 35  
ARG HH11 H  N N 36  
ARG HH12 H  N N 37  
ARG HH21 H  N N 38  
ARG HH22 H  N N 39  
ARG HXT  H  N N 40  
ASN N    N  N N 41  
ASN CA   C  N S 42  
ASN C    C  N N 43  
ASN O    O  N N 44  
ASN CB   C  N N 45  
ASN CG   C  N N 46  
ASN OD1  O  N N 47  
ASN ND2  N  N N 48  
ASN OXT  O  N N 49  
ASN H    H  N N 50  
ASN H2   H  N N 51  
ASN HA   H  N N 52  
ASN HB2  H  N N 53  
ASN HB3  H  N N 54  
ASN HD21 H  N N 55  
ASN HD22 H  N N 56  
ASN HXT  H  N N 57  
ASP N    N  N N 58  
ASP CA   C  N S 59  
ASP C    C  N N 60  
ASP O    O  N N 61  
ASP CB   C  N N 62  
ASP CG   C  N N 63  
ASP OD1  O  N N 64  
ASP OD2  O  N N 65  
ASP OXT  O  N N 66  
ASP H    H  N N 67  
ASP H2   H  N N 68  
ASP HA   H  N N 69  
ASP HB2  H  N N 70  
ASP HB3  H  N N 71  
ASP HD2  H  N N 72  
ASP HXT  H  N N 73  
CD  CD   CD N N 74  
CYS N    N  N N 75  
CYS CA   C  N R 76  
CYS C    C  N N 77  
CYS O    O  N N 78  
CYS CB   C  N N 79  
CYS SG   S  N N 80  
CYS OXT  O  N N 81  
CYS H    H  N N 82  
CYS H2   H  N N 83  
CYS HA   H  N N 84  
CYS HB2  H  N N 85  
CYS HB3  H  N N 86  
CYS HG   H  N N 87  
CYS HXT  H  N N 88  
GLN N    N  N N 89  
GLN CA   C  N S 90  
GLN C    C  N N 91  
GLN O    O  N N 92  
GLN CB   C  N N 93  
GLN CG   C  N N 94  
GLN CD   C  N N 95  
GLN OE1  O  N N 96  
GLN NE2  N  N N 97  
GLN OXT  O  N N 98  
GLN H    H  N N 99  
GLN H2   H  N N 100 
GLN HA   H  N N 101 
GLN HB2  H  N N 102 
GLN HB3  H  N N 103 
GLN HG2  H  N N 104 
GLN HG3  H  N N 105 
GLN HE21 H  N N 106 
GLN HE22 H  N N 107 
GLN HXT  H  N N 108 
GLU N    N  N N 109 
GLU CA   C  N S 110 
GLU C    C  N N 111 
GLU O    O  N N 112 
GLU CB   C  N N 113 
GLU CG   C  N N 114 
GLU CD   C  N N 115 
GLU OE1  O  N N 116 
GLU OE2  O  N N 117 
GLU OXT  O  N N 118 
GLU H    H  N N 119 
GLU H2   H  N N 120 
GLU HA   H  N N 121 
GLU HB2  H  N N 122 
GLU HB3  H  N N 123 
GLU HG2  H  N N 124 
GLU HG3  H  N N 125 
GLU HE2  H  N N 126 
GLU HXT  H  N N 127 
GLY N    N  N N 128 
GLY CA   C  N N 129 
GLY C    C  N N 130 
GLY O    O  N N 131 
GLY OXT  O  N N 132 
GLY H    H  N N 133 
GLY H2   H  N N 134 
GLY HA2  H  N N 135 
GLY HA3  H  N N 136 
GLY HXT  H  N N 137 
HIS N    N  N N 138 
HIS CA   C  N S 139 
HIS C    C  N N 140 
HIS O    O  N N 141 
HIS CB   C  N N 142 
HIS CG   C  Y N 143 
HIS ND1  N  Y N 144 
HIS CD2  C  Y N 145 
HIS CE1  C  Y N 146 
HIS NE2  N  Y N 147 
HIS OXT  O  N N 148 
HIS H    H  N N 149 
HIS H2   H  N N 150 
HIS HA   H  N N 151 
HIS HB2  H  N N 152 
HIS HB3  H  N N 153 
HIS HD1  H  N N 154 
HIS HD2  H  N N 155 
HIS HE1  H  N N 156 
HIS HE2  H  N N 157 
HIS HXT  H  N N 158 
HOH O    O  N N 159 
HOH H1   H  N N 160 
HOH H2   H  N N 161 
ILE N    N  N N 162 
ILE CA   C  N S 163 
ILE C    C  N N 164 
ILE O    O  N N 165 
ILE CB   C  N S 166 
ILE CG1  C  N N 167 
ILE CG2  C  N N 168 
ILE CD1  C  N N 169 
ILE OXT  O  N N 170 
ILE H    H  N N 171 
ILE H2   H  N N 172 
ILE HA   H  N N 173 
ILE HB   H  N N 174 
ILE HG12 H  N N 175 
ILE HG13 H  N N 176 
ILE HG21 H  N N 177 
ILE HG22 H  N N 178 
ILE HG23 H  N N 179 
ILE HD11 H  N N 180 
ILE HD12 H  N N 181 
ILE HD13 H  N N 182 
ILE HXT  H  N N 183 
LEU N    N  N N 184 
LEU CA   C  N S 185 
LEU C    C  N N 186 
LEU O    O  N N 187 
LEU CB   C  N N 188 
LEU CG   C  N N 189 
LEU CD1  C  N N 190 
LEU CD2  C  N N 191 
LEU OXT  O  N N 192 
LEU H    H  N N 193 
LEU H2   H  N N 194 
LEU HA   H  N N 195 
LEU HB2  H  N N 196 
LEU HB3  H  N N 197 
LEU HG   H  N N 198 
LEU HD11 H  N N 199 
LEU HD12 H  N N 200 
LEU HD13 H  N N 201 
LEU HD21 H  N N 202 
LEU HD22 H  N N 203 
LEU HD23 H  N N 204 
LEU HXT  H  N N 205 
LYS N    N  N N 206 
LYS CA   C  N S 207 
LYS C    C  N N 208 
LYS O    O  N N 209 
LYS CB   C  N N 210 
LYS CG   C  N N 211 
LYS CD   C  N N 212 
LYS CE   C  N N 213 
LYS NZ   N  N N 214 
LYS OXT  O  N N 215 
LYS H    H  N N 216 
LYS H2   H  N N 217 
LYS HA   H  N N 218 
LYS HB2  H  N N 219 
LYS HB3  H  N N 220 
LYS HG2  H  N N 221 
LYS HG3  H  N N 222 
LYS HD2  H  N N 223 
LYS HD3  H  N N 224 
LYS HE2  H  N N 225 
LYS HE3  H  N N 226 
LYS HZ1  H  N N 227 
LYS HZ2  H  N N 228 
LYS HZ3  H  N N 229 
LYS HXT  H  N N 230 
MET N    N  N N 231 
MET CA   C  N S 232 
MET C    C  N N 233 
MET O    O  N N 234 
MET CB   C  N N 235 
MET CG   C  N N 236 
MET SD   S  N N 237 
MET CE   C  N N 238 
MET OXT  O  N N 239 
MET H    H  N N 240 
MET H2   H  N N 241 
MET HA   H  N N 242 
MET HB2  H  N N 243 
MET HB3  H  N N 244 
MET HG2  H  N N 245 
MET HG3  H  N N 246 
MET HE1  H  N N 247 
MET HE2  H  N N 248 
MET HE3  H  N N 249 
MET HXT  H  N N 250 
NZG N1   N  N N 251 
NZG C4   C  Y N 252 
NZG C5   C  Y N 253 
NZG C6   C  Y N 254 
NZG C7   C  Y N 255 
NZG C8   C  Y N 256 
NZG C1   C  N N 257 
NZG C2   C  N N 258 
NZG C3   C  Y N 259 
NZG C9   C  N N 260 
NZG F1   F  N N 261 
NZG O1   O  N N 262 
NZG O2   O  N N 263 
NZG O3   O  N N 264 
NZG H1   H  N N 265 
NZG H2   H  N N 266 
NZG H3   H  N N 267 
NZG H4   H  N N 268 
NZG H5   H  N N 269 
NZG H6   H  N N 270 
NZG H7   H  N N 271 
NZG H8   H  N N 272 
PHE N    N  N N 273 
PHE CA   C  N S 274 
PHE C    C  N N 275 
PHE O    O  N N 276 
PHE CB   C  N N 277 
PHE CG   C  Y N 278 
PHE CD1  C  Y N 279 
PHE CD2  C  Y N 280 
PHE CE1  C  Y N 281 
PHE CE2  C  Y N 282 
PHE CZ   C  Y N 283 
PHE OXT  O  N N 284 
PHE H    H  N N 285 
PHE H2   H  N N 286 
PHE HA   H  N N 287 
PHE HB2  H  N N 288 
PHE HB3  H  N N 289 
PHE HD1  H  N N 290 
PHE HD2  H  N N 291 
PHE HE1  H  N N 292 
PHE HE2  H  N N 293 
PHE HZ   H  N N 294 
PHE HXT  H  N N 295 
PRO N    N  N N 296 
PRO CA   C  N S 297 
PRO C    C  N N 298 
PRO O    O  N N 299 
PRO CB   C  N N 300 
PRO CG   C  N N 301 
PRO CD   C  N N 302 
PRO OXT  O  N N 303 
PRO H    H  N N 304 
PRO HA   H  N N 305 
PRO HB2  H  N N 306 
PRO HB3  H  N N 307 
PRO HG2  H  N N 308 
PRO HG3  H  N N 309 
PRO HD2  H  N N 310 
PRO HD3  H  N N 311 
PRO HXT  H  N N 312 
SER N    N  N N 313 
SER CA   C  N S 314 
SER C    C  N N 315 
SER O    O  N N 316 
SER CB   C  N N 317 
SER OG   O  N N 318 
SER OXT  O  N N 319 
SER H    H  N N 320 
SER H2   H  N N 321 
SER HA   H  N N 322 
SER HB2  H  N N 323 
SER HB3  H  N N 324 
SER HG   H  N N 325 
SER HXT  H  N N 326 
THR N    N  N N 327 
THR CA   C  N S 328 
THR C    C  N N 329 
THR O    O  N N 330 
THR CB   C  N R 331 
THR OG1  O  N N 332 
THR CG2  C  N N 333 
THR OXT  O  N N 334 
THR H    H  N N 335 
THR H2   H  N N 336 
THR HA   H  N N 337 
THR HB   H  N N 338 
THR HG1  H  N N 339 
THR HG21 H  N N 340 
THR HG22 H  N N 341 
THR HG23 H  N N 342 
THR HXT  H  N N 343 
TRP N    N  N N 344 
TRP CA   C  N S 345 
TRP C    C  N N 346 
TRP O    O  N N 347 
TRP CB   C  N N 348 
TRP CG   C  Y N 349 
TRP CD1  C  Y N 350 
TRP CD2  C  Y N 351 
TRP NE1  N  Y N 352 
TRP CE2  C  Y N 353 
TRP CE3  C  Y N 354 
TRP CZ2  C  Y N 355 
TRP CZ3  C  Y N 356 
TRP CH2  C  Y N 357 
TRP OXT  O  N N 358 
TRP H    H  N N 359 
TRP H2   H  N N 360 
TRP HA   H  N N 361 
TRP HB2  H  N N 362 
TRP HB3  H  N N 363 
TRP HD1  H  N N 364 
TRP HE1  H  N N 365 
TRP HE3  H  N N 366 
TRP HZ2  H  N N 367 
TRP HZ3  H  N N 368 
TRP HH2  H  N N 369 
TRP HXT  H  N N 370 
TYR N    N  N N 371 
TYR CA   C  N S 372 
TYR C    C  N N 373 
TYR O    O  N N 374 
TYR CB   C  N N 375 
TYR CG   C  Y N 376 
TYR CD1  C  Y N 377 
TYR CD2  C  Y N 378 
TYR CE1  C  Y N 379 
TYR CE2  C  Y N 380 
TYR CZ   C  Y N 381 
TYR OH   O  N N 382 
TYR OXT  O  N N 383 
TYR H    H  N N 384 
TYR H2   H  N N 385 
TYR HA   H  N N 386 
TYR HB2  H  N N 387 
TYR HB3  H  N N 388 
TYR HD1  H  N N 389 
TYR HD2  H  N N 390 
TYR HE1  H  N N 391 
TYR HE2  H  N N 392 
TYR HH   H  N N 393 
TYR HXT  H  N N 394 
VAL N    N  N N 395 
VAL CA   C  N S 396 
VAL C    C  N N 397 
VAL O    O  N N 398 
VAL CB   C  N N 399 
VAL CG1  C  N N 400 
VAL CG2  C  N N 401 
VAL OXT  O  N N 402 
VAL H    H  N N 403 
VAL H2   H  N N 404 
VAL HA   H  N N 405 
VAL HB   H  N N 406 
VAL HG11 H  N N 407 
VAL HG12 H  N N 408 
VAL HG13 H  N N 409 
VAL HG21 H  N N 410 
VAL HG22 H  N N 411 
VAL HG23 H  N N 412 
VAL HXT  H  N N 413 
# 
loop_
_chem_comp_bond.comp_id 
_chem_comp_bond.atom_id_1 
_chem_comp_bond.atom_id_2 
_chem_comp_bond.value_order 
_chem_comp_bond.pdbx_aromatic_flag 
_chem_comp_bond.pdbx_stereo_config 
_chem_comp_bond.pdbx_ordinal 
ALA N   CA   sing N N 1   
ALA N   H    sing N N 2   
ALA N   H2   sing N N 3   
ALA CA  C    sing N N 4   
ALA CA  CB   sing N N 5   
ALA CA  HA   sing N N 6   
ALA C   O    doub N N 7   
ALA C   OXT  sing N N 8   
ALA CB  HB1  sing N N 9   
ALA CB  HB2  sing N N 10  
ALA CB  HB3  sing N N 11  
ALA OXT HXT  sing N N 12  
ARG N   CA   sing N N 13  
ARG N   H    sing N N 14  
ARG N   H2   sing N N 15  
ARG CA  C    sing N N 16  
ARG CA  CB   sing N N 17  
ARG CA  HA   sing N N 18  
ARG C   O    doub N N 19  
ARG C   OXT  sing N N 20  
ARG CB  CG   sing N N 21  
ARG CB  HB2  sing N N 22  
ARG CB  HB3  sing N N 23  
ARG CG  CD   sing N N 24  
ARG CG  HG2  sing N N 25  
ARG CG  HG3  sing N N 26  
ARG CD  NE   sing N N 27  
ARG CD  HD2  sing N N 28  
ARG CD  HD3  sing N N 29  
ARG NE  CZ   sing N N 30  
ARG NE  HE   sing N N 31  
ARG CZ  NH1  sing N N 32  
ARG CZ  NH2  doub N N 33  
ARG NH1 HH11 sing N N 34  
ARG NH1 HH12 sing N N 35  
ARG NH2 HH21 sing N N 36  
ARG NH2 HH22 sing N N 37  
ARG OXT HXT  sing N N 38  
ASN N   CA   sing N N 39  
ASN N   H    sing N N 40  
ASN N   H2   sing N N 41  
ASN CA  C    sing N N 42  
ASN CA  CB   sing N N 43  
ASN CA  HA   sing N N 44  
ASN C   O    doub N N 45  
ASN C   OXT  sing N N 46  
ASN CB  CG   sing N N 47  
ASN CB  HB2  sing N N 48  
ASN CB  HB3  sing N N 49  
ASN CG  OD1  doub N N 50  
ASN CG  ND2  sing N N 51  
ASN ND2 HD21 sing N N 52  
ASN ND2 HD22 sing N N 53  
ASN OXT HXT  sing N N 54  
ASP N   CA   sing N N 55  
ASP N   H    sing N N 56  
ASP N   H2   sing N N 57  
ASP CA  C    sing N N 58  
ASP CA  CB   sing N N 59  
ASP CA  HA   sing N N 60  
ASP C   O    doub N N 61  
ASP C   OXT  sing N N 62  
ASP CB  CG   sing N N 63  
ASP CB  HB2  sing N N 64  
ASP CB  HB3  sing N N 65  
ASP CG  OD1  doub N N 66  
ASP CG  OD2  sing N N 67  
ASP OD2 HD2  sing N N 68  
ASP OXT HXT  sing N N 69  
CYS N   CA   sing N N 70  
CYS N   H    sing N N 71  
CYS N   H2   sing N N 72  
CYS CA  C    sing N N 73  
CYS CA  CB   sing N N 74  
CYS CA  HA   sing N N 75  
CYS C   O    doub N N 76  
CYS C   OXT  sing N N 77  
CYS CB  SG   sing N N 78  
CYS CB  HB2  sing N N 79  
CYS CB  HB3  sing N N 80  
CYS SG  HG   sing N N 81  
CYS OXT HXT  sing N N 82  
GLN N   CA   sing N N 83  
GLN N   H    sing N N 84  
GLN N   H2   sing N N 85  
GLN CA  C    sing N N 86  
GLN CA  CB   sing N N 87  
GLN CA  HA   sing N N 88  
GLN C   O    doub N N 89  
GLN C   OXT  sing N N 90  
GLN CB  CG   sing N N 91  
GLN CB  HB2  sing N N 92  
GLN CB  HB3  sing N N 93  
GLN CG  CD   sing N N 94  
GLN CG  HG2  sing N N 95  
GLN CG  HG3  sing N N 96  
GLN CD  OE1  doub N N 97  
GLN CD  NE2  sing N N 98  
GLN NE2 HE21 sing N N 99  
GLN NE2 HE22 sing N N 100 
GLN OXT HXT  sing N N 101 
GLU N   CA   sing N N 102 
GLU N   H    sing N N 103 
GLU N   H2   sing N N 104 
GLU CA  C    sing N N 105 
GLU CA  CB   sing N N 106 
GLU CA  HA   sing N N 107 
GLU C   O    doub N N 108 
GLU C   OXT  sing N N 109 
GLU CB  CG   sing N N 110 
GLU CB  HB2  sing N N 111 
GLU CB  HB3  sing N N 112 
GLU CG  CD   sing N N 113 
GLU CG  HG2  sing N N 114 
GLU CG  HG3  sing N N 115 
GLU CD  OE1  doub N N 116 
GLU CD  OE2  sing N N 117 
GLU OE2 HE2  sing N N 118 
GLU OXT HXT  sing N N 119 
GLY N   CA   sing N N 120 
GLY N   H    sing N N 121 
GLY N   H2   sing N N 122 
GLY CA  C    sing N N 123 
GLY CA  HA2  sing N N 124 
GLY CA  HA3  sing N N 125 
GLY C   O    doub N N 126 
GLY C   OXT  sing N N 127 
GLY OXT HXT  sing N N 128 
HIS N   CA   sing N N 129 
HIS N   H    sing N N 130 
HIS N   H2   sing N N 131 
HIS CA  C    sing N N 132 
HIS CA  CB   sing N N 133 
HIS CA  HA   sing N N 134 
HIS C   O    doub N N 135 
HIS C   OXT  sing N N 136 
HIS CB  CG   sing N N 137 
HIS CB  HB2  sing N N 138 
HIS CB  HB3  sing N N 139 
HIS CG  ND1  sing Y N 140 
HIS CG  CD2  doub Y N 141 
HIS ND1 CE1  doub Y N 142 
HIS ND1 HD1  sing N N 143 
HIS CD2 NE2  sing Y N 144 
HIS CD2 HD2  sing N N 145 
HIS CE1 NE2  sing Y N 146 
HIS CE1 HE1  sing N N 147 
HIS NE2 HE2  sing N N 148 
HIS OXT HXT  sing N N 149 
HOH O   H1   sing N N 150 
HOH O   H2   sing N N 151 
ILE N   CA   sing N N 152 
ILE N   H    sing N N 153 
ILE N   H2   sing N N 154 
ILE CA  C    sing N N 155 
ILE CA  CB   sing N N 156 
ILE CA  HA   sing N N 157 
ILE C   O    doub N N 158 
ILE C   OXT  sing N N 159 
ILE CB  CG1  sing N N 160 
ILE CB  CG2  sing N N 161 
ILE CB  HB   sing N N 162 
ILE CG1 CD1  sing N N 163 
ILE CG1 HG12 sing N N 164 
ILE CG1 HG13 sing N N 165 
ILE CG2 HG21 sing N N 166 
ILE CG2 HG22 sing N N 167 
ILE CG2 HG23 sing N N 168 
ILE CD1 HD11 sing N N 169 
ILE CD1 HD12 sing N N 170 
ILE CD1 HD13 sing N N 171 
ILE OXT HXT  sing N N 172 
LEU N   CA   sing N N 173 
LEU N   H    sing N N 174 
LEU N   H2   sing N N 175 
LEU CA  C    sing N N 176 
LEU CA  CB   sing N N 177 
LEU CA  HA   sing N N 178 
LEU C   O    doub N N 179 
LEU C   OXT  sing N N 180 
LEU CB  CG   sing N N 181 
LEU CB  HB2  sing N N 182 
LEU CB  HB3  sing N N 183 
LEU CG  CD1  sing N N 184 
LEU CG  CD2  sing N N 185 
LEU CG  HG   sing N N 186 
LEU CD1 HD11 sing N N 187 
LEU CD1 HD12 sing N N 188 
LEU CD1 HD13 sing N N 189 
LEU CD2 HD21 sing N N 190 
LEU CD2 HD22 sing N N 191 
LEU CD2 HD23 sing N N 192 
LEU OXT HXT  sing N N 193 
LYS N   CA   sing N N 194 
LYS N   H    sing N N 195 
LYS N   H2   sing N N 196 
LYS CA  C    sing N N 197 
LYS CA  CB   sing N N 198 
LYS CA  HA   sing N N 199 
LYS C   O    doub N N 200 
LYS C   OXT  sing N N 201 
LYS CB  CG   sing N N 202 
LYS CB  HB2  sing N N 203 
LYS CB  HB3  sing N N 204 
LYS CG  CD   sing N N 205 
LYS CG  HG2  sing N N 206 
LYS CG  HG3  sing N N 207 
LYS CD  CE   sing N N 208 
LYS CD  HD2  sing N N 209 
LYS CD  HD3  sing N N 210 
LYS CE  NZ   sing N N 211 
LYS CE  HE2  sing N N 212 
LYS CE  HE3  sing N N 213 
LYS NZ  HZ1  sing N N 214 
LYS NZ  HZ2  sing N N 215 
LYS NZ  HZ3  sing N N 216 
LYS OXT HXT  sing N N 217 
MET N   CA   sing N N 218 
MET N   H    sing N N 219 
MET N   H2   sing N N 220 
MET CA  C    sing N N 221 
MET CA  CB   sing N N 222 
MET CA  HA   sing N N 223 
MET C   O    doub N N 224 
MET C   OXT  sing N N 225 
MET CB  CG   sing N N 226 
MET CB  HB2  sing N N 227 
MET CB  HB3  sing N N 228 
MET CG  SD   sing N N 229 
MET CG  HG2  sing N N 230 
MET CG  HG3  sing N N 231 
MET SD  CE   sing N N 232 
MET CE  HE1  sing N N 233 
MET CE  HE2  sing N N 234 
MET CE  HE3  sing N N 235 
MET OXT HXT  sing N N 236 
NZG C7  C6   doub Y N 237 
NZG C7  C8   sing Y N 238 
NZG F1  C8   sing N N 239 
NZG C6  C5   sing Y N 240 
NZG C8  C3   doub Y N 241 
NZG O2  C9   doub N N 242 
NZG C5  C9   sing N N 243 
NZG C5  C4   doub Y N 244 
NZG C3  C4   sing Y N 245 
NZG C3  N1   sing N N 246 
NZG C9  O3   sing N N 247 
NZG N1  C2   sing N N 248 
NZG O1  C2   doub N N 249 
NZG C2  C1   sing N N 250 
NZG N1  H1   sing N N 251 
NZG C4  H2   sing N N 252 
NZG C6  H3   sing N N 253 
NZG C7  H4   sing N N 254 
NZG C1  H5   sing N N 255 
NZG C1  H6   sing N N 256 
NZG C1  H7   sing N N 257 
NZG O3  H8   sing N N 258 
PHE N   CA   sing N N 259 
PHE N   H    sing N N 260 
PHE N   H2   sing N N 261 
PHE CA  C    sing N N 262 
PHE CA  CB   sing N N 263 
PHE CA  HA   sing N N 264 
PHE C   O    doub N N 265 
PHE C   OXT  sing N N 266 
PHE CB  CG   sing N N 267 
PHE CB  HB2  sing N N 268 
PHE CB  HB3  sing N N 269 
PHE CG  CD1  doub Y N 270 
PHE CG  CD2  sing Y N 271 
PHE CD1 CE1  sing Y N 272 
PHE CD1 HD1  sing N N 273 
PHE CD2 CE2  doub Y N 274 
PHE CD2 HD2  sing N N 275 
PHE CE1 CZ   doub Y N 276 
PHE CE1 HE1  sing N N 277 
PHE CE2 CZ   sing Y N 278 
PHE CE2 HE2  sing N N 279 
PHE CZ  HZ   sing N N 280 
PHE OXT HXT  sing N N 281 
PRO N   CA   sing N N 282 
PRO N   CD   sing N N 283 
PRO N   H    sing N N 284 
PRO CA  C    sing N N 285 
PRO CA  CB   sing N N 286 
PRO CA  HA   sing N N 287 
PRO C   O    doub N N 288 
PRO C   OXT  sing N N 289 
PRO CB  CG   sing N N 290 
PRO CB  HB2  sing N N 291 
PRO CB  HB3  sing N N 292 
PRO CG  CD   sing N N 293 
PRO CG  HG2  sing N N 294 
PRO CG  HG3  sing N N 295 
PRO CD  HD2  sing N N 296 
PRO CD  HD3  sing N N 297 
PRO OXT HXT  sing N N 298 
SER N   CA   sing N N 299 
SER N   H    sing N N 300 
SER N   H2   sing N N 301 
SER CA  C    sing N N 302 
SER CA  CB   sing N N 303 
SER CA  HA   sing N N 304 
SER C   O    doub N N 305 
SER C   OXT  sing N N 306 
SER CB  OG   sing N N 307 
SER CB  HB2  sing N N 308 
SER CB  HB3  sing N N 309 
SER OG  HG   sing N N 310 
SER OXT HXT  sing N N 311 
THR N   CA   sing N N 312 
THR N   H    sing N N 313 
THR N   H2   sing N N 314 
THR CA  C    sing N N 315 
THR CA  CB   sing N N 316 
THR CA  HA   sing N N 317 
THR C   O    doub N N 318 
THR C   OXT  sing N N 319 
THR CB  OG1  sing N N 320 
THR CB  CG2  sing N N 321 
THR CB  HB   sing N N 322 
THR OG1 HG1  sing N N 323 
THR CG2 HG21 sing N N 324 
THR CG2 HG22 sing N N 325 
THR CG2 HG23 sing N N 326 
THR OXT HXT  sing N N 327 
TRP N   CA   sing N N 328 
TRP N   H    sing N N 329 
TRP N   H2   sing N N 330 
TRP CA  C    sing N N 331 
TRP CA  CB   sing N N 332 
TRP CA  HA   sing N N 333 
TRP C   O    doub N N 334 
TRP C   OXT  sing N N 335 
TRP CB  CG   sing N N 336 
TRP CB  HB2  sing N N 337 
TRP CB  HB3  sing N N 338 
TRP CG  CD1  doub Y N 339 
TRP CG  CD2  sing Y N 340 
TRP CD1 NE1  sing Y N 341 
TRP CD1 HD1  sing N N 342 
TRP CD2 CE2  doub Y N 343 
TRP CD2 CE3  sing Y N 344 
TRP NE1 CE2  sing Y N 345 
TRP NE1 HE1  sing N N 346 
TRP CE2 CZ2  sing Y N 347 
TRP CE3 CZ3  doub Y N 348 
TRP CE3 HE3  sing N N 349 
TRP CZ2 CH2  doub Y N 350 
TRP CZ2 HZ2  sing N N 351 
TRP CZ3 CH2  sing Y N 352 
TRP CZ3 HZ3  sing N N 353 
TRP CH2 HH2  sing N N 354 
TRP OXT HXT  sing N N 355 
TYR N   CA   sing N N 356 
TYR N   H    sing N N 357 
TYR N   H2   sing N N 358 
TYR CA  C    sing N N 359 
TYR CA  CB   sing N N 360 
TYR CA  HA   sing N N 361 
TYR C   O    doub N N 362 
TYR C   OXT  sing N N 363 
TYR CB  CG   sing N N 364 
TYR CB  HB2  sing N N 365 
TYR CB  HB3  sing N N 366 
TYR CG  CD1  doub Y N 367 
TYR CG  CD2  sing Y N 368 
TYR CD1 CE1  sing Y N 369 
TYR CD1 HD1  sing N N 370 
TYR CD2 CE2  doub Y N 371 
TYR CD2 HD2  sing N N 372 
TYR CE1 CZ   doub Y N 373 
TYR CE1 HE1  sing N N 374 
TYR CE2 CZ   sing Y N 375 
TYR CE2 HE2  sing N N 376 
TYR CZ  OH   sing N N 377 
TYR OH  HH   sing N N 378 
TYR OXT HXT  sing N N 379 
VAL N   CA   sing N N 380 
VAL N   H    sing N N 381 
VAL N   H2   sing N N 382 
VAL CA  C    sing N N 383 
VAL CA  CB   sing N N 384 
VAL CA  HA   sing N N 385 
VAL C   O    doub N N 386 
VAL C   OXT  sing N N 387 
VAL CB  CG1  sing N N 388 
VAL CB  CG2  sing N N 389 
VAL CB  HB   sing N N 390 
VAL CG1 HG11 sing N N 391 
VAL CG1 HG12 sing N N 392 
VAL CG1 HG13 sing N N 393 
VAL CG2 HG21 sing N N 394 
VAL CG2 HG22 sing N N 395 
VAL CG2 HG23 sing N N 396 
VAL OXT HXT  sing N N 397 
# 
_pdbx_deposit_group.group_id            G_1002080 
_pdbx_deposit_group.group_description   
;Human Brachyury screened against the DSI-poised Fragment Library by X-ray Crystallography at the XChem facility of Diamond Light Source beamline I04-1
;
_pdbx_deposit_group.group_title         'PanDDA analysis group deposition' 
_pdbx_deposit_group.group_type          'changed state' 
# 
_pdbx_entity_instance_feature.ordinal        1 
_pdbx_entity_instance_feature.comp_id        NZG 
_pdbx_entity_instance_feature.asym_id        ? 
_pdbx_entity_instance_feature.seq_num        ? 
_pdbx_entity_instance_feature.auth_comp_id   NZG 
_pdbx_entity_instance_feature.auth_asym_id   ? 
_pdbx_entity_instance_feature.auth_seq_num   ? 
_pdbx_entity_instance_feature.feature_type   'SUBJECT OF INVESTIGATION' 
_pdbx_entity_instance_feature.details        ? 
# 
_atom_sites.entry_id                    5QRX 
_atom_sites.fract_transf_matrix[1][1]   0.01657699 
_atom_sites.fract_transf_matrix[1][2]   -0.00093396 
_atom_sites.fract_transf_matrix[1][3]   0.00238006 
_atom_sites.fract_transf_matrix[2][1]   0.00121940 
_atom_sites.fract_transf_matrix[2][2]   -0.01083559 
_atom_sites.fract_transf_matrix[2][3]   -0.01274506 
_atom_sites.fract_transf_matrix[3][1]   0.00121746 
_atom_sites.fract_transf_matrix[3][2]   0.00691786 
_atom_sites.fract_transf_matrix[3][3]   -0.00576494 
_atom_sites.fract_transf_vector[1]      0.345103 
_atom_sites.fract_transf_vector[2]      -0.018259 
_atom_sites.fract_transf_vector[3]      0.060434 
# 
loop_
_atom_type.symbol 
C  
CD 
F  
N  
O  
S  
# 
loop_
_atom_site.group_PDB 
_atom_site.id 
_atom_site.type_symbol 
_atom_site.label_atom_id 
_atom_site.label_alt_id 
_atom_site.label_comp_id 
_atom_site.label_asym_id 
_atom_site.label_entity_id 
_atom_site.label_seq_id 
_atom_site.pdbx_PDB_ins_code 
_atom_site.Cartn_x 
_atom_site.Cartn_y 
_atom_site.Cartn_z 
_atom_site.occupancy 
_atom_site.B_iso_or_equiv 
_atom_site.pdbx_formal_charge 
_atom_site.auth_seq_id 
_atom_site.auth_comp_id 
_atom_site.auth_asym_id 
_atom_site.auth_atom_id 
_atom_site.pdbx_PDB_model_num 
ATOM   1    N  N   . GLU A 1 2   ? 18.108  14.539  7.963   1.00 78.75  ?  41  GLU A N   1 
ATOM   2    C  CA  . GLU A 1 2   ? 17.689  13.121  8.149   1.00 79.08  ?  41  GLU A CA  1 
ATOM   3    C  C   . GLU A 1 2   ? 16.304  12.929  7.511   1.00 68.65  ?  41  GLU A C   1 
ATOM   4    O  O   . GLU A 1 2   ? 15.350  13.618  7.920   1.00 67.28  ?  41  GLU A O   1 
ATOM   5    C  CB  . GLU A 1 2   ? 17.706  12.751  9.637   1.00 88.77  ?  41  GLU A CB  1 
ATOM   6    C  CG  . GLU A 1 2   ? 18.041  11.290  9.911   1.00 93.55  ?  41  GLU A CG  1 
ATOM   7    C  CD  . GLU A 1 2   ? 19.526  10.949  9.904   1.00 100.41 ?  41  GLU A CD  1 
ATOM   8    O  OE1 . GLU A 1 2   ? 20.005  10.330  10.883  1.00 101.00 ?  41  GLU A OE1 1 
ATOM   9    O  OE2 . GLU A 1 2   ? 20.204  11.301  8.920   1.00 105.10 ?  41  GLU A OE2 1 
ATOM   10   N  N   . LEU A 1 3   ? 16.221  12.039  6.521   1.00 64.02  ?  42  LEU A N   1 
ATOM   11   C  CA  . LEU A 1 3   ? 14.980  11.694  5.776   1.00 62.19  ?  42  LEU A CA  1 
ATOM   12   C  C   . LEU A 1 3   ? 13.950  11.092  6.742   1.00 59.21  ?  42  LEU A C   1 
ATOM   13   O  O   . LEU A 1 3   ? 14.210  10.001  7.247   1.00 61.11  ?  42  LEU A O   1 
ATOM   14   C  CB  . LEU A 1 3   ? 15.367  10.716  4.661   1.00 59.73  ?  42  LEU A CB  1 
ATOM   15   C  CG  . LEU A 1 3   ? 14.241  10.214  3.759   1.00 64.24  ?  42  LEU A CG  1 
ATOM   16   C  CD1 . LEU A 1 3   ? 13.124  11.236  3.615   1.00 66.31  ?  42  LEU A CD1 1 
ATOM   17   C  CD2 . LEU A 1 3   ? 14.798  9.846   2.392   1.00 68.53  ?  42  LEU A CD2 1 
ATOM   18   N  N   . ARG A 1 4   ? 12.867  11.817  7.034   1.00 55.79  ?  43  ARG A N   1 
ATOM   19   C  CA  . ARG A 1 4   ? 11.750  11.365  7.901   1.00 54.15  ?  43  ARG A CA  1 
ATOM   20   C  C   . ARG A 1 4   ? 10.561  11.000  7.001   1.00 55.25  ?  43  ARG A C   1 
ATOM   21   O  O   . ARG A 1 4   ? 10.182  11.818  6.131   1.00 53.69  ?  43  ARG A O   1 
ATOM   22   C  CB  . ARG A 1 4   ? 11.380  12.447  8.920   1.00 53.85  ?  43  ARG A CB  1 
ATOM   23   N  N   . VAL A 1 5   ? 10.020  9.793   7.171   1.00 56.71  ?  44  VAL A N   1 
ATOM   24   C  CA  . VAL A 1 5   ? 8.827   9.282   6.433   1.00 53.10  ?  44  VAL A CA  1 
ATOM   25   C  C   . VAL A 1 5   ? 7.755   8.905   7.455   1.00 54.32  ?  44  VAL A C   1 
ATOM   26   O  O   . VAL A 1 5   ? 8.023   8.020   8.292   1.00 51.24  ?  44  VAL A O   1 
ATOM   27   C  CB  . VAL A 1 5   ? 9.186   8.078   5.543   1.00 57.11  ?  44  VAL A CB  1 
ATOM   28   C  CG1 . VAL A 1 5   ? 7.931   7.449   4.956   1.00 55.72  ?  44  VAL A CG1 1 
ATOM   29   C  CG2 . VAL A 1 5   ? 10.165  8.451   4.441   1.00 54.34  ?  44  VAL A CG2 1 
ATOM   30   N  N   . GLY A 1 6   ? 6.577   9.525   7.369   1.00 50.64  ?  45  GLY A N   1 
ATOM   31   C  CA  . GLY A 1 6   ? 5.482   9.333   8.333   1.00 53.83  ?  45  GLY A CA  1 
ATOM   32   C  C   . GLY A 1 6   ? 4.154   9.071   7.653   1.00 50.08  ?  45  GLY A C   1 
ATOM   33   O  O   . GLY A 1 6   ? 3.908   9.601   6.564   1.00 48.72  ?  45  GLY A O   1 
ATOM   34   N  N   . LEU A 1 7   ? 3.284   8.316   8.313   1.00 49.18  ?  46  LEU A N   1 
ATOM   35   C  CA  . LEU A 1 7   ? 1.953   7.982   7.763   1.00 44.01  ?  46  LEU A CA  1 
ATOM   36   C  C   . LEU A 1 7   ? 0.992   9.111   8.118   1.00 44.15  ?  46  LEU A C   1 
ATOM   37   O  O   . LEU A 1 7   ? 0.867   9.402   9.308   1.00 51.90  ?  46  LEU A O   1 
ATOM   38   C  CB  . LEU A 1 7   ? 1.511   6.646   8.361   1.00 47.31  ?  46  LEU A CB  1 
ATOM   39   C  CG  . LEU A 1 7   ? 0.147   6.163   7.894   1.00 41.24  ?  46  LEU A CG  1 
ATOM   40   C  CD1 . LEU A 1 7   ? 0.146   5.948   6.394   1.00 43.72  ?  46  LEU A CD1 1 
ATOM   41   C  CD2 . LEU A 1 7   ? -0.244  4.909   8.633   1.00 42.31  ?  46  LEU A CD2 1 
ATOM   42   N  N   . GLU A 1 8   ? 0.346   9.732   7.124   1.00 45.74  ?  47  GLU A N   1 
ATOM   43   C  CA  . GLU A 1 8   ? -0.729  10.732  7.340   1.00 45.55  ?  47  GLU A CA  1 
ATOM   44   C  C   . GLU A 1 8   ? -1.986  9.945   7.740   1.00 49.40  ?  47  GLU A C   1 
ATOM   45   O  O   . GLU A 1 8   ? -2.143  8.817   7.250   1.00 47.47  ?  47  GLU A O   1 
ATOM   46   C  CB  . GLU A 1 8   ? -0.884  11.604  6.086   1.00 53.76  ?  47  GLU A CB  1 
ATOM   47   C  CG  . GLU A 1 8   ? -2.021  12.615  6.151   1.00 64.56  ?  47  GLU A CG  1 
ATOM   48   C  CD  . GLU A 1 8   ? -1.760  13.878  6.963   1.00 68.61  ?  47  GLU A CD  1 
ATOM   49   O  OE1 . GLU A 1 8   ? -0.628  14.042  7.453   1.00 70.86  ?  47  GLU A OE1 1 
ATOM   50   O  OE2 . GLU A 1 8   ? -2.691  14.710  7.089   1.00 81.43  ?  47  GLU A OE2 1 
ATOM   51   N  N   . GLU A 1 9   ? -2.817  10.491  8.636   1.00 48.49  ?  48  GLU A N   1 
ATOM   52   C  CA  . GLU A 1 9   ? -4.086  9.867   9.107   1.00 51.13  ?  48  GLU A CA  1 
ATOM   53   C  C   . GLU A 1 9   ? -3.816  8.480   9.702   1.00 50.90  ?  48  GLU A C   1 
ATOM   54   O  O   . GLU A 1 9   ? -4.630  7.548   9.452   1.00 48.22  ?  48  GLU A O   1 
ATOM   55   C  CB  . GLU A 1 9   ? -5.089  9.756   7.957   1.00 54.53  ?  48  GLU A CB  1 
ATOM   56   C  CG  . GLU A 1 9   ? -5.481  11.102  7.377   1.00 61.65  ?  48  GLU A CG  1 
ATOM   57   C  CD  . GLU A 1 9   ? -6.366  11.029  6.147   1.00 65.21  ?  48  GLU A CD  1 
ATOM   58   O  OE1 . GLU A 1 9   ? -7.443  10.399  6.226   1.00 76.26  ?  48  GLU A OE1 1 
ATOM   59   O  OE2 . GLU A 1 9   ? -5.970  11.594  5.109   1.00 70.04  ?  48  GLU A OE2 1 
ATOM   60   N  N   . SER A 1 10  ? -2.750  8.324   10.493  1.00 48.30  ?  49  SER A N   1 
ATOM   61   C  CA  . SER A 1 10  ? -2.445  7.025   11.152  1.00 51.05  ?  49  SER A CA  1 
ATOM   62   C  C   . SER A 1 10  ? -3.608  6.613   12.068  1.00 46.14  ?  49  SER A C   1 
ATOM   63   O  O   . SER A 1 10  ? -3.851  5.407   12.148  1.00 52.25  ?  49  SER A O   1 
ATOM   64   C  CB  . SER A 1 10  ? -1.116  7.043   11.872  1.00 50.72  ?  49  SER A CB  1 
ATOM   65   O  OG  . SER A 1 10  ? -1.133  8.037   12.885  1.00 54.71  ?  49  SER A OG  1 
ATOM   66   N  N   . GLU A 1 11  ? -4.311  7.561   12.703  1.00 50.53  ?  50  GLU A N   1 
ATOM   67   C  CA  . GLU A 1 11  ? -5.465  7.289   13.623  1.00 58.16  ?  50  GLU A CA  1 
ATOM   68   C  C   . GLU A 1 11  ? -6.585  6.549   12.867  1.00 56.08  ?  50  GLU A C   1 
ATOM   69   O  O   . GLU A 1 11  ? -7.169  5.613   13.442  1.00 61.60  ?  50  GLU A O   1 
ATOM   70   C  CB  . GLU A 1 11  ? -6.003  8.578   14.263  1.00 57.20  ?  50  GLU A CB  1 
ATOM   71   C  CG  . GLU A 1 11  ? -7.030  9.352   13.438  1.00 66.66  ?  50  GLU A CG  1 
ATOM   72   C  CD  . GLU A 1 11  ? -8.507  9.075   13.725  1.00 67.61  ?  50  GLU A CD  1 
ATOM   73   O  OE1 . GLU A 1 11  ? -9.330  9.262   12.797  1.00 73.94  ?  50  GLU A OE1 1 
ATOM   74   O  OE2 . GLU A 1 11  ? -8.845  8.705   14.879  1.00 65.36  ?  50  GLU A OE2 1 
ATOM   75   N  N   . LEU A 1 12  ? -6.857  6.937   11.622  1.00 49.69  ?  51  LEU A N   1 
ATOM   76   C  CA  . LEU A 1 12  ? -7.900  6.320   10.757  1.00 53.87  ?  51  LEU A CA  1 
ATOM   77   C  C   . LEU A 1 12  ? -7.462  4.900   10.399  1.00 46.53  ?  51  LEU A C   1 
ATOM   78   O  O   . LEU A 1 12  ? -8.235  3.948   10.585  1.00 47.36  ?  51  LEU A O   1 
ATOM   79   C  CB  . LEU A 1 12  ? -8.082  7.174   9.497   1.00 57.86  ?  51  LEU A CB  1 
ATOM   80   C  CG  . LEU A 1 12  ? -9.106  6.642   8.490   1.00 62.70  ?  51  LEU A CG  1 
ATOM   81   C  CD1 . LEU A 1 12  ? -10.483 6.509   9.131   1.00 65.98  ?  51  LEU A CD1 1 
ATOM   82   C  CD2 . LEU A 1 12  ? -9.167  7.525   7.255   1.00 65.92  ?  51  LEU A CD2 1 
ATOM   83   N  N   . TRP A 1 13  ? -6.231  4.764   9.915   1.00 49.11  ?  52  TRP A N   1 
ATOM   84   C  CA  . TRP A 1 13  ? -5.646  3.456   9.539   1.00 43.16  ?  52  TRP A CA  1 
ATOM   85   C  C   . TRP A 1 13  ? -5.709  2.513   10.742  1.00 45.84  ?  52  TRP A C   1 
ATOM   86   O  O   . TRP A 1 13  ? -5.988  1.315   10.530  1.00 43.00  ?  52  TRP A O   1 
ATOM   87   C  CB  . TRP A 1 13  ? -4.226  3.632   9.001   1.00 39.28  ?  52  TRP A CB  1 
ATOM   88   C  CG  . TRP A 1 13  ? -4.160  4.038   7.563   1.00 36.84  ?  52  TRP A CG  1 
ATOM   89   C  CD1 . TRP A 1 13  ? -3.880  5.276   7.070   1.00 37.87  ?  52  TRP A CD1 1 
ATOM   90   C  CD2 . TRP A 1 13  ? -4.355  3.187   6.419   1.00 36.79  ?  52  TRP A CD2 1 
ATOM   91   N  NE1 . TRP A 1 13  ? -3.905  5.259   5.701   1.00 37.77  ?  52  TRP A NE1 1 
ATOM   92   C  CE2 . TRP A 1 13  ? -4.189  3.994   5.271   1.00 35.63  ?  52  TRP A CE2 1 
ATOM   93   C  CE3 . TRP A 1 13  ? -4.683  1.837   6.250   1.00 34.01  ?  52  TRP A CE3 1 
ATOM   94   C  CZ2 . TRP A 1 13  ? -4.275  3.476   3.977   1.00 39.47  ?  52  TRP A CZ2 1 
ATOM   95   C  CZ3 . TRP A 1 13  ? -4.783  1.323   4.970   1.00 37.88  ?  52  TRP A CZ3 1 
ATOM   96   C  CH2 . TRP A 1 13  ? -4.582  2.139   3.849   1.00 39.04  ?  52  TRP A CH2 1 
ATOM   97   N  N   . LEU A 1 14  ? -5.449  3.021   11.950  1.00 46.97  ?  53  LEU A N   1 
ATOM   98   C  CA  . LEU A 1 14  ? -5.457  2.195   13.197  1.00 51.93  ?  53  LEU A CA  1 
ATOM   99   C  C   . LEU A 1 14  ? -6.867  1.645   13.480  1.00 49.27  ?  53  LEU A C   1 
ATOM   100  O  O   . LEU A 1 14  ? -6.969  0.489   13.955  1.00 46.13  ?  53  LEU A O   1 
ATOM   101  C  CB  . LEU A 1 14  ? -4.925  3.036   14.366  1.00 59.49  ?  53  LEU A CB  1 
ATOM   102  C  CG  . LEU A 1 14  ? -3.448  2.836   14.735  1.00 70.19  ?  53  LEU A CG  1 
ATOM   103  C  CD1 . LEU A 1 14  ? -2.599  2.389   13.549  1.00 71.60  ?  53  LEU A CD1 1 
ATOM   104  C  CD2 . LEU A 1 14  ? -2.866  4.104   15.345  1.00 72.18  ?  53  LEU A CD2 1 
ATOM   105  N  N   . ARG A 1 15  ? -7.930  2.416   13.204  1.00 54.25  ?  54  ARG A N   1 
ATOM   106  C  CA  . ARG A 1 15  ? -9.325  1.914   13.338  1.00 55.26  ?  54  ARG A CA  1 
ATOM   107  C  C   . ARG A 1 15  ? -9.486  0.683   12.430  1.00 52.26  ?  54  ARG A C   1 
ATOM   108  O  O   . ARG A 1 15  ? -10.120 -0.295  12.848  1.00 49.92  ?  54  ARG A O   1 
ATOM   109  C  CB  . ARG A 1 15  ? -10.356 2.984   12.972  1.00 63.34  ?  54  ARG A CB  1 
ATOM   110  C  CG  . ARG A 1 15  ? -10.259 4.272   13.781  1.00 71.34  ?  54  ARG A CG  1 
ATOM   111  C  CD  . ARG A 1 15  ? -11.141 4.279   15.011  1.00 75.81  ?  54  ARG A CD  1 
ATOM   112  N  NE  . ARG A 1 15  ? -12.554 4.325   14.667  1.00 78.62  ?  54  ARG A NE  1 
ATOM   113  C  CZ  . ARG A 1 15  ? -13.203 5.414   14.266  1.00 80.88  ?  54  ARG A CZ  1 
ATOM   114  N  NH1 . ARG A 1 15  ? -12.575 6.574   14.137  1.00 83.85  ?  54  ARG A NH1 1 
ATOM   115  N  NH2 . ARG A 1 15  ? -14.489 5.332   13.982  1.00 85.45  ?  54  ARG A NH2 1 
ATOM   116  N  N   . PHE A 1 16  ? -8.937  0.728   11.217  1.00 44.30  ?  55  PHE A N   1 
ATOM   117  C  CA  . PHE A 1 16  ? -9.061  -0.373  10.223  1.00 44.61  ?  55  PHE A CA  1 
ATOM   118  C  C   . PHE A 1 16  ? -8.226  -1.563  10.680  1.00 45.20  ?  55  PHE A C   1 
ATOM   119  O  O   . PHE A 1 16  ? -8.766  -2.703  10.742  1.00 37.30  ?  55  PHE A O   1 
ATOM   120  C  CB  . PHE A 1 16  ? -8.678  0.103   8.823   1.00 42.22  ?  55  PHE A CB  1 
ATOM   121  C  CG  . PHE A 1 16  ? -9.746  0.931   8.169   1.00 42.68  ?  55  PHE A CG  1 
ATOM   122  C  CD1 . PHE A 1 16  ? -10.764 0.329   7.446   1.00 45.21  ?  55  PHE A CD1 1 
ATOM   123  C  CD2 . PHE A 1 16  ? -9.774  2.306   8.327   1.00 41.16  ?  55  PHE A CD2 1 
ATOM   124  C  CE1 . PHE A 1 16  ? -11.745 1.103   6.841   1.00 42.05  ?  55  PHE A CE1 1 
ATOM   125  C  CE2 . PHE A 1 16  ? -10.757 3.080   7.724   1.00 38.76  ?  55  PHE A CE2 1 
ATOM   126  C  CZ  . PHE A 1 16  ? -11.747 2.475   6.998   1.00 40.92  ?  55  PHE A CZ  1 
ATOM   127  N  N   . LYS A 1 17  ? -6.960  -1.305  11.035  1.00 44.53  ?  56  LYS A N   1 
ATOM   128  C  CA  . LYS A 1 17  ? -6.000  -2.366  11.438  1.00 45.72  ?  56  LYS A CA  1 
ATOM   129  C  C   . LYS A 1 17  ? -6.598  -3.176  12.600  1.00 41.46  ?  56  LYS A C   1 
ATOM   130  O  O   . LYS A 1 17  ? -6.552  -4.393  12.524  1.00 44.07  ?  56  LYS A O   1 
ATOM   131  C  CB  . LYS A 1 17  ? -4.603  -1.809  11.773  1.00 45.86  ?  56  LYS A CB  1 
ATOM   132  C  CG  . LYS A 1 17  ? -3.658  -2.868  12.318  1.00 50.47  ?  56  LYS A CG  1 
ATOM   133  C  CD  . LYS A 1 17  ? -2.258  -2.925  11.759  1.00 57.28  ?  56  LYS A CD  1 
ATOM   134  C  CE  . LYS A 1 17  ? -1.506  -4.121  12.311  1.00 58.69  ?  56  LYS A CE  1 
ATOM   135  N  NZ  . LYS A 1 17  ? -0.387  -4.547  11.432  1.00 71.57  ?  56  LYS A NZ  1 
ATOM   136  N  N   . GLU A 1 18  ? -7.162  -2.544  13.625  1.00 46.95  ?  57  GLU A N   1 
ATOM   137  C  CA  . GLU A 1 18  ? -7.602  -3.273  14.846  1.00 50.97  ?  57  GLU A CA  1 
ATOM   138  C  C   . GLU A 1 18  ? -8.826  -4.151  14.540  1.00 51.09  ?  57  GLU A C   1 
ATOM   139  O  O   . GLU A 1 18  ? -9.054  -5.071  15.324  1.00 55.17  ?  57  GLU A O   1 
ATOM   140  C  CB  . GLU A 1 18  ? -7.808  -2.320  16.023  1.00 58.37  ?  57  GLU A CB  1 
ATOM   141  C  CG  . GLU A 1 18  ? -8.938  -1.334  15.860  1.00 67.01  ?  57  GLU A CG  1 
ATOM   142  C  CD  . GLU A 1 18  ? -8.877  -0.165  16.833  1.00 79.34  ?  57  GLU A CD  1 
ATOM   143  O  OE1 . GLU A 1 18  ? -7.753  0.328   17.094  1.00 83.54  ?  57  GLU A OE1 1 
ATOM   144  O  OE2 . GLU A 1 18  ? -9.955  0.264   17.321  1.00 80.43  ?  57  GLU A OE2 1 
ATOM   145  N  N   . LEU A 1 19  ? -9.502  -3.971  13.394  1.00 50.75  ?  58  LEU A N   1 
ATOM   146  C  CA  . LEU A 1 19  ? -10.610 -4.856  12.916  1.00 49.68  ?  58  LEU A CA  1 
ATOM   147  C  C   . LEU A 1 19  ? -10.103 -5.887  11.905  1.00 44.68  ?  58  LEU A C   1 
ATOM   148  O  O   . LEU A 1 19  ? -10.920 -6.705  11.438  1.00 45.58  ?  58  LEU A O   1 
ATOM   149  C  CB  . LEU A 1 19  ? -11.686 -3.991  12.251  1.00 48.92  ?  58  LEU A CB  1 
ATOM   150  C  CG  . LEU A 1 19  ? -12.290 -2.889  13.121  1.00 51.97  ?  58  LEU A CG  1 
ATOM   151  C  CD1 . LEU A 1 19  ? -13.113 -1.923  12.279  1.00 54.19  ?  58  LEU A CD1 1 
ATOM   152  C  CD2 . LEU A 1 19  ? -13.131 -3.474  14.239  1.00 55.04  ?  58  LEU A CD2 1 
ATOM   153  N  N   . THR A 1 20  ? -8.828  -5.826  11.518  1.00 41.06  ?  59  THR A N   1 
ATOM   154  C  CA  . THR A 1 20  ? -8.263  -6.524  10.322  1.00 40.01  ?  59  THR A CA  1 
ATOM   155  C  C   . THR A 1 20  ? -8.803  -5.907  9.020   1.00 41.59  ?  59  THR A C   1 
ATOM   156  O  O   . THR A 1 20  ? -9.975  -6.187  8.607   1.00 41.21  ?  59  THR A O   1 
ATOM   157  C  CB  . THR A 1 20  ? -8.531  -8.031  10.327  1.00 41.92  ?  59  THR A CB  1 
ATOM   158  O  OG1 . THR A 1 20  ? -8.164  -8.586  11.583  1.00 47.32  ?  59  THR A OG1 1 
ATOM   159  C  CG2 . THR A 1 20  ? -7.807  -8.737  9.209   1.00 43.80  ?  59  THR A CG2 1 
ATOM   160  N  N   . ASN A 1 21  ? -7.957  -5.144  8.340   1.00 38.22  ?  60  ASN A N   1 
ATOM   161  C  CA  . ASN A 1 21  ? -8.322  -4.344  7.154   1.00 39.51  ?  60  ASN A CA  1 
ATOM   162  C  C   . ASN A 1 21  ? -8.484  -5.292  5.953   1.00 36.90  ?  60  ASN A C   1 
ATOM   163  O  O   . ASN A 1 21  ? -7.825  -6.341  5.890   1.00 36.31  ?  60  ASN A O   1 
ATOM   164  C  CB  . ASN A 1 21  ? -7.304  -3.216  6.945   1.00 39.39  ?  60  ASN A CB  1 
ATOM   165  C  CG  . ASN A 1 21  ? -7.840  -2.069  6.117   1.00 47.19  ?  60  ASN A CG  1 
ATOM   166  O  OD1 . ASN A 1 21  ? -8.993  -2.107  5.664   1.00 41.59  ?  60  ASN A OD1 1 
ATOM   167  N  ND2 . ASN A 1 21  ? -7.027  -1.032  5.949   1.00 41.19  ?  60  ASN A ND2 1 
ATOM   168  N  N   . GLU A 1 22  ? -9.350  -4.922  5.022   1.00 36.16  ?  61  GLU A N   1 
ATOM   169  C  CA  . GLU A 1 22  ? -9.582  -5.661  3.758   1.00 38.70  ?  61  GLU A CA  1 
ATOM   170  C  C   . GLU A 1 22  ? -9.543  -4.642  2.633   1.00 37.65  ?  61  GLU A C   1 
ATOM   171  O  O   . GLU A 1 22  ? -10.007 -3.517  2.871   1.00 39.42  ?  61  GLU A O   1 
ATOM   172  C  CB  . GLU A 1 22  ? -10.941 -6.368  3.794   1.00 40.35  ?  61  GLU A CB  1 
ATOM   173  C  CG  . GLU A 1 22  ? -11.171 -7.239  5.014   1.00 38.35  ?  61  GLU A CG  1 
ATOM   174  C  CD  . GLU A 1 22  ? -12.560 -7.868  5.129   1.00 39.94  ?  61  GLU A CD  1 
ATOM   175  O  OE1 . GLU A 1 22  ? -12.965 -8.237  6.243   1.00 38.32  ?  61  GLU A OE1 1 
ATOM   176  O  OE2 . GLU A 1 22  ? -13.230 -7.987  4.112   1.00 39.05  ?  61  GLU A OE2 1 
ATOM   177  N  N   . MET A 1 23  ? -8.982  -5.012  1.486   1.00 33.57  ?  62  MET A N   1 
ATOM   178  C  CA  . MET A 1 23  ? -8.969  -4.184  0.277   1.00 37.77  ?  62  MET A CA  1 
ATOM   179  C  C   . MET A 1 23  ? -9.519  -5.047  -0.841  1.00 40.37  ?  62  MET A C   1 
ATOM   180  O  O   . MET A 1 23  ? -9.124  -6.230  -0.940  1.00 36.53  ?  62  MET A O   1 
ATOM   181  C  CB  . MET A 1 23  ? -7.572  -3.674  -0.101  1.00 40.11  ?  62  MET A CB  1 
ATOM   182  C  CG  . MET A 1 23  ? -7.036  -2.670  0.869   1.00 40.75  ?  62  MET A CG  1 
ATOM   183  S  SD  . MET A 1 23  ? -7.860  -1.044  0.783   1.00 39.95  ?  62  MET A SD  1 
ATOM   184  C  CE  . MET A 1 23  ? -7.054  -0.326  2.211   1.00 36.54  ?  62  MET A CE  1 
ATOM   185  N  N   . ILE A 1 24  ? -10.481 -4.491  -1.571  1.00 37.98  ?  63  ILE A N   1 
ATOM   186  C  CA  . ILE A 1 24  ? -11.105 -5.176  -2.728  1.00 39.81  ?  63  ILE A CA  1 
ATOM   187  C  C   . ILE A 1 24  ? -10.102 -5.170  -3.863  1.00 39.25  ?  63  ILE A C   1 
ATOM   188  O  O   . ILE A 1 24  ? -9.520  -4.093  -4.157  1.00 37.86  ?  63  ILE A O   1 
ATOM   189  C  CB  . ILE A 1 24  ? -12.396 -4.498  -3.211  1.00 45.94  ?  63  ILE A CB  1 
ATOM   190  C  CG1 . ILE A 1 24  ? -13.377 -4.220  -2.078  1.00 46.62  ?  63  ILE A CG1 1 
ATOM   191  C  CG2 . ILE A 1 24  ? -13.001 -5.342  -4.322  1.00 48.99  ?  63  ILE A CG2 1 
ATOM   192  C  CD1 . ILE A 1 24  ? -14.095 -5.431  -1.582  1.00 50.83  ?  63  ILE A CD1 1 
ATOM   193  N  N   . VAL A 1 25  ? -9.973  -6.330  -4.489  1.00 38.68  ?  64  VAL A N   1 
ATOM   194  C  CA  . VAL A 1 25  ? -9.277  -6.548  -5.780  1.00 40.93  ?  64  VAL A CA  1 
ATOM   195  C  C   . VAL A 1 25  ? -10.322 -7.020  -6.804  1.00 40.44  ?  64  VAL A C   1 
ATOM   196  O  O   . VAL A 1 25  ? -11.229 -7.786  -6.433  1.00 41.80  ?  64  VAL A O   1 
ATOM   197  C  CB  . VAL A 1 25  ? -8.147  -7.564  -5.585  1.00 42.37  ?  64  VAL A CB  1 
ATOM   198  C  CG1 . VAL A 1 25  ? -7.175  -7.077  -4.523  1.00 41.73  ?  64  VAL A CG1 1 
ATOM   199  C  CG2 . VAL A 1 25  ? -8.682  -8.935  -5.240  1.00 43.96  ?  64  VAL A CG2 1 
ATOM   200  N  N   . THR A 1 26  ? -10.231 -6.534  -8.031  1.00 42.60  ?  65  THR A N   1 
ATOM   201  C  CA  . THR A 1 26  ? -11.206 -6.816  -9.121  1.00 51.36  ?  65  THR A CA  1 
ATOM   202  C  C   . THR A 1 26  ? -10.385 -7.148  -10.365 1.00 52.72  ?  65  THR A C   1 
ATOM   203  O  O   . THR A 1 26  ? -9.166  -6.836  -10.365 1.00 50.46  ?  65  THR A O   1 
ATOM   204  C  CB  . THR A 1 26  ? -12.143 -5.628  -9.402  1.00 42.95  ?  65  THR A CB  1 
ATOM   205  O  OG1 . THR A 1 26  ? -11.321 -4.606  -9.956  1.00 45.53  ?  65  THR A OG1 1 
ATOM   206  C  CG2 . THR A 1 26  ? -12.884 -5.094  -8.198  1.00 46.59  ?  65  THR A CG2 1 
ATOM   207  N  N   . LYS A 1 27  ? -11.005 -7.717  -11.397 1.00 56.74  ?  66  LYS A N   1 
ATOM   208  C  CA  . LYS A 1 27  ? -10.279 -8.056  -12.652 1.00 57.32  ?  66  LYS A CA  1 
ATOM   209  C  C   . LYS A 1 27  ? -9.681  -6.775  -13.235 1.00 50.98  ?  66  LYS A C   1 
ATOM   210  O  O   . LYS A 1 27  ? -8.540  -6.827  -13.725 1.00 56.24  ?  66  LYS A O   1 
ATOM   211  C  CB  . LYS A 1 27  ? -11.191 -8.748  -13.673 1.00 65.58  ?  66  LYS A CB  1 
ATOM   212  C  CG  . LYS A 1 27  ? -10.561 -8.948  -15.049 1.00 72.52  ?  66  LYS A CG  1 
ATOM   213  C  CD  . LYS A 1 27  ? -10.991 -10.221 -15.777 1.00 83.14  ?  66  LYS A CD  1 
ATOM   214  C  CE  . LYS A 1 27  ? -9.922  -10.780 -16.706 1.00 87.60  ?  66  LYS A CE  1 
ATOM   215  N  NZ  . LYS A 1 27  ? -9.762  -9.964  -17.934 1.00 92.13  ?  66  LYS A NZ  1 
ATOM   216  N  N   . ASN A 1 28  ? -10.424 -5.672  -13.181 1.00 53.91  ?  67  ASN A N   1 
ATOM   217  C  CA  . ASN A 1 28  ? -10.034 -4.389  -13.824 1.00 60.86  ?  67  ASN A CA  1 
ATOM   218  C  C   . ASN A 1 28  ? -9.304  -3.483  -12.831 1.00 60.98  ?  67  ASN A C   1 
ATOM   219  O  O   . ASN A 1 28  ? -8.701  -2.483  -13.273 1.00 58.31  ?  67  ASN A O   1 
ATOM   220  C  CB  . ASN A 1 28  ? -11.234 -3.697  -14.472 1.00 63.85  ?  67  ASN A CB  1 
ATOM   221  C  CG  . ASN A 1 28  ? -11.305 -4.024  -15.946 1.00 70.94  ?  67  ASN A CG  1 
ATOM   222  O  OD1 . ASN A 1 28  ? -11.481 -5.184  -16.324 1.00 66.90  ?  67  ASN A OD1 1 
ATOM   223  N  ND2 . ASN A 1 28  ? -11.101 -3.019  -16.780 1.00 77.00  ?  67  ASN A ND2 1 
ATOM   224  N  N   . GLY A 1 29  ? -9.324  -3.821  -11.543 1.00 60.25  ?  68  GLY A N   1 
ATOM   225  C  CA  . GLY A 1 29  ? -8.507  -3.111  -10.540 1.00 52.63  ?  68  GLY A CA  1 
ATOM   226  C  C   . GLY A 1 29  ? -9.341  -2.082  -9.821  1.00 51.52  ?  68  GLY A C   1 
ATOM   227  O  O   . GLY A 1 29  ? -10.146 -1.400  -10.490 1.00 52.77  ?  68  GLY A O   1 
ATOM   228  N  N   . ARG A 1 30  ? -9.174  -2.010  -8.504  1.00 42.74  ?  69  ARG A N   1 
ATOM   229  C  CA  . ARG A 1 30  ? -9.998  -1.203  -7.588  1.00 42.92  ?  69  ARG A CA  1 
ATOM   230  C  C   . ARG A 1 30  ? -9.037  -0.313  -6.813  1.00 45.40  ?  69  ARG A C   1 
ATOM   231  O  O   . ARG A 1 30  ? -8.013  -0.823  -6.358  1.00 35.93  ?  69  ARG A O   1 
ATOM   232  C  CB  . ARG A 1 30  ? -10.797 -2.120  -6.661  1.00 44.28  ?  69  ARG A CB  1 
ATOM   233  C  CG  . ARG A 1 30  ? -11.684 -1.396  -5.663  1.00 47.43  ?  69  ARG A CG  1 
ATOM   234  C  CD  . ARG A 1 30  ? -12.828 -0.656  -6.337  1.00 54.28  ?  69  ARG A CD  1 
ATOM   235  N  NE  . ARG A 1 30  ? -13.793 -1.562  -6.945  1.00 59.36  ?  69  ARG A NE  1 
ATOM   236  C  CZ  . ARG A 1 30  ? -14.817 -2.144  -6.306  1.00 61.66  ?  69  ARG A CZ  1 
ATOM   237  N  NH1 . ARG A 1 30  ? -15.625 -2.955  -6.971  1.00 65.38  ?  69  ARG A NH1 1 
ATOM   238  N  NH2 . ARG A 1 30  ? -15.025 -1.934  -5.014  1.00 56.20  ?  69  ARG A NH2 1 
ATOM   239  N  N   . ARG A 1 31  ? -9.364  0.968   -6.701  1.00 39.86  ?  70  ARG A N   1 
ATOM   240  C  CA  . ARG A 1 31  ? -8.579  1.924   -5.906  1.00 43.42  ?  70  ARG A CA  1 
ATOM   241  C  C   . ARG A 1 31  ? -8.745  1.589   -4.426  1.00 40.86  ?  70  ARG A C   1 
ATOM   242  O  O   . ARG A 1 31  ? -9.782  1.001   -4.056  1.00 41.12  ?  70  ARG A O   1 
ATOM   243  C  CB  . ARG A 1 31  ? -8.992  3.357   -6.241  1.00 44.68  ?  70  ARG A CB  1 
ATOM   244  C  CG  . ARG A 1 31  ? -8.243  3.881   -7.456  1.00 51.81  ?  70  ARG A CG  1 
ATOM   245  C  CD  . ARG A 1 31  ? -9.078  4.760   -8.355  1.00 65.45  ?  70  ARG A CD  1 
ATOM   246  N  NE  . ARG A 1 31  ? -9.102  6.157   -7.962  1.00 75.63  ?  70  ARG A NE  1 
ATOM   247  C  CZ  . ARG A 1 31  ? -9.885  7.077   -8.529  1.00 92.50  ?  70  ARG A CZ  1 
ATOM   248  N  NH1 . ARG A 1 31  ? -10.720 6.740   -9.503  1.00 101.31 ?  70  ARG A NH1 1 
ATOM   249  N  NH2 . ARG A 1 31  ? -9.835  8.331   -8.118  1.00 91.11  ?  70  ARG A NH2 1 
ATOM   250  N  N   . MET A 1 32  ? -7.757  2.012   -3.641  1.00 39.85  ?  71  MET A N   1 
ATOM   251  C  CA  . MET A 1 32  ? -7.658  1.767   -2.186  1.00 41.33  ?  71  MET A CA  1 
ATOM   252  C  C   . MET A 1 32  ? -8.453  2.821   -1.418  1.00 42.28  ?  71  MET A C   1 
ATOM   253  O  O   . MET A 1 32  ? -8.356  4.027   -1.723  1.00 45.23  ?  71  MET A O   1 
ATOM   254  C  CB  . MET A 1 32  ? -6.201  1.853   -1.716  1.00 40.02  ?  71  MET A CB  1 
ATOM   255  C  CG  . MET A 1 32  ? -5.342  0.715   -2.220  1.00 39.51  ?  71  MET A CG  1 
ATOM   256  S  SD  . MET A 1 32  ? -3.617  0.846   -1.678  1.00 38.63  ?  71  MET A SD  1 
ATOM   257  C  CE  . MET A 1 32  ? -3.761  0.598   0.087   1.00 38.71  ?  71  MET A CE  1 
ATOM   258  N  N   . PHE A 1 33  ? -9.132  2.381   -0.377  1.00 38.42  ?  72  PHE A N   1 
ATOM   259  C  CA  . PHE A 1 33  ? -9.608  3.264   0.710   1.00 40.19  ?  72  PHE A CA  1 
ATOM   260  C  C   . PHE A 1 33  ? -9.345  2.510   1.997   1.00 40.23  ?  72  PHE A C   1 
ATOM   261  O  O   . PHE A 1 33  ? -9.747  1.358   2.119   1.00 42.25  ?  72  PHE A O   1 
ATOM   262  C  CB  . PHE A 1 33  ? -11.091 3.659   0.591   1.00 42.77  ?  72  PHE A CB  1 
ATOM   263  C  CG  . PHE A 1 33  ? -11.462 4.673   1.652   1.00 43.31  ?  72  PHE A CG  1 
ATOM   264  C  CD1 . PHE A 1 33  ? -11.151 6.023   1.482   1.00 44.73  ?  72  PHE A CD1 1 
ATOM   265  C  CD2 . PHE A 1 33  ? -11.960 4.266   2.881   1.00 44.39  ?  72  PHE A CD2 1 
ATOM   266  C  CE1 . PHE A 1 33  ? -11.420 6.950   2.484   1.00 44.24  ?  72  PHE A CE1 1 
ATOM   267  C  CE2 . PHE A 1 33  ? -12.215 5.191   3.893   1.00 48.34  ?  72  PHE A CE2 1 
ATOM   268  C  CZ  . PHE A 1 33  ? -11.956 6.532   3.685   1.00 47.43  ?  72  PHE A CZ  1 
ATOM   269  N  N   . PRO A 1 34  ? -8.705  3.130   3.006   1.00 41.02  ?  73  PRO A N   1 
ATOM   270  C  CA  . PRO A 1 34  ? -8.139  4.465   2.869   1.00 43.14  ?  73  PRO A CA  1 
ATOM   271  C  C   . PRO A 1 34  ? -6.976  4.495   1.874   1.00 38.77  ?  73  PRO A C   1 
ATOM   272  O  O   . PRO A 1 34  ? -6.418  3.475   1.549   1.00 41.14  ?  73  PRO A O   1 
ATOM   273  C  CB  . PRO A 1 34  ? -7.637  4.847   4.267   1.00 44.38  ?  73  PRO A CB  1 
ATOM   274  C  CG  . PRO A 1 34  ? -8.251  3.819   5.195   1.00 41.52  ?  73  PRO A CG  1 
ATOM   275  C  CD  . PRO A 1 34  ? -8.577  2.599   4.366   1.00 41.52  ?  73  PRO A CD  1 
ATOM   276  N  N   . VAL A 1 35  ? -6.673  5.691   1.397   1.00 39.36  ?  74  VAL A N   1 
ATOM   277  C  CA  . VAL A 1 35  ? -5.509  5.966   0.524   1.00 37.89  ?  74  VAL A CA  1 
ATOM   278  C  C   . VAL A 1 35  ? -4.268  6.081   1.400   1.00 35.35  ?  74  VAL A C   1 
ATOM   279  O  O   . VAL A 1 35  ? -4.320  6.768   2.445   1.00 36.35  ?  74  VAL A O   1 
ATOM   280  C  CB  . VAL A 1 35  ? -5.724  7.242   -0.307  1.00 41.99  ?  74  VAL A CB  1 
ATOM   281  C  CG1 . VAL A 1 35  ? -4.444  7.655   -1.007  1.00 41.51  ?  74  VAL A CG1 1 
ATOM   282  C  CG2 . VAL A 1 35  ? -6.853  7.060   -1.311  1.00 46.17  ?  74  VAL A CG2 1 
ATOM   283  N  N   . LEU A 1 36  ? -3.179  5.469   0.953   1.00 37.61  ?  75  LEU A N   1 
ATOM   284  C  CA  . LEU A 1 36  ? -1.830  5.674   1.553   1.00 38.86  ?  75  LEU A CA  1 
ATOM   285  C  C   . LEU A 1 36  ? -1.373  7.112   1.280   1.00 40.39  ?  75  LEU A C   1 
ATOM   286  O  O   . LEU A 1 36  ? -1.124  7.477   0.101   1.00 36.40  ?  75  LEU A O   1 
ATOM   287  C  CB  . LEU A 1 36  ? -0.846  4.662   0.964   1.00 39.90  ?  75  LEU A CB  1 
ATOM   288  C  CG  . LEU A 1 36  ? 0.581   4.743   1.512   1.00 44.51  ?  75  LEU A CG  1 
ATOM   289  C  CD1 . LEU A 1 36  ? 0.630   4.438   3.005   1.00 43.73  ?  75  LEU A CD1 1 
ATOM   290  C  CD2 . LEU A 1 36  ? 1.484   3.785   0.754   1.00 45.51  ?  75  LEU A CD2 1 
ATOM   291  N  N   . LYS A 1 37  ? -1.226  7.904   2.335   1.00 40.58  ?  76  LYS A N   1 
ATOM   292  C  CA  . LYS A 1 37  ? -0.701  9.290   2.238   1.00 43.12  ?  76  LYS A CA  1 
ATOM   293  C  C   . LYS A 1 37  ? 0.507   9.379   3.164   1.00 41.94  ?  76  LYS A C   1 
ATOM   294  O  O   . LYS A 1 37  ? 0.374   8.951   4.336   1.00 41.94  ?  76  LYS A O   1 
ATOM   295  C  CB  . LYS A 1 37  ? -1.777  10.305  2.611   1.00 45.43  ?  76  LYS A CB  1 
ATOM   296  C  CG  . LYS A 1 37  ? -2.948  10.310  1.648   1.00 50.08  ?  76  LYS A CG  1 
ATOM   297  C  CD  . LYS A 1 37  ? -4.071  11.202  2.068   1.00 53.22  ?  76  LYS A CD  1 
ATOM   298  C  CE  . LYS A 1 37  ? -5.230  11.083  1.105   1.00 58.26  ?  76  LYS A CE  1 
ATOM   299  N  NZ  . LYS A 1 37  ? -6.280  12.078  1.419   1.00 68.34  ?  76  LYS A NZ  1 
ATOM   300  N  N   . VAL A 1 38  ? 1.627   9.885   2.658   1.00 40.52  ?  77  VAL A N   1 
ATOM   301  C  CA  . VAL A 1 38  ? 2.931   9.831   3.383   1.00 48.49  ?  77  VAL A CA  1 
ATOM   302  C  C   . VAL A 1 38  ? 3.493   11.248  3.514   1.00 47.91  ?  77  VAL A C   1 
ATOM   303  O  O   . VAL A 1 38  ? 3.586   11.949  2.493   1.00 47.80  ?  77  VAL A O   1 
ATOM   304  C  CB  . VAL A 1 38  ? 3.924   8.886   2.692   1.00 49.65  ?  77  VAL A CB  1 
ATOM   305  C  CG1 . VAL A 1 38  ? 3.316   7.505   2.496   1.00 54.56  ?  77  VAL A CG1 1 
ATOM   306  C  CG2 . VAL A 1 38  ? 4.395   9.438   1.371   1.00 57.31  ?  77  VAL A CG2 1 
ATOM   307  N  N   . ASN A 1 39  ? 3.815   11.634  4.744   1.00 48.48  ?  78  ASN A N   1 
ATOM   308  C  CA  . ASN A 1 39  ? 4.515   12.892  5.090   1.00 47.61  ?  78  ASN A CA  1 
ATOM   309  C  C   . ASN A 1 39  ? 6.009   12.600  5.002   1.00 48.36  ?  78  ASN A C   1 
ATOM   310  O  O   . ASN A 1 39  ? 6.447   11.616  5.614   1.00 44.78  ?  78  ASN A O   1 
ATOM   311  C  CB  . ASN A 1 39  ? 4.078   13.402  6.464   1.00 54.27  ?  78  ASN A CB  1 
ATOM   312  C  CG  . ASN A 1 39  ? 2.598   13.716  6.497   1.00 57.37  ?  78  ASN A CG  1 
ATOM   313  O  OD1 . ASN A 1 39  ? 2.069   14.341  5.581   1.00 60.16  ?  78  ASN A OD1 1 
ATOM   314  N  ND2 . ASN A 1 39  ? 1.916   13.266  7.534   1.00 65.30  ?  78  ASN A ND2 1 
ATOM   315  N  N   . VAL A 1 40  ? 6.735   13.390  4.215   1.00 46.22  ?  79  VAL A N   1 
ATOM   316  C  CA  . VAL A 1 40  ? 8.189   13.213  3.952   1.00 47.04  ?  79  VAL A CA  1 
ATOM   317  C  C   . VAL A 1 40  ? 8.874   14.532  4.268   1.00 50.91  ?  79  VAL A C   1 
ATOM   318  O  O   . VAL A 1 40  ? 8.401   15.569  3.762   1.00 49.49  ?  79  VAL A O   1 
ATOM   319  C  CB  . VAL A 1 40  ? 8.469   12.828  2.492   1.00 50.60  ?  79  VAL A CB  1 
ATOM   320  C  CG1 . VAL A 1 40  ? 9.952   12.636  2.245   1.00 52.12  ?  79  VAL A CG1 1 
ATOM   321  C  CG2 . VAL A 1 40  ? 7.697   11.582  2.100   1.00 53.70  ?  79  VAL A CG2 1 
ATOM   322  N  N   . SER A 1 41  ? 9.938   14.484  5.067   1.00 48.48  ?  80  SER A N   1 
ATOM   323  C  CA  . SER A 1 41  ? 10.825  15.648  5.306   1.00 52.56  ?  80  SER A CA  1 
ATOM   324  C  C   . SER A 1 41  ? 12.269  15.164  5.296   1.00 48.94  ?  80  SER A C   1 
ATOM   325  O  O   . SER A 1 41  ? 12.496  13.955  5.436   1.00 60.14  ?  80  SER A O   1 
ATOM   326  C  CB  . SER A 1 41  ? 10.453  16.363  6.575   1.00 51.02  ?  80  SER A CB  1 
ATOM   327  O  OG  . SER A 1 41  ? 10.685  15.559  7.712   1.00 51.94  ?  80  SER A OG  1 
ATOM   328  N  N   . GLY A 1 42  ? 13.213  16.070  5.080   1.00 53.92  ?  81  GLY A N   1 
ATOM   329  C  CA  . GLY A 1 42  ? 14.649  15.749  5.113   1.00 47.15  ?  81  GLY A CA  1 
ATOM   330  C  C   . GLY A 1 42  ? 15.149  15.321  3.754   1.00 47.68  ?  81  GLY A C   1 
ATOM   331  O  O   . GLY A 1 42  ? 16.248  14.768  3.696   1.00 51.82  ?  81  GLY A O   1 
ATOM   332  N  N   . LEU A 1 43  ? 14.371  15.530  2.686   1.00 48.36  ?  82  LEU A N   1 
ATOM   333  C  CA  . LEU A 1 43  ? 14.890  15.340  1.303   1.00 50.29  ?  82  LEU A CA  1 
ATOM   334  C  C   . LEU A 1 43  ? 15.719  16.578  0.926   1.00 50.94  ?  82  LEU A C   1 
ATOM   335  O  O   . LEU A 1 43  ? 15.554  17.635  1.563   1.00 52.82  ?  82  LEU A O   1 
ATOM   336  C  CB  . LEU A 1 43  ? 13.739  15.168  0.308   1.00 55.85  ?  82  LEU A CB  1 
ATOM   337  C  CG  . LEU A 1 43  ? 12.928  13.879  0.409   1.00 56.49  ?  82  LEU A CG  1 
ATOM   338  C  CD1 . LEU A 1 43  ? 11.779  13.907  -0.588  1.00 58.03  ?  82  LEU A CD1 1 
ATOM   339  C  CD2 . LEU A 1 43  ? 13.803  12.667  0.155   1.00 53.00  ?  82  LEU A CD2 1 
ATOM   340  N  N   . ASP A 1 44  ? 16.555  16.456  -0.097  1.00 51.23  ?  83  ASP A N   1 
ATOM   341  C  CA  . ASP A 1 44  ? 17.253  17.613  -0.713  1.00 53.04  ?  83  ASP A CA  1 
ATOM   342  C  C   . ASP A 1 44  ? 16.245  18.334  -1.612  1.00 51.98  ?  83  ASP A C   1 
ATOM   343  O  O   . ASP A 1 44  ? 15.824  17.802  -2.638  1.00 54.63  ?  83  ASP A O   1 
ATOM   344  C  CB  . ASP A 1 44  ? 18.543  17.149  -1.393  1.00 54.28  ?  83  ASP A CB  1 
ATOM   345  C  CG  . ASP A 1 44  ? 19.361  18.302  -1.950  1.00 53.25  ?  83  ASP A CG  1 
ATOM   346  O  OD1 . ASP A 1 44  ? 18.778  19.398  -2.134  1.00 50.03  ?  83  ASP A OD1 1 
ATOM   347  O  OD2 . ASP A 1 44  ? 20.563  18.087  -2.194  1.00 52.49  ?  83  ASP A OD2 1 
ATOM   348  N  N   . PRO A 1 45  ? 15.791  19.557  -1.246  1.00 55.60  ?  84  PRO A N   1 
ATOM   349  C  CA  . PRO A 1 45  ? 14.738  20.239  -1.992  1.00 53.62  ?  84  PRO A CA  1 
ATOM   350  C  C   . PRO A 1 45  ? 15.004  20.277  -3.499  1.00 55.24  ?  84  PRO A C   1 
ATOM   351  O  O   . PRO A 1 45  ? 14.049  20.325  -4.253  1.00 58.40  ?  84  PRO A O   1 
ATOM   352  C  CB  . PRO A 1 45  ? 14.757  21.671  -1.434  1.00 54.58  ?  84  PRO A CB  1 
ATOM   353  C  CG  . PRO A 1 45  ? 15.273  21.503  -0.025  1.00 56.26  ?  84  PRO A CG  1 
ATOM   354  C  CD  . PRO A 1 45  ? 16.258  20.351  -0.097  1.00 58.29  ?  84  PRO A CD  1 
ATOM   355  N  N   . ASN A 1 46  ? 16.283  20.263  -3.884  1.00 58.19  ?  85  ASN A N   1 
ATOM   356  C  CA  . ASN A 1 46  ? 16.752  20.452  -5.284  1.00 55.18  ?  85  ASN A CA  1 
ATOM   357  C  C   . ASN A 1 46  ? 17.089  19.115  -5.927  1.00 51.71  ?  85  ASN A C   1 
ATOM   358  O  O   . ASN A 1 46  ? 17.197  19.078  -7.168  1.00 52.85  ?  85  ASN A O   1 
ATOM   359  C  CB  . ASN A 1 46  ? 17.965  21.387  -5.321  1.00 57.15  ?  85  ASN A CB  1 
ATOM   360  C  CG  . ASN A 1 46  ? 17.567  22.737  -4.778  1.00 58.32  ?  85  ASN A CG  1 
ATOM   361  O  OD1 . ASN A 1 46  ? 16.637  23.343  -5.300  1.00 61.78  ?  85  ASN A OD1 1 
ATOM   362  N  ND2 . ASN A 1 46  ? 18.194  23.163  -3.695  1.00 62.84  ?  85  ASN A ND2 1 
ATOM   363  N  N   . ALA A 1 47  ? 17.270  18.056  -5.137  1.00 52.57  ?  86  ALA A N   1 
ATOM   364  C  CA  . ALA A 1 47  ? 17.565  16.721  -5.691  1.00 48.56  ?  86  ALA A CA  1 
ATOM   365  C  C   . ALA A 1 47  ? 16.297  16.189  -6.354  1.00 46.74  ?  86  ALA A C   1 
ATOM   366  O  O   . ALA A 1 47  ? 15.207  16.731  -6.145  1.00 45.06  ?  86  ALA A O   1 
ATOM   367  C  CB  . ALA A 1 47  ? 18.110  15.775  -4.652  1.00 54.95  ?  86  ALA A CB  1 
ATOM   368  N  N   . MET A 1 48  ? 16.447  15.094  -7.100  0.62 52.08  ?  87  MET A N   1 
ATOM   369  C  CA  . MET A 1 48  ? 15.394  14.502  -7.962  0.62 53.42  ?  87  MET A CA  1 
ATOM   370  C  C   . MET A 1 48  ? 15.109  13.059  -7.519  0.62 49.83  ?  87  MET A C   1 
ATOM   371  O  O   . MET A 1 48  ? 16.053  12.240  -7.513  0.62 46.81  ?  87  MET A O   1 
ATOM   372  C  CB  . MET A 1 48  ? 15.871  14.532  -9.415  0.62 57.94  ?  87  MET A CB  1 
ATOM   373  C  CG  . MET A 1 48  ? 15.989  15.953  -9.956  0.62 62.70  ?  87  MET A CG  1 
ATOM   374  S  SD  . MET A 1 48  ? 14.618  16.480  -11.008 0.62 66.82  ?  87  MET A SD  1 
ATOM   375  C  CE  . MET A 1 48  ? 13.338  15.305  -10.573 0.62 61.09  ?  87  MET A CE  1 
ATOM   376  N  N   . TYR A 1 49  ? 13.849  12.772  -7.175  0.62 48.50  ?  88  TYR A N   1 
ATOM   377  C  CA  . TYR A 1 49  ? 13.394  11.486  -6.584  0.62 47.89  ?  88  TYR A CA  1 
ATOM   378  C  C   . TYR A 1 49  ? 12.164  10.963  -7.330  0.62 47.04  ?  88  TYR A C   1 
ATOM   379  O  O   . TYR A 1 49  ? 11.339  11.775  -7.775  0.62 48.04  ?  88  TYR A O   1 
ATOM   380  C  CB  . TYR A 1 49  ? 13.032  11.654  -5.106  0.62 49.14  ?  88  TYR A CB  1 
ATOM   381  C  CG  . TYR A 1 49  ? 14.099  12.286  -4.249  0.62 51.82  ?  88  TYR A CG  1 
ATOM   382  C  CD1 . TYR A 1 49  ? 15.186  11.553  -3.802  0.62 52.84  ?  88  TYR A CD1 1 
ATOM   383  C  CD2 . TYR A 1 49  ? 14.014  13.616  -3.867  0.62 53.56  ?  88  TYR A CD2 1 
ATOM   384  C  CE1 . TYR A 1 49  ? 16.167  12.124  -3.005  0.62 54.96  ?  88  TYR A CE1 1 
ATOM   385  C  CE2 . TYR A 1 49  ? 14.989  14.203  -3.076  0.62 54.18  ?  88  TYR A CE2 1 
ATOM   386  C  CZ  . TYR A 1 49  ? 16.069  13.456  -2.644  0.62 53.89  ?  88  TYR A CZ  1 
ATOM   387  O  OH  . TYR A 1 49  ? 17.027  14.029  -1.857  0.62 53.64  ?  88  TYR A OH  1 
ATOM   388  N  N   . SER A 1 50  ? 12.047  9.638   -7.433  0.62 44.51  ?  89  SER A N   1 
ATOM   389  C  CA  . SER A 1 50  ? 10.800  8.912   -7.784  0.62 42.82  ?  89  SER A CA  1 
ATOM   390  C  C   . SER A 1 50  ? 10.258  8.215   -6.529  0.62 43.31  ?  89  SER A C   1 
ATOM   391  O  O   . SER A 1 50  ? 11.080  7.791   -5.684  0.62 40.32  ?  89  SER A O   1 
ATOM   392  C  CB  . SER A 1 50  ? 11.047  7.946   -8.901  0.62 41.09  ?  89  SER A CB  1 
ATOM   393  O  OG  . SER A 1 50  ? 11.537  8.630   -10.042 0.62 40.75  ?  89  SER A OG  1 
ATOM   394  N  N   . PHE A 1 51  ? 8.929   8.147   -6.398  0.62 41.53  ?  90  PHE A N   1 
ATOM   395  C  CA  . PHE A 1 51  ? 8.207   7.450   -5.300  0.62 40.97  ?  90  PHE A CA  1 
ATOM   396  C  C   . PHE A 1 51  ? 7.521   6.198   -5.852  0.62 42.24  ?  90  PHE A C   1 
ATOM   397  O  O   . PHE A 1 51  ? 6.686   6.302   -6.788  0.62 37.26  ?  90  PHE A O   1 
ATOM   398  C  CB  . PHE A 1 51  ? 7.191   8.375   -4.631  0.62 40.73  ?  90  PHE A CB  1 
ATOM   399  C  CG  . PHE A 1 51  ? 7.757   9.177   -3.488  0.62 41.60  ?  90  PHE A CG  1 
ATOM   400  C  CD1 . PHE A 1 51  ? 7.372   8.920   -2.183  0.62 42.78  ?  90  PHE A CD1 1 
ATOM   401  C  CD2 . PHE A 1 51  ? 8.691   10.179  -3.717  0.62 43.83  ?  90  PHE A CD2 1 
ATOM   402  C  CE1 . PHE A 1 51  ? 7.897   9.660   -1.134  0.62 43.78  ?  90  PHE A CE1 1 
ATOM   403  C  CE2 . PHE A 1 51  ? 9.217   10.915  -2.667  0.62 44.48  ?  90  PHE A CE2 1 
ATOM   404  C  CZ  . PHE A 1 51  ? 8.818   10.655  -1.377  0.62 42.57  ?  90  PHE A CZ  1 
ATOM   405  N  N   . LEU A 1 52  ? 7.871   5.048   -5.268  1.00 40.79  ?  91  LEU A N   1 
ATOM   406  C  CA  . LEU A 1 52  ? 7.407   3.721   -5.702  1.00 38.40  ?  91  LEU A CA  1 
ATOM   407  C  C   . LEU A 1 52  ? 6.591   3.137   -4.553  1.00 36.11  ?  91  LEU A C   1 
ATOM   408  O  O   . LEU A 1 52  ? 6.977   3.325   -3.369  1.00 35.46  ?  91  LEU A O   1 
ATOM   409  C  CB  . LEU A 1 52  ? 8.643   2.860   -5.952  1.00 40.32  ?  91  LEU A CB  1 
ATOM   410  C  CG  . LEU A 1 52  ? 9.298   2.925   -7.324  1.00 45.86  ?  91  LEU A CG  1 
ATOM   411  C  CD1 . LEU A 1 52  ? 9.536   4.340   -7.785  1.00 49.22  ?  91  LEU A CD1 1 
ATOM   412  C  CD2 . LEU A 1 52  ? 10.601  2.138   -7.302  1.00 43.80  ?  91  LEU A CD2 1 
ATOM   413  N  N   . LEU A 1 53  ? 5.535   2.417   -4.885  1.00 32.71  ?  92  LEU A N   1 
ATOM   414  C  CA  . LEU A 1 53  ? 4.695   1.710   -3.910  1.00 32.69  ?  92  LEU A CA  1 
ATOM   415  C  C   . LEU A 1 53  ? 4.722   0.234   -4.291  1.00 34.13  ?  92  LEU A C   1 
ATOM   416  O  O   . LEU A 1 53  ? 4.551   -0.107  -5.484  1.00 37.57  ?  92  LEU A O   1 
ATOM   417  C  CB  . LEU A 1 53  ? 3.288   2.309   -3.935  1.00 37.15  ?  92  LEU A CB  1 
ATOM   418  C  CG  . LEU A 1 53  ? 2.232   1.506   -3.176  1.00 36.77  ?  92  LEU A CG  1 
ATOM   419  C  CD1 . LEU A 1 53  ? 2.500   1.519   -1.682  1.00 37.66  ?  92  LEU A CD1 1 
ATOM   420  C  CD2 . LEU A 1 53  ? 0.830   2.034   -3.456  1.00 37.54  ?  92  LEU A CD2 1 
ATOM   421  N  N   . ASP A 1 54  ? 4.924   -0.641  -3.313  1.00 35.63  ?  93  ASP A N   1 
ATOM   422  C  CA  . ASP A 1 54  ? 4.682   -2.088  -3.522  1.00 30.09  ?  93  ASP A CA  1 
ATOM   423  C  C   . ASP A 1 54  ? 4.095   -2.688  -2.254  1.00 30.53  ?  93  ASP A C   1 
ATOM   424  O  O   . ASP A 1 54  ? 3.892   -1.972  -1.275  1.00 32.40  ?  93  ASP A O   1 
ATOM   425  C  CB  . ASP A 1 54  ? 5.926   -2.815  -4.017  1.00 33.84  ?  93  ASP A CB  1 
ATOM   426  C  CG  . ASP A 1 54  ? 7.112   -2.800  -3.068  1.00 35.06  ?  93  ASP A CG  1 
ATOM   427  O  OD1 . ASP A 1 54  ? 6.932   -2.423  -1.893  1.00 36.17  ?  93  ASP A OD1 1 
ATOM   428  O  OD2 . ASP A 1 54  ? 8.206   -3.164  -3.530  1.00 38.57  ?  93  ASP A OD2 1 
ATOM   429  N  N   . PHE A 1 55  ? 3.750   -3.963  -2.337  1.00 32.81  ?  94  PHE A N   1 
ATOM   430  C  CA  . PHE A 1 55  ? 2.995   -4.675  -1.292  1.00 36.62  ?  94  PHE A CA  1 
ATOM   431  C  C   . PHE A 1 55  ? 3.785   -5.936  -0.955  1.00 34.83  ?  94  PHE A C   1 
ATOM   432  O  O   . PHE A 1 55  ? 3.974   -6.805  -1.831  1.00 36.29  ?  94  PHE A O   1 
ATOM   433  C  CB  . PHE A 1 55  ? 1.576   -4.932  -1.798  1.00 34.79  ?  94  PHE A CB  1 
ATOM   434  C  CG  . PHE A 1 55  ? 0.817   -3.665  -2.100  1.00 33.06  ?  94  PHE A CG  1 
ATOM   435  C  CD1 . PHE A 1 55  ? 0.091   -3.027  -1.112  1.00 33.91  ?  94  PHE A CD1 1 
ATOM   436  C  CD2 . PHE A 1 55  ? 0.860   -3.101  -3.361  1.00 33.85  ?  94  PHE A CD2 1 
ATOM   437  C  CE1 . PHE A 1 55  ? -0.601  -1.856  -1.379  1.00 35.30  ?  94  PHE A CE1 1 
ATOM   438  C  CE2 . PHE A 1 55  ? 0.172   -1.931  -3.626  1.00 34.91  ?  94  PHE A CE2 1 
ATOM   439  C  CZ  . PHE A 1 55  ? -0.528  -1.295  -2.623  1.00 35.18  ?  94  PHE A CZ  1 
ATOM   440  N  N   . VAL A 1 56  ? 4.193   -6.041  0.299   1.00 35.70  ?  95  VAL A N   1 
ATOM   441  C  CA  . VAL A 1 56  ? 4.906   -7.244  0.807   1.00 33.39  ?  95  VAL A CA  1 
ATOM   442  C  C   . VAL A 1 56  ? 3.854   -8.222  1.308   1.00 30.55  ?  95  VAL A C   1 
ATOM   443  O  O   . VAL A 1 56  ? 3.050   -7.816  2.153   1.00 34.23  ?  95  VAL A O   1 
ATOM   444  C  CB  . VAL A 1 56  ? 5.894   -6.861  1.931   1.00 31.91  ?  95  VAL A CB  1 
ATOM   445  C  CG1 . VAL A 1 56  ? 6.628   -8.094  2.438   1.00 32.35  ?  95  VAL A CG1 1 
ATOM   446  C  CG2 . VAL A 1 56  ? 6.862   -5.790  1.474   1.00 34.51  ?  95  VAL A CG2 1 
ATOM   447  N  N   . ALA A 1 57  ? 3.906   -9.491  0.892   1.00 34.82  ?  96  ALA A N   1 
ATOM   448  C  CA  . ALA A 1 57  ? 3.120   -10.566 1.538   1.00 33.56  ?  96  ALA A CA  1 
ATOM   449  C  C   . ALA A 1 57  ? 3.612   -10.684 2.980   1.00 32.31  ?  96  ALA A C   1 
ATOM   450  O  O   . ALA A 1 57  ? 4.820   -10.985 3.141   1.00 34.35  ?  96  ALA A O   1 
ATOM   451  C  CB  . ALA A 1 57  ? 3.265   -11.852 0.760   1.00 35.61  ?  96  ALA A CB  1 
ATOM   452  N  N   . ALA A 1 58  ? 2.772   -10.322 3.971   1.00 34.25  ?  97  ALA A N   1 
ATOM   453  C  CA  . ALA A 1 58  ? 3.100   -10.228 5.414   1.00 32.28  ?  97  ALA A CA  1 
ATOM   454  C  C   . ALA A 1 58  ? 3.391   -11.628 5.988   1.00 36.09  ?  97  ALA A C   1 
ATOM   455  O  O   . ALA A 1 58  ? 4.150   -11.741 6.984   1.00 36.29  ?  97  ALA A O   1 
ATOM   456  C  CB  . ALA A 1 58  ? 1.998   -9.540  6.176   1.00 32.68  ?  97  ALA A CB  1 
ATOM   457  N  N   . ASP A 1 59  ? 2.831   -12.649 5.356   1.00 35.63  ?  98  ASP A N   1 
ATOM   458  C  CA  . ASP A 1 59  ? 3.070   -14.074 5.690   1.00 37.15  ?  98  ASP A CA  1 
ATOM   459  C  C   . ASP A 1 59  ? 2.833   -14.879 4.430   1.00 39.58  ?  98  ASP A C   1 
ATOM   460  O  O   . ASP A 1 59  ? 2.367   -14.299 3.415   1.00 43.34  ?  98  ASP A O   1 
ATOM   461  C  CB  . ASP A 1 59  ? 2.192   -14.530 6.849   1.00 40.02  ?  98  ASP A CB  1 
ATOM   462  C  CG  . ASP A 1 59  ? 0.696   -14.394 6.558   1.00 45.74  ?  98  ASP A CG  1 
ATOM   463  O  OD1 . ASP A 1 59  ? 0.193   -15.160 5.708   1.00 41.73  ?  98  ASP A OD1 1 
ATOM   464  O  OD2 . ASP A 1 59  ? 0.058   -13.522 7.185   1.00 40.18  ?  98  ASP A OD2 1 
ATOM   465  N  N   . ASN A 1 60  ? 3.150   -16.165 4.498   1.00 41.74  ?  99  ASN A N   1 
ATOM   466  C  CA  . ASN A 1 60  ? 3.125   -17.074 3.334   1.00 41.38  ?  99  ASN A CA  1 
ATOM   467  C  C   . ASN A 1 60  ? 1.820   -17.872 3.284   1.00 42.52  ?  99  ASN A C   1 
ATOM   468  O  O   . ASN A 1 60  ? 1.814   -18.881 2.602   1.00 43.19  ?  99  ASN A O   1 
ATOM   469  C  CB  . ASN A 1 60  ? 4.318   -18.017 3.412   1.00 44.93  ?  99  ASN A CB  1 
ATOM   470  C  CG  . ASN A 1 60  ? 5.620   -17.267 3.274   1.00 44.67  ?  99  ASN A CG  1 
ATOM   471  O  OD1 . ASN A 1 60  ? 6.536   -17.498 4.050   1.00 53.55  ?  99  ASN A OD1 1 
ATOM   472  N  ND2 . ASN A 1 60  ? 5.693   -16.368 2.308   1.00 44.17  ?  99  ASN A ND2 1 
ATOM   473  N  N   . HIS A 1 61  ? 0.756   -17.414 3.939   1.00 40.55  ?  100 HIS A N   1 
ATOM   474  C  CA  . HIS A 1 61  ? -0.485  -18.205 4.123   1.00 42.35  ?  100 HIS A CA  1 
ATOM   475  C  C   . HIS A 1 61  ? -1.657  -17.580 3.350   1.00 47.56  ?  100 HIS A C   1 
ATOM   476  O  O   . HIS A 1 61  ? -1.692  -16.332 3.158   1.00 46.60  ?  100 HIS A O   1 
ATOM   477  C  CB  . HIS A 1 61  ? -0.784  -18.325 5.618   1.00 42.85  ?  100 HIS A CB  1 
ATOM   478  C  CG  . HIS A 1 61  ? 0.171   -19.191 6.355   1.00 46.37  ?  100 HIS A CG  1 
ATOM   479  N  ND1 . HIS A 1 61  ? -0.087  -20.524 6.588   1.00 51.92  ?  100 HIS A ND1 1 
ATOM   480  C  CD2 . HIS A 1 61  ? 1.382   -18.929 6.903   1.00 45.41  ?  100 HIS A CD2 1 
ATOM   481  C  CE1 . HIS A 1 61  ? 0.913   -21.047 7.265   1.00 58.02  ?  100 HIS A CE1 1 
ATOM   482  N  NE2 . HIS A 1 61  ? 1.828   -20.089 7.466   1.00 54.39  ?  100 HIS A NE2 1 
ATOM   483  N  N   . ARG A 1 62  ? -2.596  -18.434 2.957   1.00 44.81  ?  101 ARG A N   1 
ATOM   484  C  CA  . ARG A 1 62  ? -3.955  -18.068 2.494   1.00 47.52  ?  101 ARG A CA  1 
ATOM   485  C  C   . ARG A 1 62  ? -4.839  -17.922 3.742   1.00 48.45  ?  101 ARG A C   1 
ATOM   486  O  O   . ARG A 1 62  ? -4.764  -18.788 4.658   1.00 48.19  ?  101 ARG A O   1 
ATOM   487  C  CB  . ARG A 1 62  ? -4.423  -19.142 1.504   1.00 61.51  ?  101 ARG A CB  1 
ATOM   488  C  CG  . ARG A 1 62  ? -5.929  -19.229 1.290   1.00 78.47  ?  101 ARG A CG  1 
ATOM   489  C  CD  . ARG A 1 62  ? -6.277  -20.167 0.145   1.00 84.87  ?  101 ARG A CD  1 
ATOM   490  N  NE  . ARG A 1 62  ? -5.594  -19.728 -1.062  1.00 95.54  ?  101 ARG A NE  1 
ATOM   491  C  CZ  . ARG A 1 62  ? -6.011  -18.749 -1.862  1.00 104.68 ?  101 ARG A CZ  1 
ATOM   492  N  NH1 . ARG A 1 62  ? -7.142  -18.110 -1.609  1.00 109.55 ?  101 ARG A NH1 1 
ATOM   493  N  NH2 . ARG A 1 62  ? -5.296  -18.421 -2.926  1.00 102.38 ?  101 ARG A NH2 1 
ATOM   494  N  N   . TRP A 1 63  ? -5.612  -16.838 3.811   1.00 40.71  ?  102 TRP A N   1 
ATOM   495  C  CA  . TRP A 1 63  ? -6.508  -16.540 4.948   1.00 43.97  ?  102 TRP A CA  1 
ATOM   496  C  C   . TRP A 1 63  ? -7.953  -16.853 4.530   1.00 51.49  ?  102 TRP A C   1 
ATOM   497  O  O   . TRP A 1 63  ? -8.245  -16.828 3.331   1.00 54.98  ?  102 TRP A O   1 
ATOM   498  C  CB  . TRP A 1 63  ? -6.326  -15.090 5.396   1.00 44.49  ?  102 TRP A CB  1 
ATOM   499  C  CG  . TRP A 1 63  ? -4.983  -14.829 6.009   1.00 40.53  ?  102 TRP A CG  1 
ATOM   500  C  CD1 . TRP A 1 63  ? -3.783  -14.765 5.366   1.00 40.26  ?  102 TRP A CD1 1 
ATOM   501  C  CD2 . TRP A 1 63  ? -4.705  -14.603 7.398   1.00 38.18  ?  102 TRP A CD2 1 
ATOM   502  N  NE1 . TRP A 1 63  ? -2.783  -14.486 6.257   1.00 37.18  ?  102 TRP A NE1 1 
ATOM   503  C  CE2 . TRP A 1 63  ? -3.312  -14.399 7.513   1.00 35.78  ?  102 TRP A CE2 1 
ATOM   504  C  CE3 . TRP A 1 63  ? -5.487  -14.570 8.547   1.00 37.30  ?  102 TRP A CE3 1 
ATOM   505  C  CZ2 . TRP A 1 63  ? -2.702  -14.154 8.729   1.00 35.72  ?  102 TRP A CZ2 1 
ATOM   506  C  CZ3 . TRP A 1 63  ? -4.885  -14.309 9.755   1.00 39.64  ?  102 TRP A CZ3 1 
ATOM   507  C  CH2 . TRP A 1 63  ? -3.511  -14.110 9.842   1.00 39.55  ?  102 TRP A CH2 1 
ATOM   508  N  N   . LYS A 1 64  ? -8.817  -17.153 5.491   1.00 50.86  ?  103 LYS A N   1 
ATOM   509  C  CA  . LYS A 1 64  ? -10.244 -17.454 5.231   1.00 58.04  ?  103 LYS A CA  1 
ATOM   510  C  C   . LYS A 1 64  ? -11.023 -16.874 6.410   1.00 53.51  ?  103 LYS A C   1 
ATOM   511  O  O   . LYS A 1 64  ? -10.446 -16.787 7.498   1.00 49.32  ?  103 LYS A O   1 
ATOM   512  C  CB  . LYS A 1 64  ? -10.442 -18.952 4.957   1.00 62.75  ?  103 LYS A CB  1 
ATOM   513  C  CG  . LYS A 1 64  ? -9.406  -19.885 5.573   1.00 71.58  ?  103 LYS A CG  1 
ATOM   514  C  CD  . LYS A 1 64  ? -9.707  -21.365 5.358   1.00 80.08  ?  103 LYS A CD  1 
ATOM   515  C  CE  . LYS A 1 64  ? -8.688  -22.293 5.993   1.00 81.33  ?  103 LYS A CE  1 
ATOM   516  N  NZ  . LYS A 1 64  ? -9.203  -22.901 7.246   1.00 81.01  ?  103 LYS A NZ  1 
ATOM   517  N  N   . TYR A 1 65  ? -12.220 -16.350 6.150   1.00 53.06  ?  104 TYR A N   1 
ATOM   518  C  CA  . TYR A 1 65  ? -13.101 -15.733 7.171   1.00 51.94  ?  104 TYR A CA  1 
ATOM   519  C  C   . TYR A 1 65  ? -13.960 -16.883 7.696   1.00 58.18  ?  104 TYR A C   1 
ATOM   520  O  O   . TYR A 1 65  ? -14.785 -17.376 6.926   1.00 60.62  ?  104 TYR A O   1 
ATOM   521  C  CB  . TYR A 1 65  ? -13.899 -14.565 6.575   1.00 47.44  ?  104 TYR A CB  1 
ATOM   522  C  CG  . TYR A 1 65  ? -14.477 -13.608 7.591   1.00 48.48  ?  104 TYR A CG  1 
ATOM   523  C  CD1 . TYR A 1 65  ? -13.654 -12.857 8.409   1.00 45.02  ?  104 TYR A CD1 1 
ATOM   524  C  CD2 . TYR A 1 65  ? -15.854 -13.449 7.748   1.00 48.25  ?  104 TYR A CD2 1 
ATOM   525  C  CE1 . TYR A 1 65  ? -14.168 -11.974 9.349   1.00 47.83  ?  104 TYR A CE1 1 
ATOM   526  C  CE2 . TYR A 1 65  ? -16.381 -12.567 8.687   1.00 47.03  ?  104 TYR A CE2 1 
ATOM   527  C  CZ  . TYR A 1 65  ? -15.541 -11.822 9.485   1.00 45.68  ?  104 TYR A CZ  1 
ATOM   528  O  OH  . TYR A 1 65  ? -16.036 -10.949 10.414  1.00 54.28  ?  104 TYR A OH  1 
ATOM   529  N  N   . VAL A 1 66  ? -13.650 -17.394 8.887   1.00 63.82  ?  105 VAL A N   1 
ATOM   530  C  CA  . VAL A 1 66  ? -14.328 -18.588 9.477   1.00 59.91  ?  105 VAL A CA  1 
ATOM   531  C  C   . VAL A 1 66  ? -14.983 -18.128 10.778  1.00 58.42  ?  105 VAL A C   1 
ATOM   532  O  O   . VAL A 1 66  ? -14.278 -17.535 11.626  1.00 52.30  ?  105 VAL A O   1 
ATOM   533  C  CB  . VAL A 1 66  ? -13.361 -19.774 9.673   1.00 62.93  ?  105 VAL A CB  1 
ATOM   534  C  CG1 . VAL A 1 66  ? -14.022 -20.968 10.363  1.00 61.97  ?  105 VAL A CG1 1 
ATOM   535  C  CG2 . VAL A 1 66  ? -12.747 -20.209 8.353   1.00 60.70  ?  105 VAL A CG2 1 
ATOM   536  N  N   . ASN A 1 67  ? -16.303 -18.318 10.865  1.00 59.33  ?  106 ASN A N   1 
ATOM   537  C  CA  . ASN A 1 67  ? -17.150 -17.998 12.040  1.00 63.53  ?  106 ASN A CA  1 
ATOM   538  C  C   . ASN A 1 67  ? -16.829 -16.582 12.518  1.00 57.02  ?  106 ASN A C   1 
ATOM   539  O  O   . ASN A 1 67  ? -16.540 -16.419 13.715  1.00 53.49  ?  106 ASN A O   1 
ATOM   540  C  CB  . ASN A 1 67  ? -16.984 -19.056 13.134  1.00 71.98  ?  106 ASN A CB  1 
ATOM   541  C  CG  . ASN A 1 67  ? -17.304 -20.445 12.624  1.00 77.98  ?  106 ASN A CG  1 
ATOM   542  O  OD1 . ASN A 1 67  ? -18.292 -20.645 11.918  1.00 85.03  ?  106 ASN A OD1 1 
ATOM   543  N  ND2 . ASN A 1 67  ? -16.460 -21.407 12.948  1.00 77.49  ?  106 ASN A ND2 1 
ATOM   544  N  N   . GLY A 1 68  ? -16.880 -15.614 11.601  1.00 56.65  ?  107 GLY A N   1 
ATOM   545  C  CA  . GLY A 1 68  ? -16.685 -14.176 11.877  1.00 55.13  ?  107 GLY A CA  1 
ATOM   546  C  C   . GLY A 1 68  ? -15.254 -13.798 12.236  1.00 48.57  ?  107 GLY A C   1 
ATOM   547  O  O   . GLY A 1 68  ? -15.071 -12.743 12.822  1.00 52.46  ?  107 GLY A O   1 
ATOM   548  N  N   . GLU A 1 69  ? -14.250 -14.589 11.880  1.00 49.76  ?  108 GLU A N   1 
ATOM   549  C  CA  . GLU A 1 69  ? -12.847 -14.230 12.217  1.00 56.19  ?  108 GLU A CA  1 
ATOM   550  C  C   . GLU A 1 69  ? -11.926 -14.705 11.089  1.00 50.49  ?  108 GLU A C   1 
ATOM   551  O  O   . GLU A 1 69  ? -12.175 -15.771 10.523  1.00 50.66  ?  108 GLU A O   1 
ATOM   552  C  CB  . GLU A 1 69  ? -12.489 -14.762 13.606  1.00 58.76  ?  108 GLU A CB  1 
ATOM   553  C  CG  . GLU A 1 69  ? -11.947 -16.180 13.614  1.00 76.57  ?  108 GLU A CG  1 
ATOM   554  C  CD  . GLU A 1 69  ? -11.462 -16.692 14.964  1.00 86.97  ?  108 GLU A CD  1 
ATOM   555  O  OE1 . GLU A 1 69  ? -11.725 -16.021 15.992  1.00 90.74  ?  108 GLU A OE1 1 
ATOM   556  O  OE2 . GLU A 1 69  ? -10.818 -17.769 14.983  1.00 92.68  ?  108 GLU A OE2 1 
ATOM   557  N  N   . TRP A 1 70  ? -10.899 -13.914 10.765  1.00 51.73  ?  109 TRP A N   1 
ATOM   558  C  CA  . TRP A 1 70  ? -9.863  -14.276 9.761   1.00 43.75  ?  109 TRP A CA  1 
ATOM   559  C  C   . TRP A 1 70  ? -8.878  -15.298 10.352  1.00 43.61  ?  109 TRP A C   1 
ATOM   560  O  O   . TRP A 1 70  ? -8.322  -15.027 11.406  1.00 46.35  ?  109 TRP A O   1 
ATOM   561  C  CB  . TRP A 1 70  ? -9.126  -13.013 9.284   1.00 45.12  ?  109 TRP A CB  1 
ATOM   562  C  CG  . TRP A 1 70  ? -9.926  -12.184 8.333   1.00 42.85  ?  109 TRP A CG  1 
ATOM   563  C  CD1 . TRP A 1 70  ? -10.566 -10.999 8.583   1.00 41.80  ?  109 TRP A CD1 1 
ATOM   564  C  CD2 . TRP A 1 70  ? -10.191 -12.510 6.962   1.00 40.04  ?  109 TRP A CD2 1 
ATOM   565  N  NE1 . TRP A 1 70  ? -11.202 -10.560 7.447   1.00 42.52  ?  109 TRP A NE1 1 
ATOM   566  C  CE2 . TRP A 1 70  ? -10.991 -11.470 6.444   1.00 38.33  ?  109 TRP A CE2 1 
ATOM   567  C  CE3 . TRP A 1 70  ? -9.841  -13.584 6.132   1.00 41.00  ?  109 TRP A CE3 1 
ATOM   568  C  CZ2 . TRP A 1 70  ? -11.425 -11.475 5.121   1.00 41.98  ?  109 TRP A CZ2 1 
ATOM   569  C  CZ3 . TRP A 1 70  ? -10.255 -13.575 4.821   1.00 42.45  ?  109 TRP A CZ3 1 
ATOM   570  C  CH2 . TRP A 1 70  ? -11.051 -12.533 4.328   1.00 41.30  ?  109 TRP A CH2 1 
ATOM   571  N  N   . VAL A 1 71  ? -8.623  -16.406 9.656   1.00 44.84  ?  110 VAL A N   1 
ATOM   572  C  CA  . VAL A 1 71  ? -7.717  -17.496 10.126  1.00 45.74  ?  110 VAL A CA  1 
ATOM   573  C  C   . VAL A 1 71  ? -6.847  -17.908 8.953   1.00 44.05  ?  110 VAL A C   1 
ATOM   574  O  O   . VAL A 1 71  ? -7.305  -17.972 7.811   1.00 42.81  ?  110 VAL A O   1 
ATOM   575  C  CB  . VAL A 1 71  ? -8.452  -18.716 10.720  1.00 46.86  ?  110 VAL A CB  1 
ATOM   576  C  CG1 . VAL A 1 71  ? -9.435  -18.305 11.800  1.00 48.51  ?  110 VAL A CG1 1 
ATOM   577  C  CG2 . VAL A 1 71  ? -9.130  -19.547 9.642   1.00 53.48  ?  110 VAL A CG2 1 
ATOM   578  N  N   . PRO A 1 72  ? -5.549  -18.146 9.216   1.00 45.30  ?  111 PRO A N   1 
ATOM   579  C  CA  . PRO A 1 72  ? -4.623  -18.582 8.182   1.00 47.95  ?  111 PRO A CA  1 
ATOM   580  C  C   . PRO A 1 72  ? -4.790  -20.066 7.846   1.00 51.53  ?  111 PRO A C   1 
ATOM   581  O  O   . PRO A 1 72  ? -4.990  -20.814 8.754   1.00 50.77  ?  111 PRO A O   1 
ATOM   582  C  CB  . PRO A 1 72  ? -3.225  -18.370 8.778   1.00 47.56  ?  111 PRO A CB  1 
ATOM   583  C  CG  . PRO A 1 72  ? -3.415  -18.086 10.251  1.00 46.45  ?  111 PRO A CG  1 
ATOM   584  C  CD  . PRO A 1 72  ? -4.902  -17.923 10.516  1.00 47.23  ?  111 PRO A CD  1 
ATOM   585  N  N   . GLY A 1 73  ? -4.682  -20.425 6.565   1.00 54.59  ?  112 GLY A N   1 
ATOM   586  C  CA  . GLY A 1 73  ? -4.547  -21.821 6.113   1.00 59.54  ?  112 GLY A CA  1 
ATOM   587  C  C   . GLY A 1 73  ? -3.363  -22.490 6.802   1.00 71.11  ?  112 GLY A C   1 
ATOM   588  O  O   . GLY A 1 73  ? -2.614  -21.801 7.530   1.00 66.15  ?  112 GLY A O   1 
ATOM   589  N  N   . GLY A 1 74  ? -3.204  -23.799 6.618   1.00 73.05  ?  113 GLY A N   1 
ATOM   590  C  CA  . GLY A 1 74  ? -2.106  -24.564 7.233   1.00 74.81  ?  113 GLY A CA  1 
ATOM   591  C  C   . GLY A 1 74  ? -0.962  -24.772 6.260   1.00 77.77  ?  113 GLY A C   1 
ATOM   592  O  O   . GLY A 1 74  ? 0.070   -25.317 6.697   1.00 95.73  ?  113 GLY A O   1 
ATOM   593  N  N   . LYS A 1 75  ? -1.118  -24.350 4.998   1.00 70.38  ?  114 LYS A N   1 
ATOM   594  C  CA  . LYS A 1 75  ? -0.244  -24.809 3.887   1.00 73.78  ?  114 LYS A CA  1 
ATOM   595  C  C   . LYS A 1 75  ? 0.474   -23.625 3.249   1.00 65.99  ?  114 LYS A C   1 
ATOM   596  O  O   . LYS A 1 75  ? 0.175   -23.240 2.129   1.00 56.34  ?  114 LYS A O   1 
ATOM   597  C  CB  . LYS A 1 75  ? -1.053  -25.620 2.872   1.00 81.44  ?  114 LYS A CB  1 
ATOM   598  C  CG  . LYS A 1 75  ? -0.343  -26.872 2.365   1.00 92.72  ?  114 LYS A CG  1 
ATOM   599  C  CD  . LYS A 1 75  ? 0.279   -27.726 3.472   1.00 96.14  ?  114 LYS A CD  1 
ATOM   600  C  CE  . LYS A 1 75  ? 0.433   -29.193 3.120   1.00 99.56  ?  114 LYS A CE  1 
ATOM   601  N  NZ  . LYS A 1 75  ? 1.389   -29.397 2.008   1.00 105.47 ?  114 LYS A NZ  1 
ATOM   602  N  N   . PRO A 1 76  ? 1.531   -23.090 3.891   1.00 71.81  ?  115 PRO A N   1 
ATOM   603  C  CA  . PRO A 1 76  ? 2.197   -21.889 3.390   1.00 72.49  ?  115 PRO A CA  1 
ATOM   604  C  C   . PRO A 1 76  ? 2.827   -22.124 2.009   1.00 75.52  ?  115 PRO A C   1 
ATOM   605  O  O   . PRO A 1 76  ? 3.318   -23.217 1.769   1.00 67.97  ?  115 PRO A O   1 
ATOM   606  C  CB  . PRO A 1 76  ? 3.285   -21.601 4.437   1.00 74.34  ?  115 PRO A CB  1 
ATOM   607  C  CG  . PRO A 1 76  ? 3.561   -22.963 5.057   1.00 77.96  ?  115 PRO A CG  1 
ATOM   608  C  CD  . PRO A 1 76  ? 2.207   -23.650 5.076   1.00 75.78  ?  115 PRO A CD  1 
ATOM   609  N  N   . GLU A 1 77  ? 2.797   -21.100 1.150   1.00 64.39  ?  116 GLU A N   1 
ATOM   610  C  CA  . GLU A 1 77  ? 3.514   -21.079 -0.151  1.00 72.56  ?  116 GLU A CA  1 
ATOM   611  C  C   . GLU A 1 77  ? 4.365   -19.814 -0.215  1.00 66.18  ?  116 GLU A C   1 
ATOM   612  O  O   . GLU A 1 77  ? 4.002   -18.788 0.351   1.00 70.09  ?  116 GLU A O   1 
ATOM   613  C  CB  . GLU A 1 77  ? 2.523   -21.125 -1.317  1.00 74.32  ?  116 GLU A CB  1 
ATOM   614  C  CG  . GLU A 1 77  ? 1.642   -22.367 -1.337  1.00 77.93  ?  116 GLU A CG  1 
ATOM   615  C  CD  . GLU A 1 77  ? 0.633   -22.419 -2.479  1.00 80.38  ?  116 GLU A CD  1 
ATOM   616  O  OE1 . GLU A 1 77  ? 0.895   -21.814 -3.534  1.00 92.50  ?  116 GLU A OE1 1 
ATOM   617  O  OE2 . GLU A 1 77  ? -0.421  -23.061 -2.313  1.00 80.75  ?  116 GLU A OE2 1 
ATOM   618  N  N   . PRO A 1 78  ? 5.498   -19.822 -0.942  1.00 68.06  ?  117 PRO A N   1 
ATOM   619  C  CA  . PRO A 1 78  ? 6.301   -18.611 -1.108  1.00 70.84  ?  117 PRO A CA  1 
ATOM   620  C  C   . PRO A 1 78  ? 5.463   -17.490 -1.744  1.00 68.57  ?  117 PRO A C   1 
ATOM   621  O  O   . PRO A 1 78  ? 4.707   -17.781 -2.645  1.00 56.19  ?  117 PRO A O   1 
ATOM   622  C  CB  . PRO A 1 78  ? 7.442   -19.018 -2.051  1.00 69.72  ?  117 PRO A CB  1 
ATOM   623  C  CG  . PRO A 1 78  ? 7.448   -20.536 -2.028  1.00 75.85  ?  117 PRO A CG  1 
ATOM   624  C  CD  . PRO A 1 78  ? 6.038   -20.971 -1.682  1.00 72.46  ?  117 PRO A CD  1 
ATOM   625  N  N   . GLN A 1 79  ? 5.559   -16.287 -1.210  1.00 70.00  ?  118 GLN A N   1 
ATOM   626  C  CA  . GLN A 1 79  ? 4.771   -15.214 -1.831  1.00 77.13  ?  118 GLN A CA  1 
ATOM   627  C  C   . GLN A 1 79  ? 5.748   -14.315 -2.569  1.00 85.11  ?  118 GLN A C   1 
ATOM   628  O  O   . GLN A 1 79  ? 6.608   -13.713 -1.932  1.00 83.61  ?  118 GLN A O   1 
ATOM   629  C  CB  . GLN A 1 79  ? 3.979   -14.486 -0.758  1.00 73.16  ?  118 GLN A CB  1 
ATOM   630  C  CG  . GLN A 1 79  ? 3.013   -15.398 -0.028  1.00 70.94  ?  118 GLN A CG  1 
ATOM   631  C  CD  . GLN A 1 79  ? 2.001   -15.986 -0.971  1.00 66.61  ?  118 GLN A CD  1 
ATOM   632  O  OE1 . GLN A 1 79  ? 1.540   -15.344 -1.906  1.00 68.08  ?  118 GLN A OE1 1 
ATOM   633  N  NE2 . GLN A 1 79  ? 1.661   -17.234 -0.733  1.00 69.81  ?  118 GLN A NE2 1 
ATOM   634  N  N   . ALA A 1 80  ? 5.569   -14.231 -3.881  1.00 108.38 ?  119 ALA A N   1 
ATOM   635  C  CA  . ALA A 1 80  ? 6.435   -13.390 -4.729  1.00 106.24 ?  119 ALA A CA  1 
ATOM   636  C  C   . ALA A 1 80  ? 6.202   -11.932 -4.346  1.00 98.06  ?  119 ALA A C   1 
ATOM   637  O  O   . ALA A 1 80  ? 5.065   -11.544 -4.043  1.00 86.02  ?  119 ALA A O   1 
ATOM   638  C  CB  . ALA A 1 80  ? 6.121   -13.634 -6.182  1.00 110.78 ?  119 ALA A CB  1 
ATOM   639  N  N   . PRO A 1 81  ? 7.213   -11.061 -4.475  1.00 83.93  ?  120 PRO A N   1 
ATOM   640  C  CA  . PRO A 1 81  ? 7.043   -9.670  -4.103  1.00 80.55  ?  120 PRO A CA  1 
ATOM   641  C  C   . PRO A 1 81  ? 6.093   -9.067  -5.145  1.00 60.88  ?  120 PRO A C   1 
ATOM   642  O  O   . PRO A 1 81  ? 6.171   -9.419  -6.300  1.00 66.00  ?  120 PRO A O   1 
ATOM   643  C  CB  . PRO A 1 81  ? 8.458   -9.124  -4.326  1.00 30.00  ?  120 PRO A CB  1 
ATOM   644  C  CG  . PRO A 1 81  ? 8.982   -9.954  -5.475  1.00 30.00  ?  120 PRO A CG  1 
ATOM   645  C  CD  . PRO A 1 81  ? 8.469   -11.341 -5.160  1.00 30.00  ?  120 PRO A CD  1 
ATOM   646  N  N   . SER A 1 82  ? 5.285   -8.086  -4.761  1.00 53.95  ?  121 SER A N   1 
ATOM   647  C  CA  . SER A 1 82  ? 4.372   -7.495  -5.770  1.00 49.28  ?  121 SER A CA  1 
ATOM   648  C  C   . SER A 1 82  ? 5.131   -6.610  -6.751  1.00 44.79  ?  121 SER A C   1 
ATOM   649  O  O   . SER A 1 82  ? 6.241   -6.189  -6.480  1.00 48.08  ?  121 SER A O   1 
ATOM   650  C  CB  . SER A 1 82  ? 3.237   -6.729  -5.161  1.00 30.00  ?  121 SER A CB  1 
ATOM   651  O  OG  . SER A 1 82  ? 3.504   -5.339  -5.125  1.00 30.00  ?  121 SER A OG  1 
ATOM   652  N  N   . CYS A 1 83  ? 4.452   -6.257  -7.835  1.00 44.43  ?  122 CYS A N   1 
ATOM   653  C  CA  . CYS A 1 83  ? 4.988   -5.293  -8.813  1.00 44.62  ?  122 CYS A CA  1 
ATOM   654  C  C   . CYS A 1 83  ? 4.957   -3.883  -8.194  1.00 42.36  ?  122 CYS A C   1 
ATOM   655  O  O   . CYS A 1 83  ? 4.245   -3.622  -7.228  1.00 37.33  ?  122 CYS A O   1 
ATOM   656  C  CB  . CYS A 1 83  ? 4.268   -5.402  -10.150 1.00 48.32  ?  122 CYS A CB  1 
ATOM   657  S  SG  . CYS A 1 83  ? 4.836   -6.798  -11.151 1.00 58.29  ?  122 CYS A SG  1 
ATOM   658  N  N   . VAL A 1 84  ? 5.747   -2.987  -8.749  1.00 39.81  ?  123 VAL A N   1 
ATOM   659  C  CA  . VAL A 1 84  ? 5.907   -1.638  -8.175  1.00 44.01  ?  123 VAL A CA  1 
ATOM   660  C  C   . VAL A 1 84  ? 4.973   -0.705  -8.939  1.00 38.68  ?  123 VAL A C   1 
ATOM   661  O  O   . VAL A 1 84  ? 4.846   -0.836  -10.144 1.00 36.69  ?  123 VAL A O   1 
ATOM   662  C  CB  . VAL A 1 84  ? 7.368   -1.180  -8.240  1.00 46.83  ?  123 VAL A CB  1 
ATOM   663  C  CG1 . VAL A 1 84  ? 7.874   -1.035  -9.666  1.00 52.75  ?  123 VAL A CG1 1 
ATOM   664  C  CG2 . VAL A 1 84  ? 7.552   0.116   -7.485  1.00 53.08  ?  123 VAL A CG2 1 
ATOM   665  N  N   . TYR A 1 85  ? 4.347   0.229   -8.222  0.62 39.85  ?  124 TYR A N   1 
ATOM   666  C  CA  . TYR A 1 85  ? 3.536   1.340   -8.790  0.62 41.10  ?  124 TYR A CA  1 
ATOM   667  C  C   . TYR A 1 85  ? 4.341   2.631   -8.643  0.62 40.54  ?  124 TYR A C   1 
ATOM   668  O  O   . TYR A 1 85  ? 4.679   3.000   -7.497  0.62 39.07  ?  124 TYR A O   1 
ATOM   669  C  CB  . TYR A 1 85  ? 2.179   1.444   -8.092  0.62 41.90  ?  124 TYR A CB  1 
ATOM   670  C  CG  . TYR A 1 85  ? 1.373   2.683   -8.411  0.62 43.12  ?  124 TYR A CG  1 
ATOM   671  C  CD1 . TYR A 1 85  ? 0.768   2.858   -9.648  0.62 42.40  ?  124 TYR A CD1 1 
ATOM   672  C  CD2 . TYR A 1 85  ? 1.187   3.672   -7.457  0.62 42.52  ?  124 TYR A CD2 1 
ATOM   673  C  CE1 . TYR A 1 85  ? 0.021   3.989   -9.936  0.62 41.78  ?  124 TYR A CE1 1 
ATOM   674  C  CE2 . TYR A 1 85  ? 0.440   4.808   -7.726  0.62 42.20  ?  124 TYR A CE2 1 
ATOM   675  C  CZ  . TYR A 1 85  ? -0.145  4.968   -8.970  0.62 43.46  ?  124 TYR A CZ  1 
ATOM   676  O  OH  . TYR A 1 85  ? -0.887  6.084   -9.223  0.62 38.81  ?  124 TYR A OH  1 
ATOM   677  N  N   . ILE A 1 86  ? 4.657   3.272   -9.769  0.62 40.19  ?  125 ILE A N   1 
ATOM   678  C  CA  . ILE A 1 86  ? 5.412   4.557   -9.811  0.62 40.11  ?  125 ILE A CA  1 
ATOM   679  C  C   . ILE A 1 86  ? 4.417   5.708   -9.632  0.62 39.42  ?  125 ILE A C   1 
ATOM   680  O  O   . ILE A 1 86  ? 3.595   5.946   -10.569 0.62 36.71  ?  125 ILE A O   1 
ATOM   681  C  CB  . ILE A 1 86  ? 6.211   4.702   -11.120 0.62 43.05  ?  125 ILE A CB  1 
ATOM   682  C  CG1 . ILE A 1 86  ? 7.187   3.542   -11.332 0.62 43.83  ?  125 ILE A CG1 1 
ATOM   683  C  CG2 . ILE A 1 86  ? 6.924   6.047   -11.151 0.62 43.33  ?  125 ILE A CG2 1 
ATOM   684  C  CD1 . ILE A 1 86  ? 7.848   3.537   -12.697 0.62 46.53  ?  125 ILE A CD1 1 
ATOM   685  N  N   . HIS A 1 87  ? 4.503   6.413   -8.495  0.62 38.22  ?  126 HIS A N   1 
ATOM   686  C  CA  . HIS A 1 87  ? 3.677   7.616   -8.221  0.62 39.52  ?  126 HIS A CA  1 
ATOM   687  C  C   . HIS A 1 87  ? 3.689   8.511   -9.459  0.62 38.11  ?  126 HIS A C   1 
ATOM   688  O  O   . HIS A 1 87  ? 4.759   8.812   -9.985  0.62 32.89  ?  126 HIS A O   1 
ATOM   689  C  CB  . HIS A 1 87  ? 4.161   8.380   -6.986  0.62 39.18  ?  126 HIS A CB  1 
ATOM   690  C  CG  . HIS A 1 87  ? 3.156   9.372   -6.509  0.62 43.26  ?  126 HIS A CG  1 
ATOM   691  N  ND1 . HIS A 1 87  ? 3.069   10.651  -7.032  0.62 45.72  ?  126 HIS A ND1 1 
ATOM   692  C  CD2 . HIS A 1 87  ? 2.164   9.268   -5.598  0.62 43.97  ?  126 HIS A CD2 1 
ATOM   693  C  CE1 . HIS A 1 87  ? 2.090   11.300  -6.434  0.62 46.10  ?  126 HIS A CE1 1 
ATOM   694  N  NE2 . HIS A 1 87  ? 1.518   10.473  -5.553  0.62 45.56  ?  126 HIS A NE2 1 
ATOM   695  N  N   . PRO A 1 88  ? 2.510   8.935   -9.971  1.00 40.23  ?  127 PRO A N   1 
ATOM   696  C  CA  . PRO A 1 88  ? 2.449   9.664   -11.242 1.00 42.23  ?  127 PRO A CA  1 
ATOM   697  C  C   . PRO A 1 88  ? 3.147   11.031  -11.251 1.00 40.15  ?  127 PRO A C   1 
ATOM   698  O  O   . PRO A 1 88  ? 3.536   11.469  -12.307 1.00 42.03  ?  127 PRO A O   1 
ATOM   699  C  CB  . PRO A 1 88  ? 0.934   9.755   -11.512 1.00 41.08  ?  127 PRO A CB  1 
ATOM   700  C  CG  . PRO A 1 88  ? 0.278   9.614   -10.177 1.00 45.11  ?  127 PRO A CG  1 
ATOM   701  C  CD  . PRO A 1 88  ? 1.185   8.699   -9.380  1.00 41.66  ?  127 PRO A CD  1 
ATOM   702  N  N   . ASP A 1 89  ? 3.378   11.646  -10.094 1.00 43.09  ?  128 ASP A N   1 
ATOM   703  C  CA  . ASP A 1 89  ? 4.174   12.902  -10.022 1.00 40.69  ?  128 ASP A CA  1 
ATOM   704  C  C   . ASP A 1 89  ? 5.657   12.600  -10.254 1.00 43.17  ?  128 ASP A C   1 
ATOM   705  O  O   . ASP A 1 89  ? 6.397   13.559  -10.294 1.00 44.32  ?  128 ASP A O   1 
ATOM   706  C  CB  . ASP A 1 89  ? 4.087   13.604  -8.668  1.00 42.40  ?  128 ASP A CB  1 
ATOM   707  C  CG  . ASP A 1 89  ? 2.732   14.150  -8.293  1.00 41.50  ?  128 ASP A CG  1 
ATOM   708  O  OD1 . ASP A 1 89  ? 1.764   13.916  -9.038  1.00 47.66  ?  128 ASP A OD1 1 
ATOM   709  O  OD2 . ASP A 1 89  ? 2.634   14.713  -7.188  1.00 43.62  ?  128 ASP A OD2 1 
ATOM   710  N  N   . SER A 1 90  ? 6.086   11.324  -10.311 1.00 38.10  ?  129 SER A N   1 
ATOM   711  C  CA  . SER A 1 90  ? 7.514   10.935  -10.485 1.00 38.04  ?  129 SER A CA  1 
ATOM   712  C  C   . SER A 1 90  ? 7.933   11.189  -11.927 1.00 36.72  ?  129 SER A C   1 
ATOM   713  O  O   . SER A 1 90  ? 7.144   11.021  -12.840 1.00 42.28  ?  129 SER A O   1 
ATOM   714  C  CB  . SER A 1 90  ? 7.790   9.486   -10.134 1.00 36.13  ?  129 SER A CB  1 
ATOM   715  O  OG  . SER A 1 90  ? 7.246   9.154   -8.863  1.00 33.75  ?  129 SER A OG  1 
ATOM   716  N  N   . PRO A 1 91  ? 9.192   11.560  -12.210 1.00 38.55  ?  130 PRO A N   1 
ATOM   717  C  CA  . PRO A 1 91  ? 10.147  12.027  -11.209 1.00 39.62  ?  130 PRO A CA  1 
ATOM   718  C  C   . PRO A 1 91  ? 9.937   13.488  -10.822 1.00 43.06  ?  130 PRO A C   1 
ATOM   719  O  O   . PRO A 1 91  ? 9.365   14.257  -11.580 1.00 40.26  ?  130 PRO A O   1 
ATOM   720  C  CB  . PRO A 1 91  ? 11.493  11.873  -11.909 1.00 42.82  ?  130 PRO A CB  1 
ATOM   721  C  CG  . PRO A 1 91  ? 11.151  12.026  -13.359 1.00 43.68  ?  130 PRO A CG  1 
ATOM   722  C  CD  . PRO A 1 91  ? 9.783   11.421  -13.535 1.00 43.75  ?  130 PRO A CD  1 
ATOM   723  N  N   . ASN A 1 92  ? 10.419  13.880  -9.659  1.00 40.99  ?  131 ASN A N   1 
ATOM   724  C  CA  . ASN A 1 92  ? 10.102  15.248  -9.200  1.00 47.24  ?  131 ASN A CA  1 
ATOM   725  C  C   . ASN A 1 92  ? 11.082  15.687  -8.128  1.00 46.91  ?  131 ASN A C   1 
ATOM   726  O  O   . ASN A 1 92  ? 11.786  14.819  -7.583  1.00 46.46  ?  131 ASN A O   1 
ATOM   727  C  CB  . ASN A 1 92  ? 8.637   15.373  -8.795  1.00 46.29  ?  131 ASN A CB  1 
ATOM   728  C  CG  . ASN A 1 92  ? 8.032   16.667  -9.300  1.00 49.97  ?  131 ASN A CG  1 
ATOM   729  O  OD1 . ASN A 1 92  ? 8.683   17.708  -9.233  1.00 44.09  ?  131 ASN A OD1 1 
ATOM   730  N  ND2 . ASN A 1 92  ? 6.780   16.622  -9.741  1.00 41.51  ?  131 ASN A ND2 1 
ATOM   731  N  N   . PHE A 1 93  ? 11.175  17.009  -7.932  1.00 46.46  ?  132 PHE A N   1 
ATOM   732  C  CA  . PHE A 1 93  ? 12.161  17.645  -7.024  1.00 48.37  ?  132 PHE A CA  1 
ATOM   733  C  C   . PHE A 1 93  ? 11.785  17.280  -5.591  1.00 47.20  ?  132 PHE A C   1 
ATOM   734  O  O   . PHE A 1 93  ? 10.584  17.161  -5.285  1.00 45.50  ?  132 PHE A O   1 
ATOM   735  C  CB  . PHE A 1 93  ? 12.214  19.169  -7.214  1.00 48.43  ?  132 PHE A CB  1 
ATOM   736  C  CG  . PHE A 1 93  ? 12.866  19.576  -8.509  1.00 47.01  ?  132 PHE A CG  1 
ATOM   737  C  CD1 . PHE A 1 93  ? 14.246  19.533  -8.643  1.00 47.91  ?  132 PHE A CD1 1 
ATOM   738  C  CD2 . PHE A 1 93  ? 12.104  19.916  -9.613  1.00 48.29  ?  132 PHE A CD2 1 
ATOM   739  C  CE1 . PHE A 1 93  ? 14.854  19.829  -9.849  1.00 48.05  ?  132 PHE A CE1 1 
ATOM   740  C  CE2 . PHE A 1 93  ? 12.715  20.238  -10.816 1.00 49.90  ?  132 PHE A CE2 1 
ATOM   741  C  CZ  . PHE A 1 93  ? 14.087  20.186  -10.934 1.00 54.01  ?  132 PHE A CZ  1 
ATOM   742  N  N   . GLY A 1 94  ? 12.785  17.173  -4.721  1.00 44.75  ?  133 GLY A N   1 
ATOM   743  C  CA  . GLY A 1 94  ? 12.535  17.043  -3.277  1.00 47.13  ?  133 GLY A CA  1 
ATOM   744  C  C   . GLY A 1 94  ? 11.448  17.985  -2.787  1.00 47.05  ?  133 GLY A C   1 
ATOM   745  O  O   . GLY A 1 94  ? 10.652  17.556  -1.958  1.00 45.74  ?  133 GLY A O   1 
ATOM   746  N  N   . ALA A 1 95  ? 11.419  19.240  -3.252  1.00 55.24  ?  134 ALA A N   1 
ATOM   747  C  CA  . ALA A 1 95  ? 10.503  20.298  -2.754  1.00 48.34  ?  134 ALA A CA  1 
ATOM   748  C  C   . ALA A 1 95  ? 9.061   19.916  -3.077  1.00 44.05  ?  134 ALA A C   1 
ATOM   749  O  O   . ALA A 1 95  ? 8.136   20.203  -2.287  1.00 49.02  ?  134 ALA A O   1 
ATOM   750  C  CB  . ALA A 1 95  ? 10.858  21.627  -3.387  1.00 51.84  ?  134 ALA A CB  1 
ATOM   751  N  N   . HIS A 1 96  ? 8.850   19.318  -4.237  1.00 43.80  ?  135 HIS A N   1 
ATOM   752  C  CA  . HIS A 1 96  ? 7.502   18.893  -4.682  1.00 45.76  ?  135 HIS A CA  1 
ATOM   753  C  C   . HIS A 1 96  ? 6.983   17.845  -3.701  1.00 41.66  ?  135 HIS A C   1 
ATOM   754  O  O   . HIS A 1 96  ? 5.841   17.930  -3.261  1.00 47.12  ?  135 HIS A O   1 
ATOM   755  C  CB  . HIS A 1 96  ? 7.549   18.358  -6.118  1.00 47.09  ?  135 HIS A CB  1 
ATOM   756  C  CG  . HIS A 1 96  ? 6.235   17.809  -6.556  1.00 47.91  ?  135 HIS A CG  1 
ATOM   757  N  ND1 . HIS A 1 96  ? 5.300   18.569  -7.233  1.00 49.31  ?  135 HIS A ND1 1 
ATOM   758  C  CD2 . HIS A 1 96  ? 5.691   16.584  -6.388  1.00 46.29  ?  135 HIS A CD2 1 
ATOM   759  C  CE1 . HIS A 1 96  ? 4.239   17.836  -7.483  1.00 54.35  ?  135 HIS A CE1 1 
ATOM   760  N  NE2 . HIS A 1 96  ? 4.451   16.605  -6.957  1.00 52.56  ?  135 HIS A NE2 1 
ATOM   761  N  N   . TRP A 1 97  ? 7.823   16.885  -3.351  1.00 46.64  ?  136 TRP A N   1 
ATOM   762  C  CA  . TRP A 1 97  ? 7.412   15.782  -2.449  1.00 44.42  ?  136 TRP A CA  1 
ATOM   763  C  C   . TRP A 1 97  ? 7.205   16.280  -1.014  1.00 49.15  ?  136 TRP A C   1 
ATOM   764  O  O   . TRP A 1 97  ? 6.322   15.738  -0.337  1.00 45.33  ?  136 TRP A O   1 
ATOM   765  C  CB  . TRP A 1 97  ? 8.448   14.680  -2.507  1.00 43.32  ?  136 TRP A CB  1 
ATOM   766  C  CG  . TRP A 1 97  ? 8.660   14.105  -3.862  1.00 38.82  ?  136 TRP A CG  1 
ATOM   767  C  CD1 . TRP A 1 97  ? 9.811   14.155  -4.586  1.00 39.89  ?  136 TRP A CD1 1 
ATOM   768  C  CD2 . TRP A 1 97  ? 7.714   13.369  -4.647  1.00 35.83  ?  136 TRP A CD2 1 
ATOM   769  N  NE1 . TRP A 1 97  ? 9.652   13.482  -5.765  1.00 41.13  ?  136 TRP A NE1 1 
ATOM   770  C  CE2 . TRP A 1 97  ? 8.371   13.005  -5.837  1.00 37.18  ?  136 TRP A CE2 1 
ATOM   771  C  CE3 . TRP A 1 97  ? 6.397   12.948  -4.443  1.00 41.13  ?  136 TRP A CE3 1 
ATOM   772  C  CZ2 . TRP A 1 97  ? 7.771   12.216  -6.812  1.00 37.13  ?  136 TRP A CZ2 1 
ATOM   773  C  CZ3 . TRP A 1 97  ? 5.792   12.186  -5.410  1.00 39.91  ?  136 TRP A CZ3 1 
ATOM   774  C  CH2 . TRP A 1 97  ? 6.466   11.841  -6.584  1.00 39.68  ?  136 TRP A CH2 1 
ATOM   775  N  N   . MET A 1 98  ? 7.960   17.281  -0.548  1.00 49.65  ?  137 MET A N   1 
ATOM   776  C  CA  . MET A 1 98  ? 7.847   17.719  0.873   1.00 48.28  ?  137 MET A CA  1 
ATOM   777  C  C   . MET A 1 98  ? 6.759   18.779  1.064   1.00 50.95  ?  137 MET A C   1 
ATOM   778  O  O   . MET A 1 98  ? 6.485   19.056  2.220   1.00 54.86  ?  137 MET A O   1 
ATOM   779  C  CB  . MET A 1 98  ? 9.172   18.256  1.410   1.00 48.98  ?  137 MET A CB  1 
ATOM   780  C  CG  . MET A 1 98  ? 10.239  17.201  1.443   1.00 51.28  ?  137 MET A CG  1 
ATOM   781  S  SD  . MET A 1 98  ? 11.779  17.788  2.188   1.00 53.33  ?  137 MET A SD  1 
ATOM   782  C  CE  . MET A 1 98  ? 12.473  18.707  0.812   1.00 57.64  ?  137 MET A CE  1 
ATOM   783  N  N   . LYS A 1 99  ? 6.126   19.320  0.012   1.00 57.97  ?  138 LYS A N   1 
ATOM   784  C  CA  . LYS A 1 99  ? 5.186   20.474  0.161   1.00 57.48  ?  138 LYS A CA  1 
ATOM   785  C  C   . LYS A 1 99  ? 3.780   19.993  0.559   1.00 60.85  ?  138 LYS A C   1 
ATOM   786  O  O   . LYS A 1 99  ? 3.077   20.759  1.235   1.00 58.99  ?  138 LYS A O   1 
ATOM   787  C  CB  . LYS A 1 99  ? 5.216   21.402  -1.064  1.00 62.30  ?  138 LYS A CB  1 
ATOM   788  C  CG  . LYS A 1 99  ? 4.619   20.879  -2.366  1.00 69.06  ?  138 LYS A CG  1 
ATOM   789  C  CD  . LYS A 1 99  ? 4.691   21.894  -3.510  1.00 77.07  ?  138 LYS A CD  1 
ATOM   790  C  CE  . LYS A 1 99  ? 3.909   21.504  -4.755  1.00 79.80  ?  138 LYS A CE  1 
ATOM   791  N  NZ  . LYS A 1 99  ? 4.775   21.348  -5.955  1.00 84.84  ?  138 LYS A NZ  1 
ATOM   792  N  N   . ALA A 1 100 ? 3.373   18.769  0.211   1.00 58.55  ?  139 ALA A N   1 
ATOM   793  C  CA  . ALA A 1 100 ? 2.083   18.186  0.661   1.00 55.82  ?  139 ALA A CA  1 
ATOM   794  C  C   . ALA A 1 100 ? 2.227   16.672  0.804   1.00 53.85  ?  139 ALA A C   1 
ATOM   795  O  O   . ALA A 1 100 ? 3.218   16.106  0.353   1.00 55.44  ?  139 ALA A O   1 
ATOM   796  C  CB  . ALA A 1 100 ? 0.973   18.556  -0.290  1.00 57.26  ?  139 ALA A CB  1 
ATOM   797  N  N   . PRO A 1 101 ? 1.309   15.987  1.520   1.00 52.06  ?  140 PRO A N   1 
ATOM   798  C  CA  . PRO A 1 101 ? 1.394   14.538  1.677   1.00 47.72  ?  140 PRO A CA  1 
ATOM   799  C  C   . PRO A 1 101 ? 1.469   13.883  0.301   1.00 44.74  ?  140 PRO A C   1 
ATOM   800  O  O   . PRO A 1 101 ? 0.773   14.309  -0.569  1.00 44.43  ?  140 PRO A O   1 
ATOM   801  C  CB  . PRO A 1 101 ? 0.095   14.172  2.400   1.00 50.16  ?  140 PRO A CB  1 
ATOM   802  C  CG  . PRO A 1 101 ? -0.221  15.418  3.194   1.00 52.64  ?  140 PRO A CG  1 
ATOM   803  C  CD  . PRO A 1 101 ? 0.181   16.554  2.275   1.00 52.91  ?  140 PRO A CD  1 
ATOM   804  N  N   . VAL A 1 102 ? 2.358   12.918  0.124   1.00 42.57  ?  141 VAL A N   1 
ATOM   805  C  CA  . VAL A 1 102 ? 2.416   12.117  -1.132  1.00 42.58  ?  141 VAL A CA  1 
ATOM   806  C  C   . VAL A 1 102 ? 1.264   11.109  -1.064  1.00 42.92  ?  141 VAL A C   1 
ATOM   807  O  O   . VAL A 1 102 ? 1.251   10.237  -0.164  1.00 38.66  ?  141 VAL A O   1 
ATOM   808  C  CB  . VAL A 1 102 ? 3.772   11.432  -1.339  1.00 42.23  ?  141 VAL A CB  1 
ATOM   809  C  CG1 . VAL A 1 102 ? 3.809   10.705  -2.669  1.00 42.53  ?  141 VAL A CG1 1 
ATOM   810  C  CG2 . VAL A 1 102 ? 4.921   12.409  -1.206  1.00 45.99  ?  141 VAL A CG2 1 
ATOM   811  N  N   . SER A 1 103 ? 0.315   11.225  -1.981  1.00 40.30  ?  142 SER A N   1 
ATOM   812  C  CA  . SER A 1 103 ? -0.953  10.472  -1.915  1.00 41.05  ?  142 SER A CA  1 
ATOM   813  C  C   . SER A 1 103 ? -1.007  9.462   -3.056  1.00 41.36  ?  142 SER A C   1 
ATOM   814  O  O   . SER A 1 103 ? -0.871  9.882   -4.211  1.00 40.47  ?  142 SER A O   1 
ATOM   815  C  CB  . SER A 1 103 ? -2.093  11.414  -1.941  1.00 41.92  ?  142 SER A CB  1 
ATOM   816  O  OG  . SER A 1 103 ? -3.294  10.694  -2.075  1.00 51.53  ?  142 SER A OG  1 
ATOM   817  N  N   . PHE A 1 104 ? -1.189  8.176   -2.742  1.00 38.29  ?  143 PHE A N   1 
ATOM   818  C  CA  . PHE A 1 104 ? -1.228  7.094   -3.758  1.00 39.85  ?  143 PHE A CA  1 
ATOM   819  C  C   . PHE A 1 104 ? -2.687  6.800   -4.102  1.00 38.95  ?  143 PHE A C   1 
ATOM   820  O  O   . PHE A 1 104 ? -3.114  5.639   -4.058  1.00 40.67  ?  143 PHE A O   1 
ATOM   821  C  CB  . PHE A 1 104 ? -0.444  5.883   -3.249  1.00 35.17  ?  143 PHE A CB  1 
ATOM   822  C  CG  . PHE A 1 104 ? 1.039   6.123   -3.153  1.00 39.33  ?  143 PHE A CG  1 
ATOM   823  C  CD1 . PHE A 1 104 ? 1.883   5.765   -4.194  1.00 37.46  ?  143 PHE A CD1 1 
ATOM   824  C  CD2 . PHE A 1 104 ? 1.594   6.702   -2.018  1.00 41.00  ?  143 PHE A CD2 1 
ATOM   825  C  CE1 . PHE A 1 104 ? 3.248   5.960   -4.095  1.00 40.97  ?  143 PHE A CE1 1 
ATOM   826  C  CE2 . PHE A 1 104 ? 2.964   6.874   -1.919  1.00 41.05  ?  143 PHE A CE2 1 
ATOM   827  C  CZ  . PHE A 1 104 ? 3.786   6.506   -2.954  1.00 42.56  ?  143 PHE A CZ  1 
ATOM   828  N  N   . SER A 1 105 ? -3.451  7.832   -4.456  1.00 41.42  ?  144 SER A N   1 
ATOM   829  C  CA  . SER A 1 105 ? -4.926  7.717   -4.617  1.00 41.53  ?  144 SER A CA  1 
ATOM   830  C  C   . SER A 1 105 ? -5.254  6.947   -5.900  1.00 37.95  ?  144 SER A C   1 
ATOM   831  O  O   . SER A 1 105 ? -6.357  6.420   -5.976  1.00 43.46  ?  144 SER A O   1 
ATOM   832  C  CB  . SER A 1 105 ? -5.596  9.053   -4.589  1.00 41.12  ?  144 SER A CB  1 
ATOM   833  O  OG  . SER A 1 105 ? -5.027  9.878   -5.579  1.00 42.25  ?  144 SER A OG  1 
ATOM   834  N  N   . LYS A 1 106 ? -4.331  6.821   -6.854  1.00 37.84  ?  145 LYS A N   1 
ATOM   835  C  CA  . LYS A 1 106 ? -4.696  6.264   -8.185  1.00 36.35  ?  145 LYS A CA  1 
ATOM   836  C  C   . LYS A 1 106 ? -4.174  4.840   -8.393  1.00 38.67  ?  145 LYS A C   1 
ATOM   837  O  O   . LYS A 1 106 ? -4.406  4.280   -9.469  1.00 36.21  ?  145 LYS A O   1 
ATOM   838  C  CB  . LYS A 1 106 ? -4.147  7.157   -9.285  1.00 38.74  ?  145 LYS A CB  1 
ATOM   839  C  CG  . LYS A 1 106 ? -4.635  8.585   -9.237  1.00 40.25  ?  145 LYS A CG  1 
ATOM   840  C  CD  . LYS A 1 106 ? -6.124  8.687   -9.225  1.00 42.25  ?  145 LYS A CD  1 
ATOM   841  C  CE  . LYS A 1 106 ? -6.553  10.065  -9.681  1.00 43.68  ?  145 LYS A CE  1 
ATOM   842  N  NZ  . LYS A 1 106 ? -8.030  10.130  -9.764  1.00 46.36  ?  145 LYS A NZ  1 
ATOM   843  N  N   . VAL A 1 107 ? -3.504  4.236   -7.415  1.00 38.98  ?  146 VAL A N   1 
ATOM   844  C  CA  . VAL A 1 107 ? -3.092  2.814   -7.579  1.00 38.94  ?  146 VAL A CA  1 
ATOM   845  C  C   . VAL A 1 107 ? -4.364  1.979   -7.549  1.00 35.05  ?  146 VAL A C   1 
ATOM   846  O  O   . VAL A 1 107 ? -5.260  2.278   -6.748  1.00 35.47  ?  146 VAL A O   1 
ATOM   847  C  CB  . VAL A 1 107 ? -2.059  2.339   -6.532  1.00 37.45  ?  146 VAL A CB  1 
ATOM   848  C  CG1 . VAL A 1 107 ? -2.618  2.298   -5.124  1.00 38.06  ?  146 VAL A CG1 1 
ATOM   849  C  CG2 . VAL A 1 107 ? -1.494  0.995   -6.943  1.00 37.27  ?  146 VAL A CG2 1 
ATOM   850  N  N   . LYS A 1 108 ? -4.428  0.957   -8.391  1.00 38.34  ?  147 LYS A N   1 
ATOM   851  C  CA  . LYS A 1 108 ? -5.589  0.044   -8.497  1.00 39.89  ?  147 LYS A CA  1 
ATOM   852  C  C   . LYS A 1 108 ? -5.101  -1.370  -8.227  1.00 39.92  ?  147 LYS A C   1 
ATOM   853  O  O   . LYS A 1 108 ? -4.094  -1.748  -8.811  1.00 38.70  ?  147 LYS A O   1 
ATOM   854  C  CB  . LYS A 1 108 ? -6.181  0.140   -9.901  1.00 44.02  ?  147 LYS A CB  1 
ATOM   855  C  CG  . LYS A 1 108 ? -6.859  1.469   -10.193 1.00 50.48  ?  147 LYS A CG  1 
ATOM   856  C  CD  . LYS A 1 108 ? -7.091  1.734   -11.671 1.00 57.98  ?  147 LYS A CD  1 
ATOM   857  C  CE  . LYS A 1 108 ? -8.462  1.326   -12.140 1.00 62.14  ?  147 LYS A CE  1 
ATOM   858  N  NZ  . LYS A 1 108 ? -8.920  2.186   -13.254 1.00 61.34  ?  147 LYS A NZ  1 
ATOM   859  N  N   . LEU A 1 109 ? -5.776  -2.087  -7.336  1.00 41.33  ?  148 LEU A N   1 
ATOM   860  C  CA  . LEU A 1 109 ? -5.388  -3.451  -6.887  1.00 38.30  ?  148 LEU A CA  1 
ATOM   861  C  C   . LEU A 1 109 ? -6.212  -4.463  -7.678  1.00 41.70  ?  148 LEU A C   1 
ATOM   862  O  O   . LEU A 1 109 ? -7.453  -4.339  -7.655  1.00 41.17  ?  148 LEU A O   1 
ATOM   863  C  CB  . LEU A 1 109 ? -5.671  -3.557  -5.392  1.00 33.10  ?  148 LEU A CB  1 
ATOM   864  C  CG  . LEU A 1 109 ? -4.945  -2.522  -4.538  1.00 35.16  ?  148 LEU A CG  1 
ATOM   865  C  CD1 . LEU A 1 109 ? -5.159  -2.769  -3.049  1.00 34.14  ?  148 LEU A CD1 1 
ATOM   866  C  CD2 . LEU A 1 109 ? -3.468  -2.478  -4.909  1.00 34.57  ?  148 LEU A CD2 1 
ATOM   867  N  N   . THR A 1 110 ? -5.554  -5.398  -8.359  1.00 40.80  ?  149 THR A N   1 
ATOM   868  C  CA  . THR A 1 110 ? -6.230  -6.408  -9.207  1.00 46.41  ?  149 THR A CA  1 
ATOM   869  C  C   . THR A 1 110 ? -5.848  -7.816  -8.746  1.00 48.52  ?  149 THR A C   1 
ATOM   870  O  O   . THR A 1 110 ? -4.785  -7.998  -8.073  1.00 46.01  ?  149 THR A O   1 
ATOM   871  C  CB  . THR A 1 110 ? -5.942  -6.187  -10.703 1.00 46.59  ?  149 THR A CB  1 
ATOM   872  O  OG1 . THR A 1 110 ? -6.738  -7.153  -11.394 1.00 46.91  ?  149 THR A OG1 1 
ATOM   873  C  CG2 . THR A 1 110 ? -4.491  -6.342  -11.092 1.00 44.30  ?  149 THR A CG2 1 
ATOM   874  N  N   . ASN A 1 111 ? -6.665  -8.783  -9.150  1.00 46.84  ?  150 ASN A N   1 
ATOM   875  C  CA  . ASN A 1 111 ? -6.388  -10.232 -8.967  1.00 50.50  ?  150 ASN A CA  1 
ATOM   876  C  C   . ASN A 1 111 ? -6.062  -10.891 -10.316 1.00 55.01  ?  150 ASN A C   1 
ATOM   877  O  O   . ASN A 1 111 ? -5.962  -12.118 -10.328 1.00 57.99  ?  150 ASN A O   1 
ATOM   878  C  CB  . ASN A 1 111 ? -7.528  -10.929 -8.220  1.00 50.48  ?  150 ASN A CB  1 
ATOM   879  C  CG  . ASN A 1 111 ? -8.892  -10.758 -8.856  1.00 48.16  ?  150 ASN A CG  1 
ATOM   880  O  OD1 . ASN A 1 111 ? -9.870  -11.288 -8.349  1.00 66.75  ?  150 ASN A OD1 1 
ATOM   881  N  ND2 . ASN A 1 111 ? -8.986  -10.012 -9.936  1.00 50.46  ?  150 ASN A ND2 1 
ATOM   882  N  N   . LYS A 1 112 ? -5.859  -10.132 -11.400 1.00 58.92  ?  151 LYS A N   1 
ATOM   883  C  CA  . LYS A 1 112 ? -5.524  -10.697 -12.739 1.00 67.02  ?  151 LYS A CA  1 
ATOM   884  C  C   . LYS A 1 112 ? -4.408  -9.879  -13.388 1.00 74.79  ?  151 LYS A C   1 
ATOM   885  O  O   . LYS A 1 112 ? -4.551  -8.651  -13.436 1.00 80.40  ?  151 LYS A O   1 
ATOM   886  C  CB  . LYS A 1 112 ? -6.729  -10.688 -13.688 1.00 71.73  ?  151 LYS A CB  1 
ATOM   887  C  CG  . LYS A 1 112 ? -8.004  -11.328 -13.152 1.00 75.43  ?  151 LYS A CG  1 
ATOM   888  C  CD  . LYS A 1 112 ? -7.970  -12.842 -13.071 1.00 76.44  ?  151 LYS A CD  1 
ATOM   889  C  CE  . LYS A 1 112 ? -9.249  -13.410 -12.491 1.00 75.93  ?  151 LYS A CE  1 
ATOM   890  N  NZ  . LYS A 1 112 ? -9.193  -14.885 -12.369 1.00 76.61  ?  151 LYS A NZ  1 
ATOM   891  N  N   . LEU A 1 113 ? -3.343  -10.546 -13.851 1.00 85.47  ?  152 LEU A N   1 
ATOM   892  C  CA  . LEU A 1 113 ? -2.333  -9.976  -14.786 1.00 89.96  ?  152 LEU A CA  1 
ATOM   893  C  C   . LEU A 1 113 ? -3.077  -9.159  -15.854 1.00 95.38  ?  152 LEU A C   1 
ATOM   894  O  O   . LEU A 1 113 ? -3.976  -9.716  -16.514 1.00 90.95  ?  152 LEU A O   1 
ATOM   895  C  CB  . LEU A 1 113 ? -1.450  -11.074 -15.402 1.00 93.29  ?  152 LEU A CB  1 
ATOM   896  C  CG  . LEU A 1 113 ? -2.039  -12.469 -15.674 1.00 98.84  ?  152 LEU A CG  1 
ATOM   897  C  CD1 . LEU A 1 113 ? -1.894  -13.389 -14.467 1.00 99.36  ?  152 LEU A CD1 1 
ATOM   898  C  CD2 . LEU A 1 113 ? -3.486  -12.444 -16.166 1.00 102.31 ?  152 LEU A CD2 1 
ATOM   899  N  N   . ASN A 1 114 ? -2.755  -7.868  -15.971 1.00 103.13 ?  153 ASN A N   1 
ATOM   900  C  CA  . ASN A 1 114 ? -3.546  -6.886  -16.762 1.00 109.91 ?  153 ASN A CA  1 
ATOM   901  C  C   . ASN A 1 114 ? -2.601  -5.924  -17.486 1.00 111.27 ?  153 ASN A C   1 
ATOM   902  O  O   . ASN A 1 114 ? -1.385  -5.961  -17.201 1.00 114.32 ?  153 ASN A O   1 
ATOM   903  C  CB  . ASN A 1 114 ? -4.545  -6.133  -15.875 1.00 114.12 ?  153 ASN A CB  1 
ATOM   904  C  CG  . ASN A 1 114 ? -5.746  -6.966  -15.469 1.00 113.81 ?  153 ASN A CG  1 
ATOM   905  O  OD1 . ASN A 1 114 ? -6.238  -7.790  -16.242 1.00 101.68 ?  153 ASN A OD1 1 
ATOM   906  N  ND2 . ASN A 1 114 ? -6.228  -6.754  -14.255 1.00 107.31 ?  153 ASN A ND2 1 
ATOM   907  N  N   . GLY A 1 115 ? -3.163  -5.098  -18.378 1.00 111.08 ?  154 GLY A N   1 
ATOM   908  C  CA  . GLY A 1 115 ? -2.441  -4.155  -19.256 1.00 111.60 ?  154 GLY A CA  1 
ATOM   909  C  C   . GLY A 1 115 ? -1.359  -3.374  -18.529 1.00 104.01 ?  154 GLY A C   1 
ATOM   910  O  O   . GLY A 1 115 ? -0.191  -3.805  -18.580 1.00 105.46 ?  154 GLY A O   1 
ATOM   911  N  N   . GLY A 1 116 ? -1.727  -2.261  -17.886 1.00 96.55  ?  155 GLY A N   1 
ATOM   912  C  CA  . GLY A 1 116 ? -0.771  -1.316  -17.276 1.00 92.91  ?  155 GLY A CA  1 
ATOM   913  C  C   . GLY A 1 116 ? -1.351  -0.596  -16.073 1.00 84.05  ?  155 GLY A C   1 
ATOM   914  O  O   . GLY A 1 116 ? -2.579  -0.519  -15.953 1.00 89.63  ?  155 GLY A O   1 
ATOM   915  N  N   . GLY A 1 117 ? -0.482  -0.066  -15.219 1.00 78.95  ?  156 GLY A N   1 
ATOM   916  C  CA  . GLY A 1 117 ? -0.854  0.626   -13.971 1.00 79.96  ?  156 GLY A CA  1 
ATOM   917  C  C   . GLY A 1 117 ? -1.107  -0.362  -12.846 1.00 71.13  ?  156 GLY A C   1 
ATOM   918  O  O   . GLY A 1 117 ? -0.300  -0.393  -11.898 1.00 76.90  ?  156 GLY A O   1 
ATOM   919  N  N   . GLN A 1 118 ? -2.169  -1.164  -12.975 1.00 65.78  ?  157 GLN A N   1 
ATOM   920  C  CA  . GLN A 1 118 ? -2.740  -2.028  -11.907 1.00 60.99  ?  157 GLN A CA  1 
ATOM   921  C  C   . GLN A 1 118 ? -1.643  -2.867  -11.252 1.00 54.60  ?  157 GLN A C   1 
ATOM   922  O  O   . GLN A 1 118 ? -0.746  -3.330  -11.955 1.00 59.32  ?  157 GLN A O   1 
ATOM   923  C  CB  . GLN A 1 118 ? -3.774  -2.994  -12.477 1.00 62.33  ?  157 GLN A CB  1 
ATOM   924  C  CG  . GLN A 1 118 ? -4.959  -2.299  -13.116 1.00 71.72  ?  157 GLN A CG  1 
ATOM   925  C  CD  . GLN A 1 118 ? -5.263  -2.899  -14.464 1.00 76.63  ?  157 GLN A CD  1 
ATOM   926  O  OE1 . GLN A 1 118 ? -6.400  -3.256  -14.750 1.00 88.72  ?  157 GLN A OE1 1 
ATOM   927  N  NE2 . GLN A 1 118 ? -4.239  -3.031  -15.294 1.00 80.84  ?  157 GLN A NE2 1 
ATOM   928  N  N   . ILE A 1 119 ? -1.760  -3.097  -9.953  1.00 46.70  ?  158 ILE A N   1 
ATOM   929  C  CA  . ILE A 1 119 ? -0.859  -4.009  -9.200  1.00 42.59  ?  158 ILE A CA  1 
ATOM   930  C  C   . ILE A 1 119 ? -1.633  -5.287  -8.912  1.00 39.71  ?  158 ILE A C   1 
ATOM   931  O  O   . ILE A 1 119 ? -2.695  -5.192  -8.269  1.00 35.99  ?  158 ILE A O   1 
ATOM   932  C  CB  . ILE A 1 119 ? -0.384  -3.325  -7.908  1.00 39.62  ?  158 ILE A CB  1 
ATOM   933  C  CG1 . ILE A 1 119 ? 0.437   -2.069  -8.212  1.00 39.89  ?  158 ILE A CG1 1 
ATOM   934  C  CG2 . ILE A 1 119 ? 0.331   -4.307  -7.002  1.00 41.37  ?  158 ILE A CG2 1 
ATOM   935  C  CD1 . ILE A 1 119 ? 1.593   -2.281  -9.173  1.00 42.01  ?  158 ILE A CD1 1 
ATOM   936  N  N   . MET A 1 120 ? -1.095  -6.430  -9.331  1.00 41.25  ?  159 MET A N   1 
ATOM   937  C  CA  . MET A 1 120 ? -1.753  -7.740  -9.086  1.00 44.30  ?  159 MET A CA  1 
ATOM   938  C  C   . MET A 1 120 ? -1.364  -8.243  -7.704  1.00 37.86  ?  159 MET A C   1 
ATOM   939  O  O   . MET A 1 120 ? -0.187  -8.294  -7.408  1.00 44.33  ?  159 MET A O   1 
ATOM   940  C  CB  . MET A 1 120 ? -1.393  -8.810  -10.115 1.00 50.79  ?  159 MET A CB  1 
ATOM   941  C  CG  . MET A 1 120 ? -2.224  -10.072 -9.915  1.00 55.01  ?  159 MET A CG  1 
ATOM   942  S  SD  . MET A 1 120 ? -1.857  -11.301 -11.151 1.00 71.16  ?  159 MET A SD  1 
ATOM   943  C  CE  . MET A 1 120 ? -0.242  -11.840 -10.581 1.00 71.03  ?  159 MET A CE  1 
ATOM   944  N  N   . LEU A 1 121 ? -2.362  -8.560  -6.891  1.00 36.79  ?  160 LEU A N   1 
ATOM   945  C  CA  . LEU A 1 121 ? -2.213  -9.180  -5.563  1.00 37.63  ?  160 LEU A CA  1 
ATOM   946  C  C   . LEU A 1 121 ? -2.969  -10.503 -5.585  1.00 43.21  ?  160 LEU A C   1 
ATOM   947  O  O   . LEU A 1 121 ? -3.993  -10.587 -6.298  1.00 46.44  ?  160 LEU A O   1 
ATOM   948  C  CB  . LEU A 1 121 ? -2.787  -8.263  -4.490  1.00 38.26  ?  160 LEU A CB  1 
ATOM   949  C  CG  . LEU A 1 121 ? -2.182  -6.871  -4.364  1.00 36.60  ?  160 LEU A CG  1 
ATOM   950  C  CD1 . LEU A 1 121 ? -2.882  -6.128  -3.246  1.00 35.77  ?  160 LEU A CD1 1 
ATOM   951  C  CD2 . LEU A 1 121 ? -0.683  -6.921  -4.100  1.00 41.89  ?  160 LEU A CD2 1 
ATOM   952  N  N   . ASN A 1 122 ? -2.499  -11.469 -4.794  1.00 46.83  ?  161 ASN A N   1 
ATOM   953  C  CA  . ASN A 1 122 ? -3.202  -12.753 -4.536  1.00 47.09  ?  161 ASN A CA  1 
ATOM   954  C  C   . ASN A 1 122 ? -4.335  -12.518 -3.543  1.00 48.06  ?  161 ASN A C   1 
ATOM   955  O  O   . ASN A 1 122 ? -4.083  -12.078 -2.379  1.00 46.09  ?  161 ASN A O   1 
ATOM   956  C  CB  . ASN A 1 122 ? -2.273  -13.837 -3.994  1.00 54.33  ?  161 ASN A CB  1 
ATOM   957  C  CG  . ASN A 1 122 ? -1.179  -14.185 -4.972  1.00 57.26  ?  161 ASN A CG  1 
ATOM   958  O  OD1 . ASN A 1 122 ? -1.446  -14.321 -6.162  1.00 62.63  ?  161 ASN A OD1 1 
ATOM   959  N  ND2 . ASN A 1 122 ? 0.049   -14.292 -4.485  1.00 62.48  ?  161 ASN A ND2 1 
ATOM   960  N  N   . SER A 1 123 ? -5.542  -12.856 -3.968  1.00 42.64  ?  162 SER A N   1 
ATOM   961  C  CA  . SER A 1 123 ? -6.749  -12.839 -3.115  1.00 49.01  ?  162 SER A CA  1 
ATOM   962  C  C   . SER A 1 123 ? -6.479  -13.653 -1.842  1.00 41.63  ?  162 SER A C   1 
ATOM   963  O  O   . SER A 1 123 ? -5.832  -14.702 -1.937  1.00 42.73  ?  162 SER A O   1 
ATOM   964  C  CB  . SER A 1 123 ? -7.938  -13.356 -3.886  1.00 52.14  ?  162 SER A CB  1 
ATOM   965  O  OG  . SER A 1 123 ? -9.127  -12.863 -3.302  1.00 66.91  ?  162 SER A OG  1 
ATOM   966  N  N   . LEU A 1 124 ? -6.960  -13.172 -0.699  1.00 39.86  ?  163 LEU A N   1 
ATOM   967  C  CA  . LEU A 1 124 ? -6.920  -13.845 0.626   1.00 43.97  ?  163 LEU A CA  1 
ATOM   968  C  C   . LEU A 1 124 ? -5.474  -14.005 1.128   1.00 43.72  ?  163 LEU A C   1 
ATOM   969  O  O   . LEU A 1 124 ? -5.234  -14.865 1.992   1.00 46.00  ?  163 LEU A O   1 
ATOM   970  C  CB  . LEU A 1 124 ? -7.638  -15.193 0.520   1.00 49.15  ?  163 LEU A CB  1 
ATOM   971  C  CG  . LEU A 1 124 ? -9.096  -15.108 0.057   1.00 51.70  ?  163 LEU A CG  1 
ATOM   972  C  CD1 . LEU A 1 124 ? -9.676  -16.497 -0.163  1.00 54.61  ?  163 LEU A CD1 1 
ATOM   973  C  CD2 . LEU A 1 124 ? -9.929  -14.331 1.061   1.00 48.34  ?  163 LEU A CD2 1 
ATOM   974  N  N   . HIS A 1 125 ? -4.552  -13.185 0.628   1.00 42.07  ?  164 HIS A N   1 
ATOM   975  C  CA  . HIS A 1 125 ? -3.193  -13.029 1.191   1.00 40.76  ?  164 HIS A CA  1 
ATOM   976  C  C   . HIS A 1 125 ? -3.157  -11.688 1.904   1.00 43.41  ?  164 HIS A C   1 
ATOM   977  O  O   . HIS A 1 125 ? -3.908  -10.764 1.495   1.00 39.46  ?  164 HIS A O   1 
ATOM   978  C  CB  . HIS A 1 125 ? -2.122  -13.232 0.120   1.00 46.53  ?  164 HIS A CB  1 
ATOM   979  C  CG  . HIS A 1 125 ? -1.995  -14.672 -0.244  1.00 51.15  ?  164 HIS A CG  1 
ATOM   980  N  ND1 . HIS A 1 125 ? -2.950  -15.329 -1.008  1.00 59.83  ?  164 HIS A ND1 1 
ATOM   981  C  CD2 . HIS A 1 125 ? -1.076  -15.608 0.086   1.00 55.41  ?  164 HIS A CD2 1 
ATOM   982  C  CE1 . HIS A 1 125 ? -2.612  -16.605 -1.147  1.00 54.21  ?  164 HIS A CE1 1 
ATOM   983  N  NE2 . HIS A 1 125 ? -1.472  -16.802 -0.487  1.00 55.46  ?  164 HIS A NE2 1 
ATOM   984  N  N   . LYS A 1 126 ? -2.400  -11.638 2.992   1.00 37.10  ?  165 LYS A N   1 
ATOM   985  C  CA  . LYS A 1 126 ? -2.252  -10.441 3.832   1.00 38.93  ?  165 LYS A CA  1 
ATOM   986  C  C   . LYS A 1 126 ? -1.021  -9.651  3.341   1.00 40.88  ?  165 LYS A C   1 
ATOM   987  O  O   . LYS A 1 126 ? 0.037   -10.262 3.087   1.00 34.60  ?  165 LYS A O   1 
ATOM   988  C  CB  . LYS A 1 126 ? -2.178  -10.897 5.280   1.00 37.68  ?  165 LYS A CB  1 
ATOM   989  C  CG  . LYS A 1 126 ? -2.040  -9.782  6.286   1.00 45.27  ?  165 LYS A CG  1 
ATOM   990  C  CD  . LYS A 1 126 ? -2.100  -10.275 7.695   1.00 45.28  ?  165 LYS A CD  1 
ATOM   991  C  CE  . LYS A 1 126 ? -3.521  -10.558 8.123   1.00 48.76  ?  165 LYS A CE  1 
ATOM   992  N  NZ  . LYS A 1 126 ? -3.678  -10.364 9.582   1.00 51.15  ?  165 LYS A NZ  1 
ATOM   993  N  N   . TYR A 1 127 ? -1.156  -8.339  3.180   1.00 35.45  ?  166 TYR A N   1 
ATOM   994  C  CA  . TYR A 1 127 ? -0.133  -7.497  2.500   1.00 33.62  ?  166 TYR A CA  1 
ATOM   995  C  C   . TYR A 1 127 ? 0.227   -6.316  3.395   1.00 33.27  ?  166 TYR A C   1 
ATOM   996  O  O   . TYR A 1 127 ? -0.639  -5.802  4.117   1.00 34.65  ?  166 TYR A O   1 
ATOM   997  C  CB  . TYR A 1 127 ? -0.609  -7.010  1.133   1.00 33.31  ?  166 TYR A CB  1 
ATOM   998  C  CG  . TYR A 1 127 ? -0.644  -8.094  0.097   1.00 31.92  ?  166 TYR A CG  1 
ATOM   999  C  CD1 . TYR A 1 127 ? 0.505   -8.493  -0.557  1.00 32.13  ?  166 TYR A CD1 1 
ATOM   1000 C  CD2 . TYR A 1 127 ? -1.818  -8.771  -0.183  1.00 35.37  ?  166 TYR A CD2 1 
ATOM   1001 C  CE1 . TYR A 1 127 ? 0.489   -9.523  -1.481  1.00 34.77  ?  166 TYR A CE1 1 
ATOM   1002 C  CE2 . TYR A 1 127 ? -1.852  -9.799  -1.108  1.00 34.84  ?  166 TYR A CE2 1 
ATOM   1003 C  CZ  . TYR A 1 127 ? -0.697  -10.177 -1.762  1.00 38.12  ?  166 TYR A CZ  1 
ATOM   1004 O  OH  . TYR A 1 127 ? -0.728  -11.195 -2.687  1.00 43.41  ?  166 TYR A OH  1 
ATOM   1005 N  N   . GLU A 1 128 ? 1.484   -5.889  3.309   1.00 33.44  ?  167 GLU A N   1 
ATOM   1006 C  CA  . GLU A 1 128 ? 1.998   -4.691  4.010   1.00 33.49  ?  167 GLU A CA  1 
ATOM   1007 C  C   . GLU A 1 128 ? 2.486   -3.716  2.953   1.00 33.05  ?  167 GLU A C   1 
ATOM   1008 O  O   . GLU A 1 128 ? 3.463   -4.012  2.254   1.00 34.99  ?  167 GLU A O   1 
ATOM   1009 C  CB  . GLU A 1 128 ? 3.163   -5.058  4.934   1.00 35.18  ?  167 GLU A CB  1 
ATOM   1010 C  CG  . GLU A 1 128 ? 3.682   -3.875  5.698   1.00 36.11  ?  167 GLU A CG  1 
ATOM   1011 C  CD  . GLU A 1 128 ? 4.440   -4.295  6.937   1.00 36.27  ?  167 GLU A CD  1 
ATOM   1012 O  OE1 . GLU A 1 128 ? 5.642   -4.487  6.808   1.00 32.96  ?  167 GLU A OE1 1 
ATOM   1013 O  OE2 . GLU A 1 128 ? 3.797   -4.520  7.956   1.00 32.55  ?  167 GLU A OE2 1 
ATOM   1014 N  N   . PRO A 1 129 ? 1.781   -2.586  2.747   1.00 30.63  ?  168 PRO A N   1 
ATOM   1015 C  CA  . PRO A 1 129 ? 2.285   -1.521  1.896   1.00 30.43  ?  168 PRO A CA  1 
ATOM   1016 C  C   . PRO A 1 129 ? 3.697   -1.044  2.276   1.00 33.67  ?  168 PRO A C   1 
ATOM   1017 O  O   . PRO A 1 129 ? 4.024   -0.931  3.455   1.00 32.72  ?  168 PRO A O   1 
ATOM   1018 C  CB  . PRO A 1 129 ? 1.243   -0.400  2.060   1.00 34.48  ?  168 PRO A CB  1 
ATOM   1019 C  CG  . PRO A 1 129 ? -0.048  -1.191  2.339   1.00 34.14  ?  168 PRO A CG  1 
ATOM   1020 C  CD  . PRO A 1 129 ? 0.410   -2.330  3.233   1.00 33.83  ?  168 PRO A CD  1 
ATOM   1021 N  N   . ARG A 1 130 ? 4.490   -0.780  1.246   1.00 32.64  ?  169 ARG A N   1 
ATOM   1022 C  CA  . ARG A 1 130 ? 5.893   -0.333  1.366   1.00 33.24  ?  169 ARG A CA  1 
ATOM   1023 C  C   . ARG A 1 130 ? 6.164   0.701   0.270   1.00 32.97  ?  169 ARG A C   1 
ATOM   1024 O  O   . ARG A 1 130 ? 5.770   0.483   -0.892  1.00 34.78  ?  169 ARG A O   1 
ATOM   1025 C  CB  . ARG A 1 130 ? 6.796   -1.568  1.261   1.00 35.02  ?  169 ARG A CB  1 
ATOM   1026 C  CG  . ARG A 1 130 ? 8.268   -1.295  1.538   1.00 36.04  ?  169 ARG A CG  1 
ATOM   1027 C  CD  . ARG A 1 130 ? 9.020   -2.606  1.477   1.00 34.73  ?  169 ARG A CD  1 
ATOM   1028 N  NE  . ARG A 1 130 ? 8.987   -3.184  0.139   1.00 32.02  ?  169 ARG A NE  1 
ATOM   1029 C  CZ  . ARG A 1 130 ? 9.630   -4.267  -0.229  1.00 35.51  ?  169 ARG A CZ  1 
ATOM   1030 N  NH1 . ARG A 1 130 ? 10.370  -4.930  0.654   1.00 35.85  ?  169 ARG A NH1 1 
ATOM   1031 N  NH2 . ARG A 1 130 ? 9.561   -4.658  -1.493  1.00 31.52  ?  169 ARG A NH2 1 
ATOM   1032 N  N   . ILE A 1 131 ? 6.854   1.777   0.605   1.00 33.31  ?  170 ILE A N   1 
ATOM   1033 C  CA  . ILE A 1 131 ? 7.333   2.734   -0.426  1.00 37.83  ?  170 ILE A CA  1 
ATOM   1034 C  C   . ILE A 1 131 ? 8.853   2.639   -0.526  1.00 39.63  ?  170 ILE A C   1 
ATOM   1035 O  O   . ILE A 1 131 ? 9.532   2.207   0.472   1.00 34.73  ?  170 ILE A O   1 
ATOM   1036 C  CB  . ILE A 1 131 ? 6.835   4.168   -0.163  1.00 39.97  ?  170 ILE A CB  1 
ATOM   1037 C  CG1 . ILE A 1 131 ? 7.398   4.721   1.142   1.00 42.49  ?  170 ILE A CG1 1 
ATOM   1038 C  CG2 . ILE A 1 131 ? 5.309   4.217   -0.203  1.00 41.17  ?  170 ILE A CG2 1 
ATOM   1039 C  CD1 . ILE A 1 131 ? 7.332   6.224   1.277   1.00 47.17  ?  170 ILE A CD1 1 
ATOM   1040 N  N   . HIS A 1 132 ? 9.339   2.978   -1.721  1.00 40.04  ?  171 HIS A N   1 
ATOM   1041 C  CA  . HIS A 1 132 ? 10.756  3.249   -2.041  1.00 38.97  ?  171 HIS A CA  1 
ATOM   1042 C  C   . HIS A 1 132 ? 10.867  4.690   -2.555  1.00 39.35  ?  171 HIS A C   1 
ATOM   1043 O  O   . HIS A 1 132 ? 10.083  5.091   -3.487  1.00 36.70  ?  171 HIS A O   1 
ATOM   1044 C  CB  . HIS A 1 132 ? 11.282  2.240   -3.043  1.00 37.09  ?  171 HIS A CB  1 
ATOM   1045 C  CG  . HIS A 1 132 ? 10.854  0.836   -2.784  1.00 43.77  ?  171 HIS A CG  1 
ATOM   1046 N  ND1 . HIS A 1 132 ? 11.541  0.008   -1.918  1.00 38.47  ?  171 HIS A ND1 1 
ATOM   1047 C  CD2 . HIS A 1 132 ? 9.845   0.103   -3.299  1.00 42.00  ?  171 HIS A CD2 1 
ATOM   1048 C  CE1 . HIS A 1 132 ? 10.955  -1.159  -1.885  1.00 42.12  ?  171 HIS A CE1 1 
ATOM   1049 N  NE2 . HIS A 1 132 ? 9.895   -1.125  -2.717  1.00 41.79  ?  171 HIS A NE2 1 
ATOM   1050 N  N   . ILE A 1 133 ? 11.766  5.453   -1.949  1.00 39.54  ?  172 ILE A N   1 
ATOM   1051 C  CA  . ILE A 1 133 ? 12.175  6.808   -2.428  1.00 40.98  ?  172 ILE A CA  1 
ATOM   1052 C  C   . ILE A 1 133 ? 13.511  6.625   -3.130  1.00 42.84  ?  172 ILE A C   1 
ATOM   1053 O  O   . ILE A 1 133 ? 14.495  6.238   -2.434  1.00 37.98  ?  172 ILE A O   1 
ATOM   1054 C  CB  . ILE A 1 133 ? 12.224  7.803   -1.259  1.00 43.21  ?  172 ILE A CB  1 
ATOM   1055 C  CG1 . ILE A 1 133 ? 10.881  7.808   -0.531  1.00 43.32  ?  172 ILE A CG1 1 
ATOM   1056 C  CG2 . ILE A 1 133 ? 12.606  9.188   -1.749  1.00 43.00  ?  172 ILE A CG2 1 
ATOM   1057 C  CD1 . ILE A 1 133 ? 10.836  8.670   0.701   1.00 43.95  ?  172 ILE A CD1 1 
ATOM   1058 N  N   . VAL A 1 134 ? 13.488  6.715   -4.469  1.00 41.14  ?  173 VAL A N   1 
ATOM   1059 C  CA  . VAL A 1 134 ? 14.672  6.514   -5.347  1.00 38.35  ?  173 VAL A CA  1 
ATOM   1060 C  C   . VAL A 1 134 ? 15.170  7.899   -5.784  1.00 44.45  ?  173 VAL A C   1 
ATOM   1061 O  O   . VAL A 1 134 ? 14.428  8.582   -6.503  1.00 44.24  ?  173 VAL A O   1 
ATOM   1062 C  CB  . VAL A 1 134 ? 14.355  5.612   -6.548  1.00 38.40  ?  173 VAL A CB  1 
ATOM   1063 C  CG1 . VAL A 1 134 ? 15.616  5.299   -7.341  1.00 38.43  ?  173 VAL A CG1 1 
ATOM   1064 C  CG2 . VAL A 1 134 ? 13.673  4.318   -6.100  1.00 41.81  ?  173 VAL A CG2 1 
ATOM   1065 N  N   . ARG A 1 135 ? 16.347  8.304   -5.308  1.00 46.46  ?  174 ARG A N   1 
ATOM   1066 C  CA  . ARG A 1 135 ? 17.107  9.466   -5.838  1.00 51.46  ?  174 ARG A CA  1 
ATOM   1067 C  C   . ARG A 1 135 ? 17.571  9.144   -7.259  1.00 47.89  ?  174 ARG A C   1 
ATOM   1068 O  O   . ARG A 1 135 ? 18.376  8.204   -7.401  1.00 51.06  ?  174 ARG A O   1 
ATOM   1069 C  CB  . ARG A 1 135 ? 18.292  9.805   -4.928  1.00 56.08  ?  174 ARG A CB  1 
ATOM   1070 C  CG  . ARG A 1 135 ? 18.949  11.133  -5.279  1.00 61.56  ?  174 ARG A CG  1 
ATOM   1071 C  CD  . ARG A 1 135 ? 19.978  11.599  -4.262  1.00 66.12  ?  174 ARG A CD  1 
ATOM   1072 N  NE  . ARG A 1 135 ? 20.489  12.911  -4.648  1.00 71.41  ?  174 ARG A NE  1 
ATOM   1073 C  CZ  . ARG A 1 135 ? 21.045  13.809  -3.830  1.00 70.59  ?  174 ARG A CZ  1 
ATOM   1074 N  NH1 . ARG A 1 135 ? 21.190  13.563  -2.540  1.00 66.61  ?  174 ARG A NH1 1 
ATOM   1075 N  NH2 . ARG A 1 135 ? 21.447  14.972  -4.316  1.00 71.04  ?  174 ARG A NH2 1 
ATOM   1076 N  N   . VAL A 1 136 ? 17.078  9.895   -8.256  1.00 47.52  ?  175 VAL A N   1 
ATOM   1077 C  CA  . VAL A 1 136 ? 17.320  9.630   -9.711  1.00 52.99  ?  175 VAL A CA  1 
ATOM   1078 C  C   . VAL A 1 136 ? 18.123  10.775  -10.366 1.00 62.01  ?  175 VAL A C   1 
ATOM   1079 O  O   . VAL A 1 136 ? 18.152  11.910  -9.831  1.00 54.22  ?  175 VAL A O   1 
ATOM   1080 C  CB  . VAL A 1 136 ? 15.987  9.412   -10.457 1.00 58.07  ?  175 VAL A CB  1 
ATOM   1081 C  CG1 . VAL A 1 136 ? 15.312  8.099   -10.075 1.00 61.27  ?  175 VAL A CG1 1 
ATOM   1082 C  CG2 . VAL A 1 136 ? 15.019  10.570  -10.255 1.00 54.98  ?  175 VAL A CG2 1 
ATOM   1083 N  N   . GLY A 1 137 ? 18.742  10.492  -11.517 1.00 71.86  ?  176 GLY A N   1 
ATOM   1084 C  CA  . GLY A 1 137 ? 19.406  11.499  -12.367 1.00 85.76  ?  176 GLY A CA  1 
ATOM   1085 C  C   . GLY A 1 137 ? 20.716  11.990  -11.779 1.00 95.58  ?  176 GLY A C   1 
ATOM   1086 O  O   . GLY A 1 137 ? 21.667  12.206  -12.563 1.00 102.80 ?  176 GLY A O   1 
ATOM   1087 N  N   . GLY A 1 138 ? 20.747  12.212  -10.459 1.00 94.63  ?  177 GLY A N   1 
ATOM   1088 C  CA  . GLY A 1 138 ? 21.961  12.547  -9.696  1.00 93.96  ?  177 GLY A CA  1 
ATOM   1089 C  C   . GLY A 1 138 ? 23.090  11.575  -10.013 1.00 96.70  ?  177 GLY A C   1 
ATOM   1090 O  O   . GLY A 1 138 ? 22.898  10.593  -10.731 1.00 88.48  ?  177 GLY A O   1 
ATOM   1091 N  N   . PRO A 1 139 ? 24.309  11.828  -9.492  1.00 102.83 ?  178 PRO A N   1 
ATOM   1092 C  CA  . PRO A 1 139 ? 25.440  10.939  -9.740  1.00 100.30 ?  178 PRO A CA  1 
ATOM   1093 C  C   . PRO A 1 139 ? 25.224  9.625   -8.974  1.00 100.37 ?  178 PRO A C   1 
ATOM   1094 O  O   . PRO A 1 139 ? 25.129  8.590   -9.627  1.00 91.82  ?  178 PRO A O   1 
ATOM   1095 C  CB  . PRO A 1 139 ? 26.665  11.730  -9.250  1.00 103.63 ?  178 PRO A CB  1 
ATOM   1096 C  CG  . PRO A 1 139 ? 26.117  12.804  -8.310  1.00 102.73 ?  178 PRO A CG  1 
ATOM   1097 C  CD  . PRO A 1 139 ? 24.643  12.966  -8.623  1.00 103.54 ?  178 PRO A CD  1 
ATOM   1098 N  N   . GLN A 1 140 ? 25.122  9.716   -7.638  1.00 94.62  ?  179 GLN A N   1 
ATOM   1099 C  CA  . GLN A 1 140 ? 24.868  8.576   -6.716  1.00 93.46  ?  179 GLN A CA  1 
ATOM   1100 C  C   . GLN A 1 140 ? 23.350  8.350   -6.630  1.00 83.69  ?  179 GLN A C   1 
ATOM   1101 O  O   . GLN A 1 140 ? 22.649  9.127   -5.938  1.00 79.84  ?  179 GLN A O   1 
ATOM   1102 C  CB  . GLN A 1 140 ? 25.545  8.795   -5.352  1.00 95.58  ?  179 GLN A CB  1 
ATOM   1103 C  CG  . GLN A 1 140 ? 24.883  9.842   -4.459  1.00 104.54 ?  179 GLN A CG  1 
ATOM   1104 C  CD  . GLN A 1 140 ? 25.786  10.391  -3.375  1.00 108.32 ?  179 GLN A CD  1 
ATOM   1105 O  OE1 . GLN A 1 140 ? 26.178  9.691   -2.440  1.00 95.08  ?  179 GLN A OE1 1 
ATOM   1106 N  NE2 . GLN A 1 140 ? 26.097  11.675  -3.469  1.00 108.62 ?  179 GLN A NE2 1 
ATOM   1107 N  N   . ARG A 1 141 ? 22.865  7.351   -7.370  1.00 72.10  ?  180 ARG A N   1 
ATOM   1108 C  CA  . ARG A 1 141 ? 21.575  6.651   -7.126  1.00 71.30  ?  180 ARG A CA  1 
ATOM   1109 C  C   . ARG A 1 141 ? 21.495  6.271   -5.641  1.00 62.21  ?  180 ARG A C   1 
ATOM   1110 O  O   . ARG A 1 141 ? 22.537  5.908   -5.064  1.00 47.11  ?  180 ARG A O   1 
ATOM   1111 C  CB  . ARG A 1 141 ? 21.489  5.416   -8.028  1.00 75.32  ?  180 ARG A CB  1 
ATOM   1112 C  CG  . ARG A 1 141 ? 20.432  4.402   -7.613  1.00 88.51  ?  180 ARG A CG  1 
ATOM   1113 C  CD  . ARG A 1 141 ? 19.664  3.857   -8.795  1.00 90.81  ?  180 ARG A CD  1 
ATOM   1114 N  NE  . ARG A 1 141 ? 19.009  4.969   -9.460  1.00 97.12  ?  180 ARG A NE  1 
ATOM   1115 C  CZ  . ARG A 1 141 ? 18.473  4.921   -10.670 1.00 103.35 ?  180 ARG A CZ  1 
ATOM   1116 N  NH1 . ARG A 1 141 ? 17.907  6.004   -11.173 1.00 103.97 ?  180 ARG A NH1 1 
ATOM   1117 N  NH2 . ARG A 1 141 ? 18.498  3.802   -11.373 1.00 111.05 ?  180 ARG A NH2 1 
ATOM   1118 N  N   . MET A 1 142 ? 20.313  6.378   -5.032  1.00 53.25  ?  181 MET A N   1 
ATOM   1119 C  CA  . MET A 1 142 ? 20.081  5.999   -3.616  1.00 51.63  ?  181 MET A CA  1 
ATOM   1120 C  C   . MET A 1 142 ? 18.609  5.613   -3.440  1.00 49.17  ?  181 MET A C   1 
ATOM   1121 O  O   . MET A 1 142 ? 17.749  6.288   -4.043  1.00 40.14  ?  181 MET A O   1 
ATOM   1122 C  CB  . MET A 1 142 ? 20.426  7.148   -2.663  1.00 51.79  ?  181 MET A CB  1 
ATOM   1123 C  CG  . MET A 1 142 ? 20.376  6.762   -1.190  1.00 55.48  ?  181 MET A CG  1 
ATOM   1124 S  SD  . MET A 1 142 ? 21.212  5.190   -0.756  1.00 55.55  ?  181 MET A SD  1 
ATOM   1125 C  CE  . MET A 1 142 ? 20.666  5.084   0.948   1.00 56.50  ?  181 MET A CE  1 
ATOM   1126 N  N   . ILE A 1 143 ? 18.342  4.576   -2.641  1.00 42.31  ?  182 ILE A N   1 
ATOM   1127 C  CA  . ILE A 1 143 ? 16.962  4.102   -2.326  1.00 41.87  ?  182 ILE A CA  1 
ATOM   1128 C  C   . ILE A 1 143 ? 16.789  4.144   -0.814  1.00 46.59  ?  182 ILE A C   1 
ATOM   1129 O  O   . ILE A 1 143 ? 17.704  3.648   -0.112  1.00 40.80  ?  182 ILE A O   1 
ATOM   1130 C  CB  . ILE A 1 143 ? 16.704  2.699   -2.889  1.00 45.02  ?  182 ILE A CB  1 
ATOM   1131 C  CG1 . ILE A 1 143 ? 16.777  2.703   -4.414  1.00 46.34  ?  182 ILE A CG1 1 
ATOM   1132 C  CG2 . ILE A 1 143 ? 15.374  2.144   -2.370  1.00 45.12  ?  182 ILE A CG2 1 
ATOM   1133 C  CD1 . ILE A 1 143 ? 16.952  1.348   -5.026  1.00 52.50  ?  182 ILE A CD1 1 
ATOM   1134 N  N   . THR A 1 144 ? 15.689  4.731   -0.331  1.00 39.45  ?  183 THR A N   1 
ATOM   1135 C  CA  . THR A 1 144 ? 15.225  4.527   1.063   1.00 46.16  ?  183 THR A CA  1 
ATOM   1136 C  C   . THR A 1 144 ? 13.837  3.884   0.978   1.00 46.76  ?  183 THR A C   1 
ATOM   1137 O  O   . THR A 1 144 ? 13.001  4.354   0.148   1.00 40.81  ?  183 THR A O   1 
ATOM   1138 C  CB  . THR A 1 144 ? 15.284  5.787   1.942   1.00 47.06  ?  183 THR A CB  1 
ATOM   1139 O  OG1 . THR A 1 144 ? 14.027  6.446   1.874   1.00 71.91  ?  183 THR A OG1 1 
ATOM   1140 C  CG2 . THR A 1 144 ? 16.376  6.766   1.578   1.00 48.99  ?  183 THR A CG2 1 
ATOM   1141 N  N   . SER A 1 145 ? 13.641  2.820   1.760   1.00 44.86  ?  184 SER A N   1 
ATOM   1142 C  CA  . SER A 1 145 ? 12.380  2.048   1.850   1.00 40.91  ?  184 SER A CA  1 
ATOM   1143 C  C   . SER A 1 145 ? 11.756  2.243   3.218   1.00 44.15  ?  184 SER A C   1 
ATOM   1144 O  O   . SER A 1 145 ? 12.465  2.290   4.228   1.00 46.41  ?  184 SER A O   1 
ATOM   1145 C  CB  . SER A 1 145 ? 12.590  0.621   1.525   1.00 39.06  ?  184 SER A CB  1 
ATOM   1146 O  OG  . SER A 1 145 ? 13.181  0.519   0.220   1.00 39.98  ?  184 SER A OG  1 
ATOM   1147 N  N   . HIS A 1 146 ? 10.439  2.326   3.231   1.00 39.25  ?  185 HIS A N   1 
ATOM   1148 C  CA  . HIS A 1 146 ? 9.640   2.444   4.455   1.00 36.19  ?  185 HIS A CA  1 
ATOM   1149 C  C   . HIS A 1 146 ? 8.381   1.584   4.333   1.00 36.88  ?  185 HIS A C   1 
ATOM   1150 O  O   . HIS A 1 146 ? 7.637   1.695   3.315   1.00 39.67  ?  185 HIS A O   1 
ATOM   1151 C  CB  . HIS A 1 146 ? 9.264   3.900   4.725   1.00 38.55  ?  185 HIS A CB  1 
ATOM   1152 C  CG  . HIS A 1 146 ? 8.920   4.105   6.161   1.00 41.29  ?  185 HIS A CG  1 
ATOM   1153 N  ND1 . HIS A 1 146 ? 7.638   3.942   6.649   1.00 50.08  ?  185 HIS A ND1 1 
ATOM   1154 C  CD2 . HIS A 1 146 ? 9.700   4.365   7.227   1.00 43.50  ?  185 HIS A CD2 1 
ATOM   1155 C  CE1 . HIS A 1 146 ? 7.636   4.129   7.946   1.00 46.60  ?  185 HIS A CE1 1 
ATOM   1156 N  NE2 . HIS A 1 146 ? 8.885   4.389   8.324   1.00 47.98  ?  185 HIS A NE2 1 
ATOM   1157 N  N   A CYS A 1 147 ? 8.125   0.828   5.401   0.25 35.66  ?  186 CYS A N   1 
ATOM   1158 N  N   B CYS A 1 147 ? 8.117   0.699   5.295   0.25 34.67  ?  186 CYS A N   1 
ATOM   1159 C  CA  A CYS A 1 147 ? 6.940   -0.039  5.592   0.25 35.28  ?  186 CYS A CA  1 
ATOM   1160 C  CA  B CYS A 1 147 ? 6.846   -0.079  5.313   0.25 33.53  ?  186 CYS A CA  1 
ATOM   1161 C  C   A CYS A 1 147 ? 5.863   0.725   6.345   0.25 34.42  ?  186 CYS A C   1 
ATOM   1162 C  C   B CYS A 1 147 ? 5.912   0.552   6.356   0.25 34.05  ?  186 CYS A C   1 
ATOM   1163 O  O   A CYS A 1 147 ? 6.218   1.707   7.065   0.25 33.22  ?  186 CYS A O   1 
ATOM   1164 O  O   B CYS A 1 147 ? 6.410   1.302   7.236   0.25 35.71  ?  186 CYS A O   1 
ATOM   1165 C  CB  A CYS A 1 147 ? 7.323   -1.266  6.398   0.25 34.94  ?  186 CYS A CB  1 
ATOM   1166 C  CB  B CYS A 1 147 ? 7.096   -1.576  5.489   0.25 31.91  ?  186 CYS A CB  1 
ATOM   1167 S  SG  A CYS A 1 147 ? 8.237   -2.425  5.368   0.25 31.76  ?  186 CYS A SG  1 
ATOM   1168 S  SG  B CYS A 1 147 ? 8.059   -2.024  6.957   0.25 26.24  ?  186 CYS A SG  1 
ATOM   1169 N  N   . PHE A 1 148 ? 4.603   0.276   6.210   1.00 37.46  ?  187 PHE A N   1 
ATOM   1170 C  CA  . PHE A 1 148 ? 3.504   0.884   6.989   1.00 36.61  ?  187 PHE A CA  1 
ATOM   1171 C  C   . PHE A 1 148 ? 2.683   -0.232  7.620   1.00 40.36  ?  187 PHE A C   1 
ATOM   1172 O  O   . PHE A 1 148 ? 1.664   -0.629  7.058   1.00 38.67  ?  187 PHE A O   1 
ATOM   1173 C  CB  . PHE A 1 148 ? 2.724   1.796   6.046   1.00 38.06  ?  187 PHE A CB  1 
ATOM   1174 C  CG  . PHE A 1 148 ? 3.554   2.927   5.496   1.00 37.78  ?  187 PHE A CG  1 
ATOM   1175 C  CD1 . PHE A 1 148 ? 3.727   4.091   6.239   1.00 42.05  ?  187 PHE A CD1 1 
ATOM   1176 C  CD2 . PHE A 1 148 ? 4.164   2.823   4.252   1.00 37.71  ?  187 PHE A CD2 1 
ATOM   1177 C  CE1 . PHE A 1 148 ? 4.482   5.147   5.738   1.00 44.16  ?  187 PHE A CE1 1 
ATOM   1178 C  CE2 . PHE A 1 148 ? 4.891   3.891   3.741   1.00 43.66  ?  187 PHE A CE2 1 
ATOM   1179 C  CZ  . PHE A 1 148 ? 5.066   5.043   4.491   1.00 42.72  ?  187 PHE A CZ  1 
ATOM   1180 N  N   . PRO A 1 149 ? 3.136   -0.793  8.770   1.00 40.61  ?  188 PRO A N   1 
ATOM   1181 C  CA  . PRO A 1 149 ? 2.396   -1.848  9.459   1.00 38.90  ?  188 PRO A CA  1 
ATOM   1182 C  C   . PRO A 1 149 ? 0.912   -1.524  9.680   1.00 38.08  ?  188 PRO A C   1 
ATOM   1183 O  O   . PRO A 1 149 ? 0.118   -2.407  9.555   1.00 36.76  ?  188 PRO A O   1 
ATOM   1184 C  CB  . PRO A 1 149 ? 3.135   -1.946  10.795  1.00 38.45  ?  188 PRO A CB  1 
ATOM   1185 C  CG  . PRO A 1 149 ? 4.569   -1.622  10.428  1.00 44.10  ?  188 PRO A CG  1 
ATOM   1186 C  CD  . PRO A 1 149 ? 4.456   -0.546  9.374   1.00 40.96  ?  188 PRO A CD  1 
ATOM   1187 N  N   . GLU A 1 150 ? 0.614   -0.255  9.960   1.00 40.76  ?  189 GLU A N   1 
ATOM   1188 C  CA  . GLU A 1 150 ? -0.732  0.281   10.299  1.00 43.70  ?  189 GLU A CA  1 
ATOM   1189 C  C   . GLU A 1 150 ? -1.661  0.082   9.083   1.00 40.98  ?  189 GLU A C   1 
ATOM   1190 O  O   . GLU A 1 150 ? -2.878  0.068   9.264   1.00 37.67  ?  189 GLU A O   1 
ATOM   1191 C  CB  . GLU A 1 150 ? -0.558  1.741   10.746  1.00 47.85  ?  189 GLU A CB  1 
ATOM   1192 C  CG  . GLU A 1 150 ? 0.778   2.034   11.474  1.00 54.80  ?  189 GLU A CG  1 
ATOM   1193 C  CD  . GLU A 1 150 ? 1.924   2.806   10.773  1.00 53.45  ?  189 GLU A CD  1 
ATOM   1194 O  OE1 . GLU A 1 150 ? 2.326   3.864   11.336  1.00 64.58  ?  189 GLU A OE1 1 
ATOM   1195 O  OE2 . GLU A 1 150 ? 2.464   2.381   9.705   1.00 30.89  ?  189 GLU A OE2 1 
ATOM   1196 N  N   . THR A 1 151 ? -1.099  -0.082  7.876   1.00 39.23  ?  190 THR A N   1 
ATOM   1197 C  CA  . THR A 1 151 ? -1.867  -0.133  6.600   1.00 38.69  ?  190 THR A CA  1 
ATOM   1198 C  C   . THR A 1 151 ? -2.004  -1.569  6.091   1.00 37.26  ?  190 THR A C   1 
ATOM   1199 O  O   . THR A 1 151 ? -2.435  -1.731  4.922   1.00 36.88  ?  190 THR A O   1 
ATOM   1200 C  CB  . THR A 1 151 ? -1.245  0.770   5.523   1.00 36.64  ?  190 THR A CB  1 
ATOM   1201 O  OG1 . THR A 1 151 ? 0.030   0.271   5.127   1.00 35.26  ?  190 THR A OG1 1 
ATOM   1202 C  CG2 . THR A 1 151 ? -1.120  2.194   6.005   1.00 38.46  ?  190 THR A CG2 1 
ATOM   1203 N  N   . GLN A 1 152 ? -1.631  -2.571  6.891   1.00 32.61  ?  191 GLN A N   1 
ATOM   1204 C  CA  . GLN A 1 152 ? -1.743  -3.993  6.484   1.00 35.77  ?  191 GLN A CA  1 
ATOM   1205 C  C   . GLN A 1 152 ? -3.203  -4.312  6.154   1.00 37.23  ?  191 GLN A C   1 
ATOM   1206 O  O   . GLN A 1 152 ? -4.107  -3.746  6.775   1.00 36.36  ?  191 GLN A O   1 
ATOM   1207 C  CB  . GLN A 1 152 ? -1.258  -4.938  7.575   1.00 39.41  ?  191 GLN A CB  1 
ATOM   1208 C  CG  . GLN A 1 152 ? 0.254   -5.116  7.593   1.00 46.43  ?  191 GLN A CG  1 
ATOM   1209 C  CD  . GLN A 1 152 ? 0.641   -6.227  8.533   1.00 51.79  ?  191 GLN A CD  1 
ATOM   1210 O  OE1 . GLN A 1 152 ? -0.235  -6.842  9.136   1.00 54.35  ?  191 GLN A OE1 1 
ATOM   1211 N  NE2 . GLN A 1 152 ? 1.940   -6.490  8.650   1.00 56.92  ?  191 GLN A NE2 1 
ATOM   1212 N  N   . PHE A 1 153 ? -3.426  -5.208  5.201   1.00 37.87  ?  192 PHE A N   1 
ATOM   1213 C  CA  . PHE A 1 153 ? -4.800  -5.598  4.828   1.00 36.37  ?  192 PHE A CA  1 
ATOM   1214 C  C   . PHE A 1 153 ? -4.761  -6.967  4.175   1.00 35.46  ?  192 PHE A C   1 
ATOM   1215 O  O   . PHE A 1 153 ? -3.710  -7.386  3.627   1.00 33.99  ?  192 PHE A O   1 
ATOM   1216 C  CB  . PHE A 1 153 ? -5.408  -4.555  3.869   1.00 35.81  ?  192 PHE A CB  1 
ATOM   1217 C  CG  . PHE A 1 153 ? -4.690  -4.440  2.552   1.00 31.44  ?  192 PHE A CG  1 
ATOM   1218 C  CD1 . PHE A 1 153 ? -4.940  -5.337  1.533   1.00 33.73  ?  192 PHE A CD1 1 
ATOM   1219 C  CD2 . PHE A 1 153 ? -3.723  -3.472  2.348   1.00 34.13  ?  192 PHE A CD2 1 
ATOM   1220 C  CE1 . PHE A 1 153 ? -4.263  -5.251  0.325   1.00 32.95  ?  192 PHE A CE1 1 
ATOM   1221 C  CE2 . PHE A 1 153 ? -3.035  -3.393  1.150   1.00 31.18  ?  192 PHE A CE2 1 
ATOM   1222 C  CZ  . PHE A 1 153 ? -3.320  -4.275  0.135   1.00 34.11  ?  192 PHE A CZ  1 
ATOM   1223 N  N   . ILE A 1 154 ? -5.915  -7.627  4.175   1.00 33.37  ?  193 ILE A N   1 
ATOM   1224 C  CA  . ILE A 1 154 ? -6.140  -8.836  3.337   1.00 36.16  ?  193 ILE A CA  1 
ATOM   1225 C  C   . ILE A 1 154 ? -6.805  -8.379  2.046   1.00 35.32  ?  193 ILE A C   1 
ATOM   1226 O  O   . ILE A 1 154 ? -7.756  -7.590  2.132   1.00 41.11  ?  193 ILE A O   1 
ATOM   1227 C  CB  . ILE A 1 154 ? -6.984  -9.874  4.098   1.00 39.97  ?  193 ILE A CB  1 
ATOM   1228 C  CG1 . ILE A 1 154 ? -6.345  -10.176 5.458   1.00 45.13  ?  193 ILE A CG1 1 
ATOM   1229 C  CG2 . ILE A 1 154 ? -7.168  -11.121 3.247   1.00 39.89  ?  193 ILE A CG2 1 
ATOM   1230 C  CD1 . ILE A 1 154 ? -7.112  -11.163 6.297   1.00 47.75  ?  193 ILE A CD1 1 
ATOM   1231 N  N   . ALA A 1 155 ? -6.280  -8.827  0.913   1.00 34.92  ?  194 ALA A N   1 
ATOM   1232 C  CA  . ALA A 1 155 ? -6.875  -8.657  -0.426  1.00 36.04  ?  194 ALA A CA  1 
ATOM   1233 C  C   . ALA A 1 155 ? -8.071  -9.612  -0.526  1.00 41.30  ?  194 ALA A C   1 
ATOM   1234 O  O   . ALA A 1 155 ? -7.893  -10.814 -0.219  1.00 42.78  ?  194 ALA A O   1 
ATOM   1235 C  CB  . ALA A 1 155 ? -5.824  -8.948  -1.478  1.00 37.10  ?  194 ALA A CB  1 
ATOM   1236 N  N   . VAL A 1 156 ? -9.246  -9.081  -0.863  1.00 40.03  ?  195 VAL A N   1 
ATOM   1237 C  CA  . VAL A 1 156 ? -10.548 -9.821  -0.883  1.00 42.20  ?  195 VAL A CA  1 
ATOM   1238 C  C   . VAL A 1 156 ? -11.318 -9.411  -2.147  1.00 42.15  ?  195 VAL A C   1 
ATOM   1239 O  O   . VAL A 1 156 ? -11.107 -8.294  -2.659  1.00 42.09  ?  195 VAL A O   1 
ATOM   1240 C  CB  . VAL A 1 156 ? -11.381 -9.580  0.396   1.00 43.31  ?  195 VAL A CB  1 
ATOM   1241 C  CG1 . VAL A 1 156 ? -10.603 -9.932  1.662   1.00 43.67  ?  195 VAL A CG1 1 
ATOM   1242 C  CG2 . VAL A 1 156 ? -11.925 -8.161  0.476   1.00 40.90  ?  195 VAL A CG2 1 
ATOM   1243 N  N   . THR A 1 157 ? -12.123 -10.308 -2.707  1.00 42.86  ?  196 THR A N   1 
ATOM   1244 C  CA  . THR A 1 157 ? -12.992 -9.964  -3.864  1.00 46.46  ?  196 THR A CA  1 
ATOM   1245 C  C   . THR A 1 157 ? -14.283 -9.322  -3.351  1.00 41.22  ?  196 THR A C   1 
ATOM   1246 O  O   . THR A 1 157 ? -14.891 -8.642  -4.139  1.00 41.46  ?  196 THR A O   1 
ATOM   1247 C  CB  . THR A 1 157 ? -13.283 -11.171 -4.756  1.00 46.05  ?  196 THR A CB  1 
ATOM   1248 O  OG1 . THR A 1 157 ? -13.916 -12.114 -3.899  1.00 48.07  ?  196 THR A OG1 1 
ATOM   1249 C  CG2 . THR A 1 157 ? -12.044 -11.759 -5.393  1.00 44.69  ?  196 THR A CG2 1 
ATOM   1250 N  N   . ALA A 1 158 ? -14.652 -9.511  -2.081  1.00 44.69  ?  197 ALA A N   1 
ATOM   1251 C  CA  . ALA A 1 158 ? -15.758 -8.790  -1.397  1.00 44.95  ?  197 ALA A CA  1 
ATOM   1252 C  C   . ALA A 1 158 ? -15.473 -8.739  0.100   1.00 39.63  ?  197 ALA A C   1 
ATOM   1253 O  O   . ALA A 1 158 ? -14.739 -9.611  0.568   1.00 41.16  ?  197 ALA A O   1 
ATOM   1254 C  CB  . ALA A 1 158 ? -17.088 -9.469  -1.672  1.00 45.93  ?  197 ALA A CB  1 
ATOM   1255 N  N   . TYR A 1 159 ? -16.027 -7.753  0.815   1.00 41.89  ?  198 TYR A N   1 
ATOM   1256 C  CA  . TYR A 1 159 ? -15.806 -7.555  2.262   1.00 39.71  ?  198 TYR A CA  1 
ATOM   1257 C  C   . TYR A 1 159 ? -16.448 -8.708  3.043   1.00 45.27  ?  198 TYR A C   1 
ATOM   1258 O  O   . TYR A 1 159 ? -17.536 -9.195  2.710   1.00 41.75  ?  198 TYR A O   1 
ATOM   1259 C  CB  . TYR A 1 159 ? -16.286 -6.178  2.723   1.00 42.29  ?  198 TYR A CB  1 
ATOM   1260 C  CG  . TYR A 1 159 ? -15.522 -5.029  2.112   1.00 42.18  ?  198 TYR A CG  1 
ATOM   1261 C  CD1 . TYR A 1 159 ? -14.141 -4.956  2.213   1.00 44.09  ?  198 TYR A CD1 1 
ATOM   1262 C  CD2 . TYR A 1 159 ? -16.171 -4.029  1.401   1.00 45.31  ?  198 TYR A CD2 1 
ATOM   1263 C  CE1 . TYR A 1 159 ? -13.424 -3.919  1.636   1.00 42.42  ?  198 TYR A CE1 1 
ATOM   1264 C  CE2 . TYR A 1 159 ? -15.471 -2.984  0.815   1.00 47.59  ?  198 TYR A CE2 1 
ATOM   1265 C  CZ  . TYR A 1 159 ? -14.092 -2.930  0.939   1.00 43.78  ?  198 TYR A CZ  1 
ATOM   1266 O  OH  . TYR A 1 159 ? -13.377 -1.928  0.369   1.00 44.35  ?  198 TYR A OH  1 
ATOM   1267 N  N   . GLN A 1 160 ? -15.744 -9.178  4.070   1.00 39.07  ?  199 GLN A N   1 
ATOM   1268 C  CA  . GLN A 1 160 ? -16.204 -10.308 4.899   1.00 38.97  ?  199 GLN A CA  1 
ATOM   1269 C  C   . GLN A 1 160 ? -16.698 -9.743  6.209   1.00 39.75  ?  199 GLN A C   1 
ATOM   1270 O  O   . GLN A 1 160 ? -17.738 -10.167 6.647   1.00 38.60  ?  199 GLN A O   1 
ATOM   1271 C  CB  . GLN A 1 160 ? -15.070 -11.302 5.111   1.00 41.68  ?  199 GLN A CB  1 
ATOM   1272 C  CG  . GLN A 1 160 ? -14.560 -11.894 3.810   1.00 43.22  ?  199 GLN A CG  1 
ATOM   1273 C  CD  . GLN A 1 160 ? -15.657 -12.626 3.081   1.00 48.98  ?  199 GLN A CD  1 
ATOM   1274 O  OE1 . GLN A 1 160 ? -16.308 -13.506 3.630   1.00 56.93  ?  199 GLN A OE1 1 
ATOM   1275 N  NE2 . GLN A 1 160 ? -15.894 -12.233 1.842   1.00 52.80  ?  199 GLN A NE2 1 
ATOM   1276 N  N   . ASN A 1 161 ? -15.919 -8.835  6.802   1.00 37.04  ?  200 ASN A N   1 
ATOM   1277 C  CA  . ASN A 1 161 ? -16.228 -8.218  8.107   1.00 41.10  ?  200 ASN A CA  1 
ATOM   1278 C  C   . ASN A 1 161 ? -17.009 -6.933  7.819   1.00 41.04  ?  200 ASN A C   1 
ATOM   1279 O  O   . ASN A 1 161 ? -16.411 -5.979  7.311   1.00 38.48  ?  200 ASN A O   1 
ATOM   1280 C  CB  . ASN A 1 161 ? -14.947 -7.988  8.894   1.00 40.83  ?  200 ASN A CB  1 
ATOM   1281 C  CG  . ASN A 1 161 ? -15.183 -7.340  10.230  1.00 40.59  ?  200 ASN A CG  1 
ATOM   1282 O  OD1 . ASN A 1 161 ? -16.319 -7.168  10.650  1.00 43.63  ?  200 ASN A OD1 1 
ATOM   1283 N  ND2 . ASN A 1 161 ? -14.108 -6.921  10.873  1.00 45.18  ?  200 ASN A ND2 1 
ATOM   1284 N  N   . GLU A 1 162 ? -18.313 -6.926  8.103   1.00 43.62  ?  201 GLU A N   1 
ATOM   1285 C  CA  . GLU A 1 162 ? -19.200 -5.759  7.833   1.00 40.60  ?  201 GLU A CA  1 
ATOM   1286 C  C   . GLU A 1 162 ? -18.696 -4.551  8.641   1.00 36.00  ?  201 GLU A C   1 
ATOM   1287 O  O   . GLU A 1 162 ? -18.960 -3.432  8.254   1.00 39.92  ?  201 GLU A O   1 
ATOM   1288 C  CB  . GLU A 1 162 ? -20.643 -6.112  8.183   1.00 43.94  ?  201 GLU A CB  1 
ATOM   1289 C  CG  . GLU A 1 162 ? -20.959 -5.801  9.630   1.00 53.25  ?  201 GLU A CG  1 
ATOM   1290 C  CD  . GLU A 1 162 ? -21.927 -6.702  10.368  1.00 67.24  ?  201 GLU A CD  1 
ATOM   1291 O  OE1 . GLU A 1 162 ? -23.081 -6.257  10.627  1.00 56.40  ?  201 GLU A OE1 1 
ATOM   1292 O  OE2 . GLU A 1 162 ? -21.491 -7.814  10.762  1.00 87.04  ?  201 GLU A OE2 1 
ATOM   1293 N  N   . GLU A 1 163 ? -17.998 -4.769  9.757   1.00 40.03  ?  202 GLU A N   1 
ATOM   1294 C  CA  . GLU A 1 163 ? -17.400 -3.656  10.535  1.00 43.31  ?  202 GLU A CA  1 
ATOM   1295 C  C   . GLU A 1 163 ? -16.456 -2.862  9.625   1.00 34.23  ?  202 GLU A C   1 
ATOM   1296 O  O   . GLU A 1 163 ? -16.350 -1.656  9.803   1.00 37.62  ?  202 GLU A O   1 
ATOM   1297 C  CB  . GLU A 1 163 ? -16.652 -4.170  11.761  1.00 46.25  ?  202 GLU A CB  1 
ATOM   1298 C  CG  . GLU A 1 163 ? -17.541 -4.669  12.883  1.00 53.90  ?  202 GLU A CG  1 
ATOM   1299 C  CD  . GLU A 1 163 ? -16.704 -5.147  14.059  1.00 63.98  ?  202 GLU A CD  1 
ATOM   1300 O  OE1 . GLU A 1 163 ? -16.884 -4.619  15.184  1.00 71.13  ?  202 GLU A OE1 1 
ATOM   1301 O  OE2 . GLU A 1 163 ? -15.824 -6.000  13.829  1.00 66.17  ?  202 GLU A OE2 1 
ATOM   1302 N  N   . ILE A 1 164 ? -15.790 -3.527  8.688   1.00 36.87  ?  203 ILE A N   1 
ATOM   1303 C  CA  . ILE A 1 164 ? -14.858 -2.866  7.727   1.00 39.92  ?  203 ILE A CA  1 
ATOM   1304 C  C   . ILE A 1 164 ? -15.710 -2.083  6.713   1.00 39.64  ?  203 ILE A C   1 
ATOM   1305 O  O   . ILE A 1 164 ? -15.458 -0.892  6.490   1.00 38.42  ?  203 ILE A O   1 
ATOM   1306 C  CB  . ILE A 1 164 ? -13.933 -3.913  7.069   1.00 36.89  ?  203 ILE A CB  1 
ATOM   1307 C  CG1 . ILE A 1 164 ? -12.910 -4.448  8.074   1.00 40.35  ?  203 ILE A CG1 1 
ATOM   1308 C  CG2 . ILE A 1 164 ? -13.252 -3.357  5.818   1.00 39.51  ?  203 ILE A CG2 1 
ATOM   1309 C  CD1 . ILE A 1 164 ? -11.963 -3.380  8.619   1.00 40.02  ?  203 ILE A CD1 1 
ATOM   1310 N  N   . THR A 1 165 ? -16.683 -2.745  6.105   1.00 39.12  ?  204 THR A N   1 
ATOM   1311 C  CA  . THR A 1 165 ? -17.662 -2.108  5.192   1.00 37.42  ?  204 THR A CA  1 
ATOM   1312 C  C   . THR A 1 165 ? -18.157 -0.815  5.843   1.00 36.89  ?  204 THR A C   1 
ATOM   1313 O  O   . THR A 1 165 ? -18.056 0.234   5.191   1.00 40.75  ?  204 THR A O   1 
ATOM   1314 C  CB  . THR A 1 165 ? -18.778 -3.092  4.837   1.00 39.05  ?  204 THR A CB  1 
ATOM   1315 O  OG1 . THR A 1 165 ? -18.130 -4.339  4.570   1.00 36.96  ?  204 THR A OG1 1 
ATOM   1316 C  CG2 . THR A 1 165 ? -19.619 -2.640  3.664   1.00 40.46  ?  204 THR A CG2 1 
ATOM   1317 N  N   . ALA A 1 166 ? -18.568 -0.865  7.107   1.00 37.47  ?  205 ALA A N   1 
ATOM   1318 C  CA  . ALA A 1 166 ? -19.150 0.304   7.811   1.00 41.03  ?  205 ALA A CA  1 
ATOM   1319 C  C   . ALA A 1 166 ? -18.096 1.406   7.948   1.00 41.58  ?  205 ALA A C   1 
ATOM   1320 O  O   . ALA A 1 166 ? -18.423 2.578   7.751   1.00 36.01  ?  205 ALA A O   1 
ATOM   1321 C  CB  . ALA A 1 166 ? -19.701 -0.110  9.148   1.00 44.55  ?  205 ALA A CB  1 
ATOM   1322 N  N   . LEU A 1 167 ? -16.852 1.061   8.290   1.00 43.85  ?  206 LEU A N   1 
ATOM   1323 C  CA  . LEU A 1 167 ? -15.801 2.091   8.459   1.00 43.97  ?  206 LEU A CA  1 
ATOM   1324 C  C   . LEU A 1 167 ? -15.518 2.730   7.106   1.00 38.28  ?  206 LEU A C   1 
ATOM   1325 O  O   . LEU A 1 167 ? -15.386 3.952   7.087   1.00 39.08  ?  206 LEU A O   1 
ATOM   1326 C  CB  . LEU A 1 167 ? -14.514 1.476   9.020   1.00 46.93  ?  206 LEU A CB  1 
ATOM   1327 C  CG  . LEU A 1 167 ? -14.246 1.642   10.511  1.00 54.88  ?  206 LEU A CG  1 
ATOM   1328 C  CD1 . LEU A 1 167 ? -12.757 1.476   10.784  1.00 51.99  ?  206 LEU A CD1 1 
ATOM   1329 C  CD2 . LEU A 1 167 ? -14.734 2.982   11.057  1.00 59.32  ?  206 LEU A CD2 1 
ATOM   1330 N  N   . LYS A 1 168 ? -15.397 1.917   6.050   1.00 36.46  ?  207 LYS A N   1 
ATOM   1331 C  CA  . LYS A 1 168 ? -15.114 2.379   4.669   1.00 37.92  ?  207 LYS A CA  1 
ATOM   1332 C  C   . LYS A 1 168 ? -16.160 3.440   4.299   1.00 44.97  ?  207 LYS A C   1 
ATOM   1333 O  O   . LYS A 1 168 ? -15.788 4.577   3.894   1.00 45.34  ?  207 LYS A O   1 
ATOM   1334 C  CB  . LYS A 1 168 ? -15.148 1.227   3.656   1.00 38.10  ?  207 LYS A CB  1 
ATOM   1335 C  CG  . LYS A 1 168 ? -14.133 0.113   3.877   1.00 42.78  ?  207 LYS A CG  1 
ATOM   1336 C  CD  . LYS A 1 168 ? -12.885 0.212   3.041   1.00 40.12  ?  207 LYS A CD  1 
ATOM   1337 C  CE  . LYS A 1 168 ? -11.858 -0.839  3.387   1.00 38.02  ?  207 LYS A CE  1 
ATOM   1338 N  NZ  . LYS A 1 168 ? -10.996 -1.149  2.232   1.00 44.19  ?  207 LYS A NZ  1 
ATOM   1339 N  N   . ILE A 1 169 ? -17.438 3.108   4.481   1.00 42.72  ?  208 ILE A N   1 
ATOM   1340 C  CA  . ILE A 1 169 ? -18.545 4.018   4.077   1.00 40.49  ?  208 ILE A CA  1 
ATOM   1341 C  C   . ILE A 1 169 ? -18.493 5.261   4.981   1.00 42.32  ?  208 ILE A C   1 
ATOM   1342 O  O   . ILE A 1 169 ? -18.646 6.404   4.484   1.00 41.11  ?  208 ILE A O   1 
ATOM   1343 C  CB  . ILE A 1 169 ? -19.882 3.251   4.142   1.00 39.08  ?  208 ILE A CB  1 
ATOM   1344 C  CG1 . ILE A 1 169 ? -19.919 2.142   3.088   1.00 38.46  ?  208 ILE A CG1 1 
ATOM   1345 C  CG2 . ILE A 1 169 ? -21.044 4.230   4.027   1.00 40.66  ?  208 ILE A CG2 1 
ATOM   1346 C  CD1 . ILE A 1 169 ? -20.977 1.105   3.337   1.00 42.89  ?  208 ILE A CD1 1 
ATOM   1347 N  N   . LYS A 1 170 ? -18.261 5.083   6.274   1.00 42.34  ?  209 LYS A N   1 
ATOM   1348 C  CA  . LYS A 1 170 ? -18.337 6.227   7.219   1.00 46.81  ?  209 LYS A CA  1 
ATOM   1349 C  C   . LYS A 1 170 ? -17.308 7.297   6.831   1.00 46.23  ?  209 LYS A C   1 
ATOM   1350 O  O   . LYS A 1 170 ? -17.632 8.489   6.952   1.00 46.98  ?  209 LYS A O   1 
ATOM   1351 C  CB  . LYS A 1 170 ? -18.160 5.750   8.664   1.00 49.26  ?  209 LYS A CB  1 
ATOM   1352 C  CG  . LYS A 1 170 ? -18.385 6.806   9.745   1.00 53.75  ?  209 LYS A CG  1 
ATOM   1353 C  CD  . LYS A 1 170 ? -18.459 6.201   11.155  1.00 55.87  ?  209 LYS A CD  1 
ATOM   1354 C  CE  . LYS A 1 170 ? -19.113 7.088   12.200  1.00 62.49  ?  209 LYS A CE  1 
ATOM   1355 N  NZ  . LYS A 1 170 ? -18.174 8.097   12.749  1.00 63.02  ?  209 LYS A NZ  1 
ATOM   1356 N  N   . TYR A 1 171 ? -16.121 6.900   6.374   1.00 45.24  ?  210 TYR A N   1 
ATOM   1357 C  CA  . TYR A 1 171 ? -14.973 7.821   6.186   1.00 46.27  ?  210 TYR A CA  1 
ATOM   1358 C  C   . TYR A 1 171 ? -14.705 8.087   4.698   1.00 46.78  ?  210 TYR A C   1 
ATOM   1359 O  O   . TYR A 1 171 ? -13.836 8.919   4.411   1.00 45.93  ?  210 TYR A O   1 
ATOM   1360 C  CB  . TYR A 1 171 ? -13.773 7.306   6.991   1.00 47.42  ?  210 TYR A CB  1 
ATOM   1361 C  CG  . TYR A 1 171 ? -13.984 7.465   8.479   1.00 49.36  ?  210 TYR A CG  1 
ATOM   1362 C  CD1 . TYR A 1 171 ? -13.900 8.712   9.083   1.00 59.96  ?  210 TYR A CD1 1 
ATOM   1363 C  CD2 . TYR A 1 171 ? -14.344 6.392   9.279   1.00 51.18  ?  210 TYR A CD2 1 
ATOM   1364 C  CE1 . TYR A 1 171 ? -14.140 8.879   10.441  1.00 59.63  ?  210 TYR A CE1 1 
ATOM   1365 C  CE2 . TYR A 1 171 ? -14.607 6.540   10.629  1.00 53.05  ?  210 TYR A CE2 1 
ATOM   1366 C  CZ  . TYR A 1 171 ? -14.492 7.787   11.217  1.00 62.12  ?  210 TYR A CZ  1 
ATOM   1367 O  OH  . TYR A 1 171 ? -14.747 7.935   12.548  1.00 64.02  ?  210 TYR A OH  1 
ATOM   1368 N  N   . ASN A 1 172 ? -15.428 7.461   3.766   1.00 46.19  ?  211 ASN A N   1 
ATOM   1369 C  CA  . ASN A 1 172 ? -15.221 7.742   2.324   1.00 52.34  ?  211 ASN A CA  1 
ATOM   1370 C  C   . ASN A 1 172 ? -16.044 8.988   1.979   1.00 68.73  ?  211 ASN A C   1 
ATOM   1371 O  O   . ASN A 1 172 ? -16.978 9.326   2.710   1.00 73.02  ?  211 ASN A O   1 
ATOM   1372 C  CB  . ASN A 1 172 ? -15.432 6.497   1.452   1.00 57.39  ?  211 ASN A CB  1 
ATOM   1373 C  CG  . ASN A 1 172 ? -16.878 6.064   1.243   1.00 59.73  ?  211 ASN A CG  1 
ATOM   1374 O  OD1 . ASN A 1 172 ? -17.118 4.989   0.683   1.00 51.42  ?  211 ASN A OD1 1 
ATOM   1375 N  ND2 . ASN A 1 172 ? -17.842 6.865   1.686   1.00 49.30  ?  211 ASN A ND2 1 
HETATM 1376 CD CD  . CD  B 2 .   ? 8.114   -4.488  6.811   0.50 33.73  ?  301 CD  A CD  1 
HETATM 1377 CD CD  . CD  C 2 .   ? 5.579   -5.498  9.229   1.00 35.93  ?  302 CD  A CD  1 
HETATM 1378 CD CD  . CD  D 2 .   ? 2.977   -6.265  -13.097 1.00 85.47  ?  303 CD  A CD  1 
HETATM 1379 CD CD  . CD  E 2 .   ? 3.858   -19.899 8.440   1.00 45.09  ?  304 CD  A CD  1 
HETATM 1380 CD CD  . CD  F 2 .   ? 6.741   -6.197  -12.521 1.00 76.19  ?  305 CD  A CD  1 
HETATM 1381 N  N1  . NZG G 3 .   ? 10.396  6.228   -13.451 0.62 48.89  ?  306 NZG A N1  1 
HETATM 1382 C  C4  . NZG G 3 .   ? 12.777  5.775   -13.175 0.62 52.23  ?  306 NZG A C4  1 
HETATM 1383 C  C5  . NZG G 3 .   ? 13.835  5.344   -12.389 0.62 54.59  ?  306 NZG A C5  1 
HETATM 1384 C  C6  . NZG G 3 .   ? 13.599  4.914   -11.092 0.62 50.53  ?  306 NZG A C6  1 
HETATM 1385 C  C7  . NZG G 3 .   ? 12.317  4.911   -10.576 0.62 49.16  ?  306 NZG A C7  1 
HETATM 1386 C  C8  . NZG G 3 .   ? 11.281  5.335   -11.368 0.62 51.92  ?  306 NZG A C8  1 
HETATM 1387 C  C1  . NZG G 3 .   ? 8.579   7.652   -14.186 0.62 43.57  ?  306 NZG A C1  1 
HETATM 1388 C  C2  . NZG G 3 .   ? 9.661   7.334   -13.193 0.62 46.61  ?  306 NZG A C2  1 
HETATM 1389 C  C3  . NZG G 3 .   ? 11.480  5.764   -12.670 0.62 51.70  ?  306 NZG A C3  1 
HETATM 1390 C  C9  . NZG G 3 .   ? 15.223  5.362   -12.944 0.62 59.22  ?  306 NZG A C9  1 
HETATM 1391 F  F1  . NZG G 3 .   ? 10.015  5.344   -10.873 0.62 50.47  ?  306 NZG A F1  1 
HETATM 1392 O  O1  . NZG G 3 .   ? 9.855   8.030   -12.199 0.62 47.08  ?  306 NZG A O1  1 
HETATM 1393 O  O2  . NZG G 3 .   ? 16.059  4.595   -12.444 0.62 60.94  ?  306 NZG A O2  1 
HETATM 1394 O  O3  . NZG G 3 .   ? 15.471  6.167   -13.866 0.62 62.63  -1 306 NZG A O3  1 
HETATM 1395 O  O   . HOH H 4 .   ? 0.303   15.563  -7.045  1.00 82.31  ?  401 HOH A O   1 
HETATM 1396 O  O   . HOH H 4 .   ? 18.473  12.689  -0.337  1.00 52.08  ?  402 HOH A O   1 
HETATM 1397 O  O   . HOH H 4 .   ? -5.910  -13.971 -6.167  1.00 69.36  ?  403 HOH A O   1 
HETATM 1398 O  O   . HOH H 4 .   ? 7.513   17.925  4.230   1.00 58.70  ?  404 HOH A O   1 
HETATM 1399 O  O   . HOH H 4 .   ? -0.792  -13.949 3.270   1.00 38.54  ?  405 HOH A O   1 
HETATM 1400 O  O   . HOH H 4 .   ? 0.854   -11.910 8.999   1.00 34.96  ?  406 HOH A O   1 
HETATM 1401 O  O   . HOH H 4 .   ? -8.645  -1.812  -3.387  1.00 41.39  ?  407 HOH A O   1 
HETATM 1402 O  O   . HOH H 4 .   ? 8.469   -5.065  -5.227  1.00 44.96  ?  408 HOH A O   1 
HETATM 1403 O  O   . HOH H 4 .   ? -17.409 -0.598  11.884  1.00 44.56  ?  409 HOH A O   1 
HETATM 1404 O  O   . HOH H 4 .   ? -11.935 -7.842  8.832   1.00 37.05  ?  410 HOH A O   1 
HETATM 1405 O  O   . HOH H 4 .   ? 6.071   20.820  -8.291  1.00 42.16  ?  411 HOH A O   1 
HETATM 1406 O  O   . HOH H 4 .   ? -1.517  7.461   -7.104  1.00 36.78  ?  412 HOH A O   1 
HETATM 1407 O  O   . HOH H 4 .   ? 5.414   15.221  2.080   1.00 48.52  ?  413 HOH A O   1 
HETATM 1408 O  O   . HOH H 4 .   ? -2.657  7.903   4.825   1.00 41.92  ?  414 HOH A O   1 
HETATM 1409 O  O   . HOH H 4 .   ? -5.814  3.818   -4.662  1.00 34.21  ?  415 HOH A O   1 
HETATM 1410 O  O   . HOH H 4 .   ? -1.542  6.142   -11.799 1.00 50.09  ?  416 HOH A O   1 
HETATM 1411 O  O   . HOH H 4 .   ? 7.512   14.918  -13.397 0.50 45.06  ?  417 HOH A O   1 
HETATM 1412 O  O   . HOH H 4 .   ? 13.536  1.722   6.627   1.00 54.87  ?  418 HOH A O   1 
HETATM 1413 O  O   . HOH H 4 .   ? 2.152   -7.363  -8.699  1.00 48.53  ?  419 HOH A O   1 
HETATM 1414 O  O   . HOH H 4 .   ? 8.398   20.401  -9.308  1.00 59.08  ?  420 HOH A O   1 
HETATM 1415 O  O   . HOH H 4 .   ? -4.852  -1.235  7.915   1.00 35.82  ?  421 HOH A O   1 
HETATM 1416 O  O   . HOH H 4 .   ? 17.421  1.429   1.442   1.00 47.79  ?  422 HOH A O   1 
HETATM 1417 O  O   . HOH H 4 .   ? 2.683   14.221  -4.488  1.00 50.49  ?  423 HOH A O   1 
HETATM 1418 O  O   . HOH H 4 .   ? -19.296 10.227  8.330   1.00 54.84  ?  424 HOH A O   1 
HETATM 1419 O  O   . HOH H 4 .   ? -13.596 -8.643  -11.026 1.00 56.17  ?  425 HOH A O   1 
HETATM 1420 O  O   . HOH H 4 .   ? -5.207  -5.040  8.984   1.00 41.39  ?  426 HOH A O   1 
HETATM 1421 O  O   . HOH H 4 .   ? -1.686  10.973  11.143  1.00 73.75  ?  427 HOH A O   1 
HETATM 1422 O  O   . HOH H 4 .   ? 7.859   0.830   9.579   1.00 71.04  ?  428 HOH A O   1 
HETATM 1423 O  O   . HOH H 4 .   ? -5.464  8.657   4.169   1.00 59.24  ?  429 HOH A O   1 
HETATM 1424 O  O   . HOH H 4 .   ? 3.696   16.108  -2.414  1.00 42.73  ?  430 HOH A O   1 
HETATM 1425 O  O   . HOH H 4 .   ? -2.442  1.045   -10.728 1.00 44.25  ?  431 HOH A O   1 
HETATM 1426 O  O   . HOH H 4 .   ? -10.682 -11.584 12.406  1.00 48.32  ?  432 HOH A O   1 
HETATM 1427 O  O   . HOH H 4 .   ? 5.428   13.040  -13.942 1.00 49.72  ?  433 HOH A O   1 
HETATM 1428 O  O   . HOH H 4 .   ? -17.799 -6.151  -0.787  1.00 43.22  ?  434 HOH A O   1 
HETATM 1429 O  O   . HOH H 4 .   ? -3.240  4.039   -1.672  1.00 37.36  ?  435 HOH A O   1 
HETATM 1430 O  O   . HOH H 4 .   ? -1.081  13.696  -8.427  1.00 63.54  ?  436 HOH A O   1 
HETATM 1431 O  O   . HOH H 4 .   ? 10.823  -4.588  3.531   1.00 33.58  ?  437 HOH A O   1 
HETATM 1432 O  O   . HOH H 4 .   ? 0.382   13.332  -4.025  1.00 44.47  ?  438 HOH A O   1 
HETATM 1433 O  O   . HOH H 4 .   ? 15.889  2.149   3.585   1.00 43.08  ?  439 HOH A O   1 
HETATM 1434 O  O   . HOH H 4 .   ? -19.603 -9.447  9.040   1.00 46.56  ?  440 HOH A O   1 
HETATM 1435 O  O   . HOH H 4 .   ? -11.573 1.994   -8.534  1.00 44.17  ?  441 HOH A O   1 
HETATM 1436 O  O   . HOH H 4 .   ? -8.533  8.720   -12.448 1.00 56.96  ?  442 HOH A O   1 
HETATM 1437 O  O   . HOH H 4 .   ? 2.234   -3.417  -12.713 1.00 59.43  ?  443 HOH A O   1 
HETATM 1438 O  O   . HOH H 4 .   ? -12.346 -13.079 -1.347  1.00 47.51  ?  444 HOH A O   1 
HETATM 1439 O  O   . HOH H 4 .   ? 0.977   -6.519  -11.672 1.00 43.69  ?  445 HOH A O   1 
HETATM 1440 O  O   . HOH H 4 .   ? 16.719  7.942   -1.034  1.00 56.88  ?  446 HOH A O   1 
HETATM 1441 O  O   . HOH H 4 .   ? -19.328 -9.180  12.595  1.00 70.18  ?  447 HOH A O   1 
HETATM 1442 O  O   . HOH H 4 .   ? 7.250   -3.933  -11.377 1.00 44.85  ?  448 HOH A O   1 
HETATM 1443 O  O   . HOH H 4 .   ? -2.251  -21.366 4.150   1.00 43.23  ?  449 HOH A O   1 
HETATM 1444 O  O   . HOH H 4 .   ? -1.623  10.490  -7.255  1.00 50.10  ?  450 HOH A O   1 
HETATM 1445 O  O   . HOH H 4 .   ? 11.621  7.517   8.781   1.00 52.25  ?  451 HOH A O   1 
HETATM 1446 O  O   . HOH H 4 .   ? -3.716  10.725  12.872  1.00 57.16  ?  452 HOH A O   1 
HETATM 1447 O  O   . HOH H 4 .   ? -7.987  8.341   2.750   1.00 41.22  ?  453 HOH A O   1 
HETATM 1448 O  O   . HOH H 4 .   ? 10.589  0.328   7.486   1.00 27.90  ?  454 HOH A O   1 
HETATM 1449 O  O   . HOH H 4 .   ? 8.154   -5.277  4.738   0.50 33.77  ?  455 HOH A O   1 
HETATM 1450 O  O   . HOH H 4 .   ? -1.366  12.728  -6.018  1.00 57.99  ?  456 HOH A O   1 
HETATM 1451 O  O   . HOH H 4 .   ? 5.072   -7.797  9.042   1.00 24.98  ?  457 HOH A O   1 
HETATM 1452 O  O   . HOH H 4 .   ? 3.826   -17.979 9.462   1.00 31.70  ?  458 HOH A O   1 
HETATM 1453 O  O   . HOH H 4 .   ? -19.515 -2.252  15.589  1.00 48.50  ?  459 HOH A O   1 
HETATM 1454 O  O   . HOH H 4 .   ? 3.630   -21.922 9.969   1.00 30.39  ?  460 HOH A O   1 
HETATM 1455 O  O   . HOH H 4 .   ? 5.402   -20.135 6.959   1.00 38.06  ?  461 HOH A O   1 
HETATM 1456 O  O   . HOH H 4 .   ? -18.166 -6.825  -3.210  1.00 74.78  ?  462 HOH A O   1 
HETATM 1457 O  O   . HOH H 4 .   ? 9.493   21.623  -7.266  1.00 59.25  ?  463 HOH A O   1 
HETATM 1458 O  O   . HOH H 4 .   ? -18.305 2.339   11.725  1.00 59.78  ?  464 HOH A O   1 
HETATM 1459 O  O   . HOH H 4 .   ? -21.889 6.387   7.193   1.00 47.56  ?  465 HOH A O   1 
HETATM 1460 O  O   . HOH H 4 .   ? -0.024  -1.198  13.832  1.00 69.00  ?  466 HOH A O   1 
HETATM 1461 O  O   . HOH H 4 .   ? 18.328  9.592   -1.022  1.00 50.50  ?  467 HOH A O   1 
HETATM 1462 O  O   . HOH H 4 .   ? 12.245  2.202   -11.694 1.00 97.17  ?  468 HOH A O   1 
HETATM 1463 O  O   . HOH H 4 .   ? -2.673  8.509   -12.666 1.00 48.13  ?  469 HOH A O   1 
HETATM 1464 O  O   . HOH H 4 .   ? -19.414 -1.526  0.413   1.00 60.97  ?  470 HOH A O   1 
HETATM 1465 O  O   . HOH H 4 .   ? 5.171   -5.379  -14.786 1.00 55.43  ?  471 HOH A O   1 
HETATM 1466 O  O   . HOH H 4 .   ? 6.084   -8.438  -14.164 1.00 63.22  ?  472 HOH A O   1 
# 
